data_3ZL5
#
_entry.id   3ZL5
#
_cell.length_a   114.440
_cell.length_b   94.985
_cell.length_c   114.417
_cell.angle_alpha   90.00
_cell.angle_beta   108.51
_cell.angle_gamma   90.00
#
_symmetry.space_group_name_H-M   'P 1 21 1'
#
loop_
_entity.id
_entity.type
_entity.pdbx_description
1 polymer 'PEROXIREDOXIN I'
2 non-polymer 'SULFATE ION'
3 non-polymer DI(HYDROXYETHYL)ETHER
4 water water
#
_entity_poly.entity_id   1
_entity_poly.type   'polypeptide(L)'
_entity_poly.pdbx_seq_one_letter_code
;MRGSHHHHHHGMASMTGGQQMGRDLYDDDDKDRWGSTMVLLPNRPAPEFKGQAVINGEFKEICLKDYRGKYVVLFFYPAD
FTFVSPTEIIAFSDQVEEFNSRNCQVIACSTDSQYSHLAWDNLDRKSGGLGHMKIPLLADRKQEISKAYGVFDEEDGNAF
RGLFIIDPNGILRQITINDKPVGRSVDETLRLLDAFQFVEKHGEVCPVNWKRGQHGIKVNQK
;
_entity_poly.pdbx_strand_id   A,B,C,D,E,F,G,H,I,J
#
loop_
_chem_comp.id
_chem_comp.type
_chem_comp.name
_chem_comp.formula
PEG non-polymer DI(HYDROXYETHYL)ETHER 'C4 H10 O3'
SO4 non-polymer 'SULFATE ION' 'O4 S -2'
#
# COMPACT_ATOMS: atom_id res chain seq x y z
N LEU A 40 -3.36 -30.68 0.35
CA LEU A 40 -4.57 -31.36 0.80
C LEU A 40 -4.22 -32.37 1.89
N LEU A 41 -5.07 -32.45 2.90
CA LEU A 41 -4.79 -33.27 4.08
C LEU A 41 -5.94 -34.18 4.43
N PRO A 42 -5.63 -35.35 5.02
CA PRO A 42 -6.67 -36.23 5.55
C PRO A 42 -7.30 -35.64 6.81
N ASN A 43 -8.47 -36.16 7.17
CA ASN A 43 -9.21 -35.71 8.34
C ASN A 43 -9.62 -34.24 8.26
N ARG A 44 -9.81 -33.76 7.03
CA ARG A 44 -10.35 -32.43 6.79
C ARG A 44 -11.51 -32.57 5.83
N PRO A 45 -12.45 -31.59 5.82
CA PRO A 45 -13.53 -31.68 4.85
C PRO A 45 -13.00 -31.68 3.42
N ALA A 46 -13.42 -32.65 2.63
CA ALA A 46 -12.96 -32.76 1.26
C ALA A 46 -13.42 -31.55 0.46
N PRO A 47 -12.57 -31.07 -0.47
CA PRO A 47 -12.96 -29.96 -1.34
C PRO A 47 -14.24 -30.26 -2.09
N GLU A 48 -15.19 -29.32 -2.07
CA GLU A 48 -16.46 -29.52 -2.76
C GLU A 48 -16.29 -29.48 -4.28
N PHE A 49 -17.05 -30.32 -4.98
CA PHE A 49 -17.08 -30.27 -6.43
C PHE A 49 -18.49 -30.43 -6.97
N LYS A 50 -18.79 -29.69 -8.04
CA LYS A 50 -20.06 -29.84 -8.75
C LYS A 50 -19.76 -29.82 -10.24
N GLY A 51 -20.21 -30.84 -10.95
CA GLY A 51 -19.87 -30.94 -12.36
C GLY A 51 -20.81 -31.77 -13.20
N GLN A 52 -20.71 -31.57 -14.51
CA GLN A 52 -21.49 -32.35 -15.47
C GLN A 52 -20.82 -33.69 -15.67
N ALA A 53 -21.63 -34.76 -15.66
CA ALA A 53 -21.11 -36.11 -15.73
C ALA A 53 -21.86 -36.99 -16.70
N VAL A 54 -21.19 -38.01 -17.21
CA VAL A 54 -21.83 -39.00 -18.05
C VAL A 54 -22.17 -40.23 -17.21
N ILE A 55 -23.46 -40.49 -17.09
CA ILE A 55 -23.95 -41.60 -16.28
C ILE A 55 -24.95 -42.43 -17.07
N ASN A 56 -24.61 -43.69 -17.30
CA ASN A 56 -25.45 -44.60 -18.08
C ASN A 56 -25.80 -44.05 -19.46
N GLY A 57 -24.81 -43.47 -20.13
CA GLY A 57 -24.98 -43.02 -21.49
C GLY A 57 -25.62 -41.65 -21.64
N GLU A 58 -25.64 -40.88 -20.56
CA GLU A 58 -26.27 -39.56 -20.60
C GLU A 58 -25.75 -38.59 -19.53
N PHE A 59 -26.08 -37.32 -19.73
CA PHE A 59 -25.62 -36.24 -18.85
C PHE A 59 -26.44 -36.08 -17.58
N LYS A 60 -25.76 -35.96 -16.46
CA LYS A 60 -26.36 -35.61 -15.18
C LYS A 60 -25.39 -34.71 -14.43
N GLU A 61 -25.88 -33.64 -13.83
CA GLU A 61 -25.03 -32.83 -12.96
C GLU A 61 -24.95 -33.49 -11.58
N ILE A 62 -23.73 -33.71 -11.11
CA ILE A 62 -23.51 -34.35 -9.81
C ILE A 62 -22.63 -33.49 -8.92
N CYS A 63 -22.75 -33.72 -7.61
CA CYS A 63 -21.89 -33.07 -6.64
C CYS A 63 -21.61 -34.01 -5.47
N LEU A 64 -20.54 -33.71 -4.72
CA LEU A 64 -20.11 -34.54 -3.60
C LEU A 64 -21.22 -34.72 -2.56
N LYS A 65 -21.97 -33.66 -2.30
CA LYS A 65 -23.03 -33.67 -1.30
C LYS A 65 -24.09 -34.75 -1.56
N ASP A 66 -24.23 -35.11 -2.84
CA ASP A 66 -25.19 -36.14 -3.22
C ASP A 66 -24.81 -37.52 -2.66
N TYR A 67 -23.51 -37.74 -2.46
CA TYR A 67 -23.03 -39.06 -2.06
C TYR A 67 -22.88 -39.23 -0.55
N ARG A 68 -23.35 -38.24 0.21
CA ARG A 68 -23.37 -38.31 1.67
C ARG A 68 -24.03 -39.62 2.15
N GLY A 69 -23.37 -40.31 3.05
CA GLY A 69 -23.87 -41.57 3.56
C GLY A 69 -23.09 -42.76 3.03
N LYS A 70 -22.21 -42.48 2.08
CA LYS A 70 -21.34 -43.52 1.51
C LYS A 70 -19.96 -42.97 1.15
N TYR A 71 -18.98 -43.86 1.06
CA TYR A 71 -17.62 -43.46 0.68
C TYR A 71 -17.55 -43.07 -0.80
N VAL A 72 -16.60 -42.22 -1.14
CA VAL A 72 -16.37 -41.85 -2.52
C VAL A 72 -14.91 -42.02 -2.88
N VAL A 73 -14.66 -42.79 -3.94
CA VAL A 73 -13.33 -42.82 -4.54
C VAL A 73 -13.36 -41.95 -5.79
N LEU A 74 -12.67 -40.82 -5.72
CA LEU A 74 -12.61 -39.91 -6.86
C LEU A 74 -11.23 -39.99 -7.49
N PHE A 75 -11.14 -40.51 -8.71
CA PHE A 75 -9.85 -40.56 -9.38
C PHE A 75 -9.75 -39.76 -10.68
N PHE A 76 -8.55 -39.24 -10.93
CA PHE A 76 -8.26 -38.37 -12.06
C PHE A 76 -7.34 -39.04 -13.08
N TYR A 77 -7.50 -38.66 -14.34
CA TYR A 77 -6.63 -39.11 -15.41
C TYR A 77 -6.40 -37.97 -16.40
N PRO A 78 -5.22 -37.93 -17.04
CA PRO A 78 -4.85 -36.78 -17.87
C PRO A 78 -5.79 -36.48 -19.05
N ALA A 79 -6.13 -37.46 -19.87
CA ALA A 79 -6.97 -37.18 -21.04
C ALA A 79 -7.70 -38.39 -21.65
N ASP A 80 -8.75 -38.09 -22.41
CA ASP A 80 -9.49 -39.11 -23.16
C ASP A 80 -8.73 -39.56 -24.40
N PHE A 81 -9.11 -40.74 -24.91
CA PHE A 81 -8.52 -41.29 -26.14
C PHE A 81 -7.01 -41.48 -26.01
N THR A 82 -6.61 -42.04 -24.88
CA THR A 82 -5.22 -42.31 -24.54
C THR A 82 -5.02 -43.80 -24.30
N PHE A 83 -3.84 -44.20 -23.83
CA PHE A 83 -3.55 -45.63 -23.67
C PHE A 83 -3.86 -46.23 -22.29
N VAL A 84 -3.16 -45.79 -21.25
CA VAL A 84 -3.31 -46.42 -19.93
C VAL A 84 -4.56 -45.99 -19.17
N SER A 85 -4.96 -44.73 -19.34
CA SER A 85 -6.17 -44.20 -18.71
C SER A 85 -7.43 -45.07 -18.93
N PRO A 86 -7.72 -45.45 -20.20
CA PRO A 86 -8.89 -46.32 -20.38
C PRO A 86 -8.73 -47.67 -19.70
N THR A 87 -7.51 -48.18 -19.59
CA THR A 87 -7.29 -49.44 -18.89
C THR A 87 -7.65 -49.28 -17.42
N GLU A 88 -7.24 -48.16 -16.83
CA GLU A 88 -7.60 -47.85 -15.45
C GLU A 88 -9.12 -47.76 -15.27
N ILE A 89 -9.74 -46.88 -16.05
CA ILE A 89 -11.17 -46.63 -15.96
C ILE A 89 -11.99 -47.90 -16.14
N ILE A 90 -11.66 -48.68 -17.17
CA ILE A 90 -12.32 -49.96 -17.43
C ILE A 90 -12.08 -50.96 -16.29
N ALA A 91 -10.88 -50.93 -15.72
CA ALA A 91 -10.57 -51.80 -14.58
C ALA A 91 -11.48 -51.50 -13.41
N PHE A 92 -11.60 -50.22 -13.07
CA PHE A 92 -12.47 -49.83 -11.97
C PHE A 92 -13.93 -50.14 -12.27
N SER A 93 -14.37 -49.84 -13.49
CA SER A 93 -15.77 -50.05 -13.85
C SER A 93 -16.15 -51.53 -13.88
N ASP A 94 -15.19 -52.39 -14.20
CA ASP A 94 -15.42 -53.82 -14.23
C ASP A 94 -15.41 -54.41 -12.82
N GLN A 95 -14.74 -53.72 -11.90
CA GLN A 95 -14.67 -54.15 -10.52
C GLN A 95 -15.73 -53.47 -9.66
N VAL A 96 -16.62 -52.71 -10.31
CA VAL A 96 -17.58 -51.84 -9.63
C VAL A 96 -18.42 -52.52 -8.54
N GLU A 97 -18.64 -53.83 -8.66
CA GLU A 97 -19.41 -54.54 -7.64
C GLU A 97 -18.64 -54.63 -6.33
N GLU A 98 -17.33 -54.67 -6.41
CA GLU A 98 -16.48 -54.66 -5.23
C GLU A 98 -16.65 -53.36 -4.45
N PHE A 99 -16.84 -52.27 -5.18
CA PHE A 99 -17.09 -50.98 -4.54
C PHE A 99 -18.55 -50.82 -4.10
N ASN A 100 -19.46 -51.51 -4.80
CA ASN A 100 -20.86 -51.46 -4.44
C ASN A 100 -21.15 -52.20 -3.14
N SER A 101 -20.41 -53.29 -2.92
CA SER A 101 -20.59 -54.11 -1.74
C SER A 101 -20.02 -53.41 -0.50
N ARG A 102 -19.14 -52.45 -0.72
CA ARG A 102 -18.54 -51.70 0.38
C ARG A 102 -19.26 -50.38 0.63
N ASN A 103 -20.36 -50.17 -0.10
CA ASN A 103 -21.10 -48.92 -0.08
C ASN A 103 -20.22 -47.76 -0.54
N CYS A 104 -19.53 -47.96 -1.66
CA CYS A 104 -18.62 -46.95 -2.16
C CYS A 104 -18.98 -46.57 -3.59
N GLN A 105 -18.83 -45.29 -3.89
CA GLN A 105 -19.10 -44.78 -5.23
C GLN A 105 -17.81 -44.28 -5.86
N VAL A 106 -17.48 -44.85 -7.02
CA VAL A 106 -16.28 -44.45 -7.74
C VAL A 106 -16.64 -43.50 -8.87
N ILE A 107 -15.87 -42.43 -8.98
CA ILE A 107 -16.08 -41.43 -10.02
C ILE A 107 -14.75 -41.13 -10.71
N ALA A 108 -14.78 -41.05 -12.03
CA ALA A 108 -13.59 -40.70 -12.79
C ALA A 108 -13.68 -39.27 -13.33
N CYS A 109 -12.53 -38.60 -13.42
CA CYS A 109 -12.52 -37.19 -13.79
C CYS A 109 -11.36 -36.82 -14.73
N SER A 110 -11.66 -35.93 -15.68
CA SER A 110 -10.67 -35.41 -16.62
C SER A 110 -11.00 -33.94 -16.87
N THR A 111 -10.08 -33.20 -17.48
CA THR A 111 -10.38 -31.83 -17.85
C THR A 111 -11.14 -31.74 -19.17
N ASP A 112 -11.40 -32.91 -19.76
CA ASP A 112 -12.14 -33.01 -21.01
C ASP A 112 -13.61 -32.66 -20.83
N SER A 113 -14.25 -32.30 -21.94
CA SER A 113 -15.67 -32.01 -21.94
C SER A 113 -16.50 -33.29 -21.88
N GLN A 114 -17.76 -33.14 -21.46
CA GLN A 114 -18.69 -34.25 -21.41
C GLN A 114 -18.93 -34.87 -22.78
N TYR A 115 -18.57 -34.13 -23.83
CA TYR A 115 -18.73 -34.61 -25.20
C TYR A 115 -17.62 -35.58 -25.58
N SER A 116 -16.40 -35.25 -25.17
CA SER A 116 -15.29 -36.18 -25.27
C SER A 116 -15.64 -37.44 -24.47
N HIS A 117 -16.06 -37.22 -23.23
CA HIS A 117 -16.47 -38.31 -22.33
C HIS A 117 -17.52 -39.22 -22.95
N LEU A 118 -18.58 -38.63 -23.48
CA LEU A 118 -19.68 -39.41 -24.04
C LEU A 118 -19.26 -40.14 -25.29
N ALA A 119 -18.45 -39.47 -26.12
CA ALA A 119 -17.95 -40.11 -27.34
C ALA A 119 -17.05 -41.29 -27.02
N TRP A 120 -16.31 -41.18 -25.92
CA TRP A 120 -15.42 -42.25 -25.51
C TRP A 120 -16.23 -43.37 -24.88
N ASP A 121 -17.33 -43.02 -24.24
CA ASP A 121 -18.21 -43.99 -23.64
C ASP A 121 -18.96 -44.77 -24.72
N ASN A 122 -19.27 -44.12 -25.82
CA ASN A 122 -20.00 -44.79 -26.89
C ASN A 122 -19.11 -45.68 -27.74
N LEU A 123 -17.83 -45.37 -27.78
CA LEU A 123 -16.86 -46.17 -28.51
C LEU A 123 -16.63 -47.48 -27.75
N ASP A 124 -16.65 -48.61 -28.47
CA ASP A 124 -16.47 -49.91 -27.84
C ASP A 124 -15.02 -50.27 -27.51
N ARG A 125 -14.86 -51.21 -26.57
CA ARG A 125 -13.56 -51.57 -26.03
C ARG A 125 -12.48 -51.90 -27.05
N LYS A 126 -12.84 -52.67 -28.07
CA LYS A 126 -11.88 -53.15 -29.06
C LYS A 126 -11.44 -52.04 -30.01
N SER A 127 -12.25 -50.98 -30.11
CA SER A 127 -11.92 -49.85 -30.99
C SER A 127 -11.20 -48.73 -30.27
N GLY A 128 -10.85 -48.93 -28.99
CA GLY A 128 -10.21 -47.90 -28.22
C GLY A 128 -11.22 -47.01 -27.50
N GLY A 129 -12.38 -47.59 -27.21
CA GLY A 129 -13.37 -46.91 -26.42
C GLY A 129 -13.42 -47.46 -25.01
N LEU A 130 -14.44 -47.07 -24.25
CA LEU A 130 -14.58 -47.53 -22.88
C LEU A 130 -15.55 -48.69 -22.75
N GLY A 131 -16.19 -49.06 -23.87
CA GLY A 131 -17.37 -49.91 -23.80
C GLY A 131 -18.39 -49.02 -23.12
N HIS A 132 -19.37 -49.60 -22.44
CA HIS A 132 -20.31 -48.73 -21.71
C HIS A 132 -20.10 -48.75 -20.20
N MET A 133 -19.63 -47.61 -19.70
CA MET A 133 -19.09 -47.52 -18.34
C MET A 133 -20.15 -47.59 -17.26
N LYS A 134 -19.84 -48.35 -16.21
CA LYS A 134 -20.75 -48.52 -15.09
C LYS A 134 -20.42 -47.58 -13.93
N ILE A 135 -19.43 -46.72 -14.12
CA ILE A 135 -19.15 -45.64 -13.19
C ILE A 135 -19.27 -44.29 -13.92
N PRO A 136 -19.61 -43.22 -13.18
CA PRO A 136 -19.82 -41.90 -13.80
C PRO A 136 -18.53 -41.28 -14.33
N LEU A 137 -18.64 -40.56 -15.45
CA LEU A 137 -17.48 -39.83 -15.98
C LEU A 137 -17.67 -38.33 -15.74
N LEU A 138 -16.91 -37.78 -14.79
CA LEU A 138 -17.04 -36.37 -14.45
C LEU A 138 -16.17 -35.51 -15.37
N ALA A 139 -16.75 -34.45 -15.92
CA ALA A 139 -16.03 -33.58 -16.82
C ALA A 139 -15.65 -32.29 -16.11
N ASP A 140 -14.35 -32.05 -15.93
CA ASP A 140 -13.92 -30.81 -15.32
C ASP A 140 -13.38 -29.92 -16.44
N ARG A 141 -14.24 -29.08 -17.00
CA ARG A 141 -13.86 -28.33 -18.19
C ARG A 141 -13.37 -26.92 -17.85
N LYS A 142 -13.65 -26.50 -16.63
CA LYS A 142 -13.20 -25.20 -16.15
C LYS A 142 -11.95 -25.35 -15.30
N GLN A 143 -11.47 -26.59 -15.20
CA GLN A 143 -10.27 -26.92 -14.43
C GLN A 143 -10.46 -26.79 -12.92
N GLU A 144 -11.65 -26.37 -12.52
CA GLU A 144 -11.98 -26.10 -11.13
C GLU A 144 -11.74 -27.27 -10.18
N ILE A 145 -12.20 -28.45 -10.56
CA ILE A 145 -12.13 -29.63 -9.70
C ILE A 145 -10.69 -30.13 -9.54
N SER A 146 -9.93 -30.13 -10.62
CA SER A 146 -8.55 -30.58 -10.61
C SER A 146 -7.71 -29.64 -9.73
N LYS A 147 -8.00 -28.35 -9.83
CA LYS A 147 -7.29 -27.34 -9.05
C LYS A 147 -7.67 -27.38 -7.57
N ALA A 148 -8.94 -27.64 -7.30
CA ALA A 148 -9.42 -27.73 -5.91
C ALA A 148 -8.78 -28.92 -5.19
N TYR A 149 -8.48 -29.97 -5.94
CA TYR A 149 -7.85 -31.17 -5.40
C TYR A 149 -6.32 -31.15 -5.58
N GLY A 150 -5.83 -30.11 -6.23
CA GLY A 150 -4.40 -29.90 -6.39
C GLY A 150 -3.70 -30.90 -7.28
N VAL A 151 -4.45 -31.57 -8.15
CA VAL A 151 -3.88 -32.51 -9.10
C VAL A 151 -3.65 -31.90 -10.48
N PHE A 152 -4.04 -30.65 -10.65
CA PHE A 152 -3.94 -29.99 -11.95
C PHE A 152 -2.50 -29.66 -12.32
N ASP A 153 -2.11 -30.03 -13.54
CA ASP A 153 -0.79 -29.76 -14.04
C ASP A 153 -0.83 -28.57 -14.99
N GLU A 154 -0.21 -27.48 -14.57
CA GLU A 154 -0.16 -26.25 -15.36
C GLU A 154 0.61 -26.46 -16.66
N GLU A 155 1.44 -27.49 -16.71
CA GLU A 155 2.25 -27.76 -17.90
C GLU A 155 1.43 -28.08 -19.14
N ASP A 156 0.65 -29.17 -19.07
CA ASP A 156 -0.16 -29.60 -20.21
C ASP A 156 -1.64 -29.25 -20.14
N GLY A 157 -2.08 -28.69 -19.01
CA GLY A 157 -3.50 -28.46 -18.79
C GLY A 157 -4.28 -29.73 -18.46
N ASN A 158 -3.57 -30.77 -18.02
CA ASN A 158 -4.16 -32.06 -17.70
C ASN A 158 -3.95 -32.41 -16.22
N ALA A 159 -4.74 -33.33 -15.71
CA ALA A 159 -4.54 -33.77 -14.33
C ALA A 159 -3.52 -34.90 -14.22
N PHE A 160 -2.74 -34.86 -13.14
CA PHE A 160 -1.89 -35.97 -12.73
C PHE A 160 -2.82 -37.07 -12.29
N ARG A 161 -2.34 -38.30 -12.14
CA ARG A 161 -3.33 -39.31 -11.82
C ARG A 161 -3.51 -39.31 -10.31
N GLY A 162 -4.59 -38.67 -9.88
CA GLY A 162 -4.93 -38.59 -8.47
C GLY A 162 -5.94 -39.65 -8.11
N LEU A 163 -5.96 -40.05 -6.85
CA LEU A 163 -7.01 -40.92 -6.36
C LEU A 163 -7.31 -40.51 -4.92
N PHE A 164 -8.58 -40.31 -4.62
CA PHE A 164 -8.95 -39.75 -3.34
C PHE A 164 -10.06 -40.54 -2.66
N ILE A 165 -9.82 -40.94 -1.42
CA ILE A 165 -10.84 -41.64 -0.66
C ILE A 165 -11.50 -40.72 0.35
N ILE A 166 -12.80 -40.50 0.19
CA ILE A 166 -13.58 -39.57 0.98
C ILE A 166 -14.63 -40.34 1.77
N ASP A 167 -14.78 -40.00 3.04
CA ASP A 167 -15.65 -40.74 3.95
C ASP A 167 -17.12 -40.34 3.82
N PRO A 168 -18.05 -41.16 4.38
CA PRO A 168 -19.48 -40.89 4.29
C PRO A 168 -19.94 -39.52 4.79
N ASN A 169 -19.11 -38.84 5.58
CA ASN A 169 -19.45 -37.49 6.03
C ASN A 169 -18.87 -36.38 5.16
N GLY A 170 -18.13 -36.77 4.12
CA GLY A 170 -17.56 -35.82 3.19
C GLY A 170 -16.16 -35.39 3.59
N ILE A 171 -15.56 -36.17 4.48
CA ILE A 171 -14.20 -35.92 4.94
C ILE A 171 -13.23 -36.76 4.15
N LEU A 172 -12.10 -36.18 3.78
CA LEU A 172 -11.15 -36.85 2.91
C LEU A 172 -10.24 -37.75 3.73
N ARG A 173 -10.37 -39.05 3.52
CA ARG A 173 -9.54 -40.04 4.21
C ARG A 173 -8.17 -40.31 3.58
N GLN A 174 -8.10 -40.35 2.25
CA GLN A 174 -6.85 -40.74 1.60
C GLN A 174 -6.48 -39.97 0.33
N ILE A 175 -5.20 -39.66 0.20
CA ILE A 175 -4.67 -38.95 -0.95
C ILE A 175 -3.59 -39.76 -1.63
N THR A 176 -3.80 -40.07 -2.90
CA THR A 176 -2.80 -40.73 -3.71
C THR A 176 -2.55 -39.88 -4.96
N ILE A 177 -1.28 -39.60 -5.24
CA ILE A 177 -0.97 -38.93 -6.50
C ILE A 177 0.16 -39.62 -7.26
N ASN A 178 -0.18 -40.06 -8.47
CA ASN A 178 0.75 -40.74 -9.35
C ASN A 178 1.19 -39.86 -10.50
N ASP A 179 2.50 -39.89 -10.75
CA ASP A 179 3.08 -39.32 -11.96
C ASP A 179 2.37 -39.96 -13.14
N LYS A 180 2.08 -39.15 -14.15
CA LYS A 180 1.25 -39.56 -15.28
C LYS A 180 1.58 -40.89 -15.98
N PRO A 181 2.87 -41.23 -16.12
CA PRO A 181 3.14 -42.53 -16.76
C PRO A 181 2.67 -43.76 -15.98
N VAL A 182 2.43 -43.64 -14.68
CA VAL A 182 2.14 -44.82 -13.86
C VAL A 182 0.71 -44.89 -13.31
N GLY A 183 0.07 -46.04 -13.54
CA GLY A 183 -1.32 -46.24 -13.16
C GLY A 183 -1.53 -46.68 -11.72
N ARG A 184 -2.79 -46.96 -11.37
CA ARG A 184 -3.17 -47.27 -10.00
C ARG A 184 -3.80 -48.65 -9.87
N SER A 185 -3.79 -49.19 -8.65
CA SER A 185 -4.30 -50.52 -8.39
C SER A 185 -5.71 -50.49 -7.79
N VAL A 186 -6.58 -51.36 -8.28
CA VAL A 186 -7.92 -51.51 -7.72
C VAL A 186 -7.81 -52.28 -6.40
N ASP A 187 -6.89 -53.22 -6.36
CA ASP A 187 -6.64 -54.01 -5.16
C ASP A 187 -6.24 -53.15 -3.98
N GLU A 188 -5.24 -52.30 -4.20
CA GLU A 188 -4.74 -51.42 -3.16
C GLU A 188 -5.81 -50.45 -2.66
N THR A 189 -6.57 -49.90 -3.60
CA THR A 189 -7.70 -49.06 -3.27
C THR A 189 -8.67 -49.80 -2.35
N LEU A 190 -9.03 -51.01 -2.74
CA LEU A 190 -9.93 -51.83 -1.93
C LEU A 190 -9.36 -52.11 -0.55
N ARG A 191 -8.05 -52.34 -0.47
CA ARG A 191 -7.37 -52.57 0.80
C ARG A 191 -7.56 -51.38 1.72
N LEU A 192 -7.21 -50.21 1.21
CA LEU A 192 -7.35 -48.96 1.95
C LEU A 192 -8.78 -48.73 2.40
N LEU A 193 -9.73 -48.93 1.49
CA LEU A 193 -11.15 -48.77 1.77
C LEU A 193 -11.55 -49.68 2.94
N ASP A 194 -11.14 -50.93 2.88
CA ASP A 194 -11.42 -51.89 3.95
C ASP A 194 -10.80 -51.47 5.28
N ALA A 195 -9.60 -50.91 5.23
CA ALA A 195 -8.95 -50.42 6.44
C ALA A 195 -9.73 -49.27 7.07
N PHE A 196 -10.09 -48.28 6.26
CA PHE A 196 -10.86 -47.14 6.73
C PHE A 196 -12.23 -47.54 7.28
N GLN A 197 -12.86 -48.53 6.65
CA GLN A 197 -14.18 -49.00 7.09
C GLN A 197 -14.06 -49.86 8.35
N PHE A 198 -12.91 -50.50 8.51
CA PHE A 198 -12.64 -51.29 9.71
C PHE A 198 -12.40 -50.38 10.90
N VAL A 199 -11.66 -49.30 10.66
CA VAL A 199 -11.33 -48.34 11.71
C VAL A 199 -12.54 -47.48 12.07
N GLU A 200 -13.52 -47.43 11.17
CA GLU A 200 -14.70 -46.61 11.37
C GLU A 200 -15.68 -47.32 12.29
N LYS A 201 -15.31 -48.52 12.73
CA LYS A 201 -16.08 -49.28 13.71
C LYS A 201 -17.52 -49.53 13.28
N MET B 38 -1.10 -26.17 -2.05
CA MET B 38 -2.03 -27.28 -2.16
C MET B 38 -1.36 -28.61 -1.83
N VAL B 39 -1.14 -29.43 -2.85
CA VAL B 39 -0.39 -30.65 -2.69
C VAL B 39 0.92 -30.53 -3.44
N LEU B 40 1.92 -31.26 -2.99
CA LEU B 40 3.14 -31.41 -3.74
C LEU B 40 2.74 -32.06 -5.07
N LEU B 41 3.49 -31.80 -6.13
CA LEU B 41 3.17 -32.39 -7.41
C LEU B 41 4.29 -33.30 -7.87
N PRO B 42 3.93 -34.39 -8.59
CA PRO B 42 4.92 -35.23 -9.24
C PRO B 42 5.57 -34.48 -10.39
N ASN B 43 6.70 -34.99 -10.86
CA ASN B 43 7.45 -34.38 -11.96
C ASN B 43 7.96 -32.99 -11.59
N ARG B 44 8.15 -32.77 -10.28
CA ARG B 44 8.75 -31.55 -9.76
C ARG B 44 9.82 -31.98 -8.77
N PRO B 45 10.90 -31.20 -8.65
CA PRO B 45 11.94 -31.51 -7.67
C PRO B 45 11.37 -31.65 -6.25
N ALA B 46 11.72 -32.73 -5.58
CA ALA B 46 11.27 -32.97 -4.22
C ALA B 46 11.86 -31.93 -3.29
N PRO B 47 11.10 -31.53 -2.26
CA PRO B 47 11.59 -30.57 -1.27
C PRO B 47 12.86 -31.06 -0.62
N GLU B 48 13.87 -30.21 -0.52
CA GLU B 48 15.09 -30.58 0.16
C GLU B 48 14.82 -30.84 1.63
N PHE B 49 15.40 -31.90 2.16
CA PHE B 49 15.34 -32.13 3.60
C PHE B 49 16.74 -32.40 4.13
N LYS B 50 16.95 -32.01 5.39
CA LYS B 50 18.23 -32.21 6.06
C LYS B 50 17.92 -32.42 7.53
N GLY B 51 18.68 -33.26 8.21
CA GLY B 51 18.40 -33.50 9.62
C GLY B 51 19.18 -34.61 10.30
N GLN B 52 18.94 -34.73 11.61
CA GLN B 52 19.54 -35.76 12.43
C GLN B 52 18.79 -37.06 12.26
N ALA B 53 19.53 -38.13 12.00
CA ALA B 53 18.92 -39.45 11.89
C ALA B 53 19.63 -40.45 12.77
N VAL B 54 18.91 -41.46 13.23
CA VAL B 54 19.53 -42.55 13.94
C VAL B 54 19.83 -43.65 12.93
N ILE B 55 21.11 -43.88 12.68
CA ILE B 55 21.52 -44.88 11.70
C ILE B 55 22.44 -45.90 12.35
N ASN B 56 21.96 -47.14 12.39
CA ASN B 56 22.69 -48.23 13.04
C ASN B 56 23.08 -47.89 14.47
N GLY B 57 22.11 -47.39 15.23
CA GLY B 57 22.32 -47.03 16.62
C GLY B 57 23.11 -45.75 16.81
N GLU B 58 23.39 -45.04 15.73
CA GLU B 58 24.22 -43.84 15.81
C GLU B 58 23.60 -42.61 15.15
N PHE B 59 23.96 -41.43 15.66
CA PHE B 59 23.46 -40.17 15.14
C PHE B 59 24.26 -39.70 13.94
N LYS B 60 23.58 -39.41 12.84
CA LYS B 60 24.24 -38.92 11.64
C LYS B 60 23.43 -37.81 10.96
N GLU B 61 24.15 -36.80 10.47
CA GLU B 61 23.54 -35.72 9.71
C GLU B 61 23.33 -36.20 8.29
N ILE B 62 22.08 -36.22 7.84
CA ILE B 62 21.79 -36.67 6.48
C ILE B 62 20.89 -35.68 5.74
N CYS B 63 20.96 -35.71 4.43
CA CYS B 63 20.06 -34.90 3.60
C CYS B 63 19.74 -35.61 2.30
N LEU B 64 18.90 -34.98 1.48
CA LEU B 64 18.43 -35.58 0.24
C LEU B 64 19.54 -35.68 -0.79
N LYS B 65 20.40 -34.68 -0.83
CA LYS B 65 21.49 -34.62 -1.79
C LYS B 65 22.48 -35.78 -1.65
N ASP B 66 22.57 -36.33 -0.45
CA ASP B 66 23.43 -37.48 -0.19
C ASP B 66 22.95 -38.70 -0.97
N TYR B 67 21.66 -38.71 -1.30
CA TYR B 67 21.05 -39.85 -1.97
C TYR B 67 20.99 -39.76 -3.50
N ARG B 68 21.61 -38.73 -4.05
CA ARG B 68 21.66 -38.52 -5.49
CA ARG B 68 21.63 -38.53 -5.49
C ARG B 68 22.13 -39.78 -6.20
N GLY B 69 21.36 -40.22 -7.20
CA GLY B 69 21.68 -41.43 -7.94
C GLY B 69 20.90 -42.64 -7.48
N LYS B 70 20.08 -42.46 -6.44
CA LYS B 70 19.28 -43.53 -5.88
C LYS B 70 17.81 -43.13 -5.81
N TYR B 71 16.91 -44.10 -5.89
CA TYR B 71 15.52 -43.85 -5.59
C TYR B 71 15.38 -43.77 -4.07
N VAL B 72 14.41 -43.00 -3.59
CA VAL B 72 14.22 -42.81 -2.16
C VAL B 72 12.75 -42.92 -1.78
N VAL B 73 12.45 -43.79 -0.82
CA VAL B 73 11.13 -43.79 -0.23
C VAL B 73 11.20 -43.09 1.12
N LEU B 74 10.59 -41.91 1.19
CA LEU B 74 10.54 -41.16 2.43
C LEU B 74 9.13 -41.22 2.98
N PHE B 75 8.96 -41.93 4.10
CA PHE B 75 7.65 -41.99 4.73
C PHE B 75 7.64 -41.44 6.15
N PHE B 76 6.50 -40.87 6.53
CA PHE B 76 6.32 -40.21 7.81
C PHE B 76 5.39 -41.02 8.70
N TYR B 77 5.58 -40.90 10.01
CA TYR B 77 4.65 -41.47 10.99
C TYR B 77 4.46 -40.48 12.15
N PRO B 78 3.27 -40.47 12.75
CA PRO B 78 2.94 -39.45 13.75
C PRO B 78 3.82 -39.39 14.99
N ALA B 79 4.12 -40.50 15.65
CA ALA B 79 4.87 -40.42 16.90
C ALA B 79 5.64 -41.66 17.33
N ASP B 80 6.65 -41.43 18.18
CA ASP B 80 7.36 -42.49 18.88
C ASP B 80 6.57 -42.94 20.10
N PHE B 81 6.78 -44.20 20.47
CA PHE B 81 6.20 -44.83 21.65
C PHE B 81 4.67 -44.81 21.67
N THR B 82 4.04 -44.62 20.52
CA THR B 82 2.63 -44.94 20.37
C THR B 82 2.31 -45.53 19.00
N PHE B 83 1.70 -46.71 19.02
CA PHE B 83 1.09 -47.31 17.83
C PHE B 83 -0.33 -47.90 17.99
N VAL B 84 -0.51 -48.91 18.84
CA VAL B 84 0.47 -49.31 19.87
C VAL B 84 1.45 -50.44 19.52
N SER B 85 1.28 -51.06 18.37
CA SER B 85 2.31 -51.93 17.82
C SER B 85 2.83 -51.36 16.50
N PRO B 86 4.08 -50.90 16.47
CA PRO B 86 4.62 -50.21 15.31
C PRO B 86 4.96 -51.15 14.16
N THR B 87 4.00 -51.97 13.75
CA THR B 87 4.23 -53.00 12.74
C THR B 87 4.66 -52.43 11.40
N GLU B 88 4.19 -51.23 11.08
CA GLU B 88 4.37 -50.64 9.75
C GLU B 88 5.83 -50.31 9.41
N ILE B 89 6.49 -49.56 10.28
CA ILE B 89 7.90 -49.19 10.06
C ILE B 89 8.76 -50.45 10.05
N ILE B 90 8.51 -51.32 11.02
CA ILE B 90 9.22 -52.58 11.15
C ILE B 90 9.08 -53.44 9.89
N ALA B 91 7.92 -53.33 9.25
CA ALA B 91 7.66 -54.07 8.02
C ALA B 91 8.59 -53.59 6.92
N PHE B 92 8.79 -52.28 6.84
CA PHE B 92 9.73 -51.72 5.88
C PHE B 92 11.18 -52.04 6.22
N SER B 93 11.48 -52.14 7.50
CA SER B 93 12.83 -52.51 7.93
C SER B 93 13.14 -53.96 7.56
N ASP B 94 12.14 -54.83 7.68
CA ASP B 94 12.34 -56.25 7.43
C ASP B 94 12.39 -56.61 5.95
N GLN B 95 11.77 -55.77 5.13
CA GLN B 95 11.74 -55.97 3.67
C GLN B 95 12.85 -55.20 2.97
N VAL B 96 13.72 -54.55 3.74
CA VAL B 96 14.65 -53.54 3.22
C VAL B 96 15.50 -53.96 2.02
N GLU B 97 15.79 -55.25 1.90
CA GLU B 97 16.61 -55.73 0.79
C GLU B 97 15.82 -55.72 -0.51
N GLU B 98 14.50 -55.69 -0.41
CA GLU B 98 13.65 -55.55 -1.57
C GLU B 98 13.90 -54.18 -2.19
N PHE B 99 14.13 -53.20 -1.33
CA PHE B 99 14.44 -51.84 -1.75
C PHE B 99 15.90 -51.64 -2.17
N ASN B 100 16.83 -52.24 -1.42
CA ASN B 100 18.25 -52.11 -1.72
C ASN B 100 18.63 -52.72 -3.06
N SER B 101 17.96 -53.79 -3.44
CA SER B 101 18.21 -54.44 -4.72
C SER B 101 17.59 -53.62 -5.85
N ARG B 102 16.66 -52.76 -5.49
CA ARG B 102 15.98 -51.90 -6.45
C ARG B 102 16.65 -50.54 -6.59
N ASN B 103 17.81 -50.41 -5.94
CA ASN B 103 18.58 -49.18 -5.92
C ASN B 103 17.81 -48.05 -5.21
N CYS B 104 17.11 -48.44 -4.15
CA CYS B 104 16.23 -47.51 -3.45
C CYS B 104 16.53 -47.48 -1.95
N GLN B 105 16.53 -46.28 -1.38
CA GLN B 105 16.74 -46.10 0.04
C GLN B 105 15.46 -45.71 0.76
N VAL B 106 15.15 -46.43 1.83
CA VAL B 106 13.94 -46.17 2.60
C VAL B 106 14.25 -45.43 3.89
N ILE B 107 13.61 -44.28 4.07
CA ILE B 107 13.86 -43.44 5.23
C ILE B 107 12.58 -43.16 6.02
N ALA B 108 12.58 -43.47 7.31
CA ALA B 108 11.41 -43.21 8.15
C ALA B 108 11.62 -41.86 8.81
N CYS B 109 10.55 -41.09 9.01
CA CYS B 109 10.70 -39.76 9.59
C CYS B 109 9.59 -39.36 10.56
N SER B 110 9.94 -38.57 11.58
CA SER B 110 8.97 -38.14 12.58
C SER B 110 9.36 -36.81 13.21
N THR B 111 8.42 -36.17 13.89
CA THR B 111 8.69 -34.89 14.55
C THR B 111 9.34 -35.07 15.93
N ASP B 112 9.54 -36.32 16.31
CA ASP B 112 10.28 -36.66 17.53
C ASP B 112 11.75 -36.29 17.34
N SER B 113 12.49 -36.15 18.44
CA SER B 113 13.91 -35.85 18.33
C SER B 113 14.72 -37.13 18.12
N GLN B 114 16.04 -36.98 18.00
CA GLN B 114 16.92 -38.11 17.74
C GLN B 114 17.07 -39.01 18.96
N TYR B 115 16.92 -38.42 20.15
CA TYR B 115 17.07 -39.17 21.39
C TYR B 115 15.85 -40.06 21.64
N SER B 116 14.67 -39.53 21.35
CA SER B 116 13.44 -40.30 21.41
C SER B 116 13.50 -41.44 20.40
N HIS B 117 14.06 -41.16 19.24
CA HIS B 117 14.24 -42.16 18.20
C HIS B 117 15.17 -43.28 18.64
N LEU B 118 16.36 -42.91 19.11
CA LEU B 118 17.36 -43.88 19.54
C LEU B 118 16.81 -44.72 20.68
N ALA B 119 16.09 -44.07 21.59
CA ALA B 119 15.47 -44.76 22.73
C ALA B 119 14.43 -45.76 22.28
N TRP B 120 13.54 -45.32 21.38
CA TRP B 120 12.50 -46.19 20.86
C TRP B 120 13.11 -47.39 20.14
N ASP B 121 14.17 -47.14 19.39
CA ASP B 121 14.84 -48.17 18.62
C ASP B 121 15.53 -49.20 19.52
N ASN B 122 16.23 -48.72 20.54
CA ASN B 122 16.94 -49.63 21.44
C ASN B 122 16.03 -50.50 22.31
N LEU B 123 14.73 -50.22 22.28
CA LEU B 123 13.76 -51.04 23.01
C LEU B 123 13.29 -52.19 22.13
N ASP B 124 13.29 -53.40 22.69
CA ASP B 124 12.87 -54.58 21.93
C ASP B 124 11.37 -54.59 21.65
N ARG B 125 10.96 -55.30 20.60
CA ARG B 125 9.59 -55.23 20.07
C ARG B 125 8.50 -55.65 21.05
N LYS B 126 8.74 -56.73 21.79
CA LYS B 126 7.77 -57.24 22.77
C LYS B 126 7.51 -56.20 23.84
N SER B 127 8.53 -55.41 24.13
CA SER B 127 8.44 -54.38 25.15
C SER B 127 7.81 -53.12 24.55
N GLY B 128 7.47 -53.21 23.27
CA GLY B 128 6.77 -52.12 22.60
C GLY B 128 7.66 -51.33 21.65
N GLY B 129 8.97 -51.47 21.81
CA GLY B 129 9.93 -50.75 20.99
C GLY B 129 10.03 -51.29 19.58
N LEU B 130 10.96 -50.73 18.81
CA LEU B 130 11.17 -51.12 17.43
C LEU B 130 12.00 -52.39 17.27
N GLY B 131 12.91 -52.61 18.21
CA GLY B 131 14.00 -53.53 17.97
C GLY B 131 15.00 -52.73 17.16
N HIS B 132 16.04 -53.37 16.64
CA HIS B 132 17.05 -52.62 15.90
C HIS B 132 16.76 -52.58 14.40
N MET B 133 16.42 -51.39 13.93
CA MET B 133 15.92 -51.16 12.58
C MET B 133 17.01 -51.19 11.53
N LYS B 134 16.64 -51.60 10.32
CA LYS B 134 17.57 -51.64 9.20
C LYS B 134 17.49 -50.40 8.31
N ILE B 135 16.65 -49.45 8.71
CA ILE B 135 16.49 -48.21 7.96
C ILE B 135 16.75 -46.98 8.84
N PRO B 136 17.15 -45.86 8.22
CA PRO B 136 17.37 -44.62 8.96
C PRO B 136 16.09 -44.02 9.57
N LEU B 137 16.21 -43.63 10.83
CA LEU B 137 15.14 -42.94 11.53
C LEU B 137 15.48 -41.47 11.66
N LEU B 138 14.75 -40.66 10.89
CA LEU B 138 15.01 -39.24 10.76
C LEU B 138 14.09 -38.46 11.68
N ALA B 139 14.70 -37.52 12.40
CA ALA B 139 13.98 -36.69 13.33
C ALA B 139 13.88 -35.28 12.81
N ASP B 140 12.66 -34.79 12.60
CA ASP B 140 12.45 -33.39 12.29
CA ASP B 140 12.51 -33.37 12.33
C ASP B 140 11.84 -32.70 13.51
N ARG B 141 12.66 -31.98 14.29
CA ARG B 141 12.21 -31.37 15.53
C ARG B 141 11.77 -29.93 15.34
N LYS B 142 12.10 -29.38 14.18
CA LYS B 142 11.73 -28.03 13.84
C LYS B 142 10.47 -28.04 12.99
N GLN B 143 9.94 -29.23 12.76
CA GLN B 143 8.70 -29.45 12.01
C GLN B 143 8.80 -29.11 10.53
N GLU B 144 9.94 -28.56 10.11
CA GLU B 144 10.08 -28.00 8.77
C GLU B 144 10.10 -29.03 7.64
N ILE B 145 10.56 -30.24 7.93
CA ILE B 145 10.60 -31.28 6.89
C ILE B 145 9.22 -31.80 6.54
N SER B 146 8.44 -32.16 7.56
CA SER B 146 7.09 -32.68 7.34
C SER B 146 6.14 -31.58 6.87
N LYS B 147 6.56 -30.34 7.09
CA LYS B 147 5.87 -29.18 6.55
C LYS B 147 6.21 -29.00 5.08
N ALA B 148 7.48 -29.25 4.74
CA ALA B 148 7.94 -29.14 3.37
C ALA B 148 7.28 -30.18 2.46
N TYR B 149 6.95 -31.32 3.03
CA TYR B 149 6.27 -32.38 2.30
C TYR B 149 4.76 -32.32 2.46
N GLY B 150 4.30 -31.32 3.21
CA GLY B 150 2.88 -31.05 3.34
C GLY B 150 2.09 -32.09 4.11
N VAL B 151 2.77 -32.89 4.92
CA VAL B 151 2.08 -33.88 5.75
C VAL B 151 1.84 -33.43 7.19
N PHE B 152 2.28 -32.22 7.53
CA PHE B 152 2.20 -31.75 8.92
C PHE B 152 0.78 -31.44 9.37
N ASP B 153 0.40 -31.96 10.54
CA ASP B 153 -0.91 -31.71 11.12
C ASP B 153 -0.78 -30.72 12.28
N GLU B 154 -1.37 -29.55 12.10
CA GLU B 154 -1.24 -28.48 13.08
CA GLU B 154 -1.26 -28.46 13.07
C GLU B 154 -2.03 -28.75 14.36
N GLU B 155 -2.96 -29.71 14.30
CA GLU B 155 -3.76 -30.00 15.47
C GLU B 155 -2.96 -30.67 16.59
N ASP B 156 -2.33 -31.79 16.28
CA ASP B 156 -1.52 -32.50 17.27
C ASP B 156 -0.03 -32.21 17.20
N GLY B 157 0.39 -31.45 16.19
CA GLY B 157 1.80 -31.24 15.94
C GLY B 157 2.49 -32.49 15.41
N ASN B 158 1.70 -33.46 14.96
CA ASN B 158 2.23 -34.72 14.45
C ASN B 158 2.04 -34.83 12.94
N ALA B 159 2.94 -35.55 12.28
CA ALA B 159 2.80 -35.78 10.86
C ALA B 159 1.76 -36.87 10.58
N PHE B 160 0.95 -36.63 9.55
CA PHE B 160 0.12 -37.67 8.97
C PHE B 160 1.07 -38.63 8.31
N ARG B 161 0.61 -39.84 7.99
CA ARG B 161 1.56 -40.78 7.46
C ARG B 161 1.54 -40.57 5.96
N GLY B 162 2.64 -40.01 5.46
CA GLY B 162 2.82 -39.83 4.05
C GLY B 162 3.79 -40.85 3.53
N LEU B 163 3.83 -41.00 2.21
CA LEU B 163 4.88 -41.77 1.58
C LEU B 163 5.23 -41.07 0.27
N PHE B 164 6.52 -40.83 0.05
CA PHE B 164 6.94 -40.11 -1.13
C PHE B 164 8.06 -40.85 -1.83
N ILE B 165 7.93 -40.99 -3.15
CA ILE B 165 8.94 -41.65 -3.96
C ILE B 165 9.73 -40.62 -4.75
N ILE B 166 11.05 -40.64 -4.59
CA ILE B 166 11.91 -39.64 -5.20
C ILE B 166 12.97 -40.28 -6.09
N ASP B 167 13.07 -39.80 -7.33
CA ASP B 167 13.96 -40.41 -8.32
C ASP B 167 15.44 -40.07 -8.07
N PRO B 168 16.37 -40.78 -8.73
CA PRO B 168 17.80 -40.56 -8.53
C PRO B 168 18.25 -39.11 -8.68
N ASN B 169 17.51 -38.28 -9.42
CA ASN B 169 17.87 -36.88 -9.58
C ASN B 169 17.18 -35.95 -8.58
N GLY B 170 16.37 -36.53 -7.70
CA GLY B 170 15.68 -35.76 -6.68
C GLY B 170 14.33 -35.24 -7.13
N ILE B 171 13.78 -35.86 -8.17
CA ILE B 171 12.47 -35.48 -8.68
C ILE B 171 11.38 -36.31 -8.02
N LEU B 172 10.28 -35.67 -7.69
CA LEU B 172 9.17 -36.34 -7.03
C LEU B 172 8.31 -37.11 -8.02
N ARG B 173 8.04 -38.37 -7.70
CA ARG B 173 7.25 -39.25 -8.55
C ARG B 173 5.89 -39.57 -7.91
N GLN B 174 5.90 -40.24 -6.77
CA GLN B 174 4.68 -40.68 -6.10
C GLN B 174 4.40 -39.93 -4.79
N ILE B 175 3.14 -39.57 -4.57
CA ILE B 175 2.70 -38.99 -3.31
C ILE B 175 1.58 -39.79 -2.69
N THR B 176 1.84 -40.38 -1.52
CA THR B 176 0.83 -41.14 -0.80
C THR B 176 0.64 -40.57 0.60
N ILE B 177 -0.59 -40.14 0.90
CA ILE B 177 -0.88 -39.61 2.22
C ILE B 177 -2.08 -40.31 2.86
N ASN B 178 -1.82 -40.97 3.97
CA ASN B 178 -2.85 -41.72 4.69
C ASN B 178 -3.28 -41.03 5.98
N ASP B 179 -4.55 -41.20 6.32
CA ASP B 179 -5.04 -40.78 7.63
C ASP B 179 -4.34 -41.65 8.67
N LYS B 180 -4.09 -41.08 9.83
CA LYS B 180 -3.28 -41.73 10.87
C LYS B 180 -3.63 -43.18 11.28
N PRO B 181 -4.93 -43.50 11.43
CA PRO B 181 -5.23 -44.89 11.83
C PRO B 181 -4.88 -45.95 10.79
N VAL B 182 -4.68 -45.57 9.54
CA VAL B 182 -4.46 -46.54 8.47
C VAL B 182 -3.02 -46.56 7.94
N GLY B 183 -2.43 -47.76 7.89
CA GLY B 183 -1.04 -47.91 7.47
C GLY B 183 -0.85 -48.14 5.98
N ARG B 184 0.40 -48.41 5.58
CA ARG B 184 0.74 -48.52 4.18
C ARG B 184 1.37 -49.86 3.82
N SER B 185 1.35 -50.19 2.54
CA SER B 185 1.75 -51.51 2.05
C SER B 185 3.10 -51.53 1.34
N VAL B 186 3.97 -52.44 1.77
CA VAL B 186 5.28 -52.64 1.14
C VAL B 186 5.13 -53.07 -0.31
N ASP B 187 4.26 -54.03 -0.55
CA ASP B 187 4.03 -54.57 -1.89
C ASP B 187 3.63 -53.48 -2.89
N GLU B 188 2.70 -52.61 -2.48
CA GLU B 188 2.24 -51.52 -3.33
C GLU B 188 3.39 -50.58 -3.66
N THR B 189 4.17 -50.25 -2.64
CA THR B 189 5.34 -49.40 -2.77
C THR B 189 6.33 -49.96 -3.79
N LEU B 190 6.57 -51.27 -3.72
CA LEU B 190 7.47 -51.93 -4.67
C LEU B 190 6.89 -52.04 -6.07
N ARG B 191 5.56 -52.11 -6.16
CA ARG B 191 4.90 -52.14 -7.46
C ARG B 191 5.09 -50.80 -8.14
N LEU B 192 4.78 -49.74 -7.42
CA LEU B 192 5.00 -48.38 -7.88
C LEU B 192 6.46 -48.19 -8.30
N LEU B 193 7.37 -48.54 -7.41
CA LEU B 193 8.81 -48.41 -7.67
C LEU B 193 9.19 -49.11 -8.98
N ASP B 194 8.72 -50.34 -9.13
CA ASP B 194 8.95 -51.13 -10.33
C ASP B 194 8.43 -50.43 -11.58
N ALA B 195 7.25 -49.83 -11.46
CA ALA B 195 6.65 -49.11 -12.57
C ALA B 195 7.49 -47.91 -12.99
N PHE B 196 7.91 -47.13 -12.00
CA PHE B 196 8.72 -45.93 -12.26
C PHE B 196 10.09 -46.28 -12.85
N GLN B 197 10.69 -47.37 -12.36
CA GLN B 197 11.96 -47.85 -12.87
C GLN B 197 11.80 -48.42 -14.28
N PHE B 198 10.60 -48.92 -14.57
CA PHE B 198 10.29 -49.39 -15.92
C PHE B 198 10.21 -48.21 -16.88
N VAL B 199 9.40 -47.21 -16.51
CA VAL B 199 9.24 -46.01 -17.32
C VAL B 199 10.60 -45.32 -17.49
N GLU B 200 11.47 -45.53 -16.50
CA GLU B 200 12.84 -45.05 -16.53
C GLU B 200 13.61 -45.67 -17.71
N LYS B 201 13.67 -47.00 -17.77
CA LYS B 201 14.32 -47.66 -18.90
C LYS B 201 13.37 -48.58 -19.68
N MET C 38 10.36 -10.87 21.39
CA MET C 38 11.09 -10.32 22.53
C MET C 38 10.79 -11.08 23.83
N VAL C 39 11.59 -10.80 24.85
CA VAL C 39 11.47 -11.48 26.14
C VAL C 39 10.23 -11.02 26.91
N LEU C 40 9.73 -11.92 27.75
CA LEU C 40 8.58 -11.66 28.60
C LEU C 40 8.93 -10.71 29.73
N LEU C 41 7.91 -10.10 30.33
CA LEU C 41 8.11 -9.21 31.46
C LEU C 41 7.22 -9.58 32.66
N PRO C 42 7.74 -9.37 33.87
CA PRO C 42 6.98 -9.59 35.11
C PRO C 42 5.88 -8.55 35.28
N ASN C 43 4.95 -8.82 36.18
CA ASN C 43 3.82 -7.93 36.46
C ASN C 43 2.88 -7.78 35.26
N ARG C 44 2.86 -8.80 34.41
CA ARG C 44 1.91 -8.89 33.32
C ARG C 44 1.30 -10.28 33.36
N PRO C 45 0.04 -10.42 32.88
CA PRO C 45 -0.57 -11.74 32.84
C PRO C 45 0.29 -12.70 32.04
N ALA C 46 0.61 -13.84 32.64
CA ALA C 46 1.43 -14.84 31.98
C ALA C 46 0.65 -15.46 30.84
N PRO C 47 1.35 -15.87 29.77
CA PRO C 47 0.71 -16.56 28.65
C PRO C 47 -0.05 -17.78 29.13
N GLU C 48 -1.26 -17.96 28.62
CA GLU C 48 -2.06 -19.12 28.96
C GLU C 48 -1.46 -20.35 28.31
N PHE C 49 -1.17 -21.37 29.11
CA PHE C 49 -0.82 -22.65 28.54
C PHE C 49 -1.92 -23.67 28.80
N LYS C 50 -2.19 -24.50 27.81
CA LYS C 50 -3.03 -25.66 27.97
C LYS C 50 -2.40 -26.79 27.17
N GLY C 51 -2.38 -27.98 27.73
CA GLY C 51 -1.70 -29.08 27.09
C GLY C 51 -2.01 -30.44 27.70
N GLN C 52 -1.38 -31.47 27.14
CA GLN C 52 -1.55 -32.83 27.63
C GLN C 52 -0.35 -33.21 28.47
N ALA C 53 -0.61 -33.73 29.65
CA ALA C 53 0.47 -33.98 30.60
C ALA C 53 0.41 -35.38 31.20
N VAL C 54 1.57 -35.86 31.63
CA VAL C 54 1.68 -37.11 32.35
C VAL C 54 1.75 -36.87 33.84
N ILE C 55 0.74 -37.38 34.54
CA ILE C 55 0.68 -37.30 35.99
C ILE C 55 0.44 -38.70 36.51
N ASN C 56 1.33 -39.16 37.40
CA ASN C 56 1.22 -40.49 37.99
C ASN C 56 1.11 -41.60 36.95
N GLY C 57 1.79 -41.42 35.83
CA GLY C 57 1.80 -42.42 34.76
C GLY C 57 0.53 -42.40 33.93
N GLU C 58 -0.17 -41.28 33.94
CA GLU C 58 -1.45 -41.16 33.25
C GLU C 58 -1.53 -39.88 32.42
N PHE C 59 -2.40 -39.86 31.42
CA PHE C 59 -2.57 -38.67 30.59
C PHE C 59 -3.73 -37.82 31.09
N LYS C 60 -3.51 -36.51 31.20
CA LYS C 60 -4.53 -35.58 31.66
C LYS C 60 -4.34 -34.23 31.00
N GLU C 61 -5.45 -33.59 30.62
CA GLU C 61 -5.35 -32.26 30.04
C GLU C 61 -5.31 -31.21 31.15
N ILE C 62 -4.27 -30.39 31.15
CA ILE C 62 -4.15 -29.33 32.16
C ILE C 62 -3.95 -27.98 31.52
N CYS C 63 -4.37 -26.93 32.22
CA CYS C 63 -4.13 -25.57 31.78
C CYS C 63 -3.64 -24.69 32.93
N LEU C 64 -3.37 -23.42 32.64
CA LEU C 64 -2.85 -22.52 33.67
C LEU C 64 -3.92 -22.11 34.67
N LYS C 65 -5.13 -21.87 34.18
CA LYS C 65 -6.23 -21.42 35.03
C LYS C 65 -6.70 -22.48 36.04
N ASP C 66 -6.23 -23.72 35.85
CA ASP C 66 -6.47 -24.79 36.81
C ASP C 66 -5.82 -24.43 38.13
N TYR C 67 -4.72 -23.69 38.05
CA TYR C 67 -3.84 -23.44 39.19
C TYR C 67 -4.06 -22.14 39.95
N ARG C 68 -5.15 -21.44 39.63
CA ARG C 68 -5.54 -20.24 40.38
C ARG C 68 -5.58 -20.50 41.89
N GLY C 69 -5.08 -19.53 42.65
CA GLY C 69 -5.00 -19.67 44.09
C GLY C 69 -3.66 -20.22 44.53
N LYS C 70 -2.97 -20.87 43.59
CA LYS C 70 -1.66 -21.43 43.84
C LYS C 70 -0.61 -20.77 42.96
N TYR C 71 0.62 -20.73 43.44
CA TYR C 71 1.74 -20.30 42.61
C TYR C 71 2.04 -21.37 41.57
N VAL C 72 2.75 -21.00 40.52
CA VAL C 72 3.19 -21.95 39.51
C VAL C 72 4.64 -21.70 39.11
N VAL C 73 5.46 -22.73 39.23
CA VAL C 73 6.79 -22.69 38.65
C VAL C 73 6.79 -23.54 37.39
N LEU C 74 6.87 -22.89 36.24
CA LEU C 74 6.91 -23.61 34.98
C LEU C 74 8.33 -23.66 34.45
N PHE C 75 8.93 -24.84 34.43
CA PHE C 75 10.29 -24.93 33.89
C PHE C 75 10.41 -25.79 32.63
N PHE C 76 11.20 -25.29 31.68
CA PHE C 76 11.40 -25.95 30.40
C PHE C 76 12.75 -26.65 30.32
N TYR C 77 12.78 -27.78 29.62
CA TYR C 77 14.02 -28.49 29.31
C TYR C 77 14.00 -28.88 27.84
N PRO C 78 15.18 -29.01 27.21
CA PRO C 78 15.22 -29.20 25.75
C PRO C 78 14.54 -30.47 25.25
N ALA C 79 14.88 -31.62 25.82
CA ALA C 79 14.37 -32.88 25.29
C ALA C 79 14.34 -34.04 26.27
N ASP C 80 13.43 -34.98 26.02
CA ASP C 80 13.39 -36.23 26.76
C ASP C 80 14.54 -37.12 26.34
N PHE C 81 14.87 -38.10 27.19
CA PHE C 81 15.92 -39.08 26.91
C PHE C 81 17.28 -38.47 26.64
N THR C 82 17.56 -37.32 27.24
CA THR C 82 18.88 -36.73 27.08
C THR C 82 19.79 -37.17 28.22
N PHE C 83 21.06 -36.80 28.12
CA PHE C 83 22.09 -37.30 29.03
C PHE C 83 21.94 -36.96 30.51
N VAL C 84 22.17 -35.70 30.87
CA VAL C 84 22.06 -35.29 32.28
C VAL C 84 20.85 -34.44 32.72
N SER C 85 20.00 -34.01 31.77
CA SER C 85 18.80 -33.22 32.10
C SER C 85 17.89 -33.84 33.18
N PRO C 86 17.67 -35.17 33.10
CA PRO C 86 16.88 -35.80 34.15
C PRO C 86 17.42 -35.58 35.56
N THR C 87 18.71 -35.32 35.74
CA THR C 87 19.20 -35.11 37.10
C THR C 87 18.63 -33.82 37.68
N GLU C 88 18.49 -32.81 36.83
CA GLU C 88 17.94 -31.52 37.22
C GLU C 88 16.44 -31.68 37.48
N ILE C 89 15.75 -32.28 36.52
CA ILE C 89 14.31 -32.51 36.67
C ILE C 89 14.00 -33.29 37.95
N ILE C 90 14.81 -34.31 38.21
CA ILE C 90 14.69 -35.17 39.39
C ILE C 90 14.95 -34.39 40.67
N ALA C 91 16.03 -33.61 40.69
CA ALA C 91 16.36 -32.76 41.83
C ALA C 91 15.16 -31.90 42.18
N PHE C 92 14.48 -31.38 41.17
CA PHE C 92 13.22 -30.67 41.42
C PHE C 92 12.11 -31.59 41.92
N SER C 93 12.10 -32.85 41.46
CA SER C 93 11.03 -33.77 41.82
C SER C 93 11.08 -34.24 43.28
N ASP C 94 12.29 -34.52 43.75
CA ASP C 94 12.51 -34.98 45.11
C ASP C 94 12.10 -33.91 46.12
N GLN C 95 12.17 -32.65 45.69
CA GLN C 95 11.92 -31.50 46.56
C GLN C 95 10.48 -30.99 46.53
N VAL C 96 9.60 -31.73 45.86
CA VAL C 96 8.21 -31.29 45.65
C VAL C 96 7.49 -30.83 46.93
N GLU C 97 7.81 -31.44 48.07
CA GLU C 97 7.19 -31.06 49.33
C GLU C 97 7.52 -29.62 49.72
N GLU C 98 8.75 -29.20 49.41
CA GLU C 98 9.19 -27.83 49.64
C GLU C 98 8.28 -26.84 48.93
N PHE C 99 7.91 -27.16 47.69
CA PHE C 99 7.03 -26.29 46.92
C PHE C 99 5.58 -26.40 47.36
N ASN C 100 5.17 -27.62 47.72
CA ASN C 100 3.79 -27.87 48.13
C ASN C 100 3.41 -27.16 49.41
N SER C 101 4.37 -27.09 50.34
CA SER C 101 4.14 -26.36 51.57
C SER C 101 4.19 -24.85 51.36
N ARG C 102 4.76 -24.43 50.24
CA ARG C 102 4.77 -23.02 49.86
C ARG C 102 3.62 -22.64 48.95
N ASN C 103 2.71 -23.60 48.74
CA ASN C 103 1.51 -23.42 47.93
C ASN C 103 1.83 -23.21 46.45
N CYS C 104 2.89 -23.85 45.99
CA CYS C 104 3.32 -23.72 44.60
C CYS C 104 3.20 -25.04 43.86
N GLN C 105 2.84 -24.96 42.59
CA GLN C 105 2.74 -26.12 41.71
C GLN C 105 3.84 -26.06 40.66
N VAL C 106 4.68 -27.09 40.63
CA VAL C 106 5.78 -27.15 39.68
C VAL C 106 5.34 -27.95 38.46
N ILE C 107 5.68 -27.46 37.27
CA ILE C 107 5.36 -28.14 36.03
C ILE C 107 6.60 -28.22 35.13
N ALA C 108 6.94 -29.44 34.73
CA ALA C 108 8.04 -29.65 33.80
C ALA C 108 7.52 -29.71 32.36
N CYS C 109 8.21 -29.04 31.45
CA CYS C 109 7.72 -28.94 30.08
C CYS C 109 8.84 -29.02 29.05
N SER C 110 8.60 -29.80 27.99
CA SER C 110 9.50 -29.83 26.84
C SER C 110 8.66 -29.99 25.58
N THR C 111 9.32 -30.09 24.42
CA THR C 111 8.59 -30.17 23.15
C THR C 111 8.28 -31.60 22.72
N ASP C 112 8.65 -32.57 23.54
CA ASP C 112 8.37 -33.97 23.28
C ASP C 112 6.88 -34.27 23.37
N SER C 113 6.44 -35.35 22.72
CA SER C 113 5.06 -35.81 22.83
C SER C 113 4.86 -36.40 24.21
N GLN C 114 3.60 -36.50 24.64
CA GLN C 114 3.28 -37.08 25.96
C GLN C 114 3.65 -38.55 26.03
N TYR C 115 3.81 -39.18 24.86
CA TYR C 115 4.15 -40.58 24.78
C TYR C 115 5.62 -40.78 25.16
N SER C 116 6.48 -39.90 24.66
CA SER C 116 7.87 -39.87 25.05
C SER C 116 7.98 -39.61 26.55
N HIS C 117 7.25 -38.61 27.02
CA HIS C 117 7.16 -38.29 28.44
C HIS C 117 6.82 -39.52 29.27
N LEU C 118 5.81 -40.26 28.83
CA LEU C 118 5.35 -41.44 29.55
C LEU C 118 6.42 -42.54 29.55
N ALA C 119 7.04 -42.77 28.41
CA ALA C 119 8.06 -43.80 28.28
C ALA C 119 9.27 -43.49 29.18
N TRP C 120 9.66 -42.23 29.20
CA TRP C 120 10.80 -41.78 29.97
C TRP C 120 10.48 -41.78 31.45
N ASP C 121 9.20 -41.56 31.77
CA ASP C 121 8.75 -41.55 33.16
C ASP C 121 8.49 -42.95 33.68
N ASN C 122 8.49 -43.94 32.80
CA ASN C 122 8.41 -45.34 33.24
C ASN C 122 9.77 -46.02 33.25
N LEU C 123 10.80 -45.28 32.83
CA LEU C 123 12.14 -45.81 32.78
C LEU C 123 12.85 -45.48 34.10
N ASP C 124 13.46 -46.48 34.72
CA ASP C 124 14.22 -46.22 35.95
C ASP C 124 15.51 -45.46 35.65
N ARG C 125 16.03 -44.76 36.65
CA ARG C 125 17.21 -43.92 36.49
C ARG C 125 18.46 -44.77 36.22
N LYS C 126 18.38 -46.04 36.60
CA LYS C 126 19.43 -47.00 36.27
C LYS C 126 19.56 -47.10 34.76
N SER C 127 18.43 -46.91 34.07
CA SER C 127 18.45 -46.84 32.61
C SER C 127 18.62 -45.42 32.11
N GLY C 128 18.51 -44.46 33.03
CA GLY C 128 18.64 -43.05 32.67
C GLY C 128 17.30 -42.36 32.55
N GLY C 129 16.24 -43.08 32.88
CA GLY C 129 14.90 -42.53 32.87
C GLY C 129 14.63 -41.67 34.10
N LEU C 130 13.37 -41.34 34.32
CA LEU C 130 13.01 -40.39 35.38
C LEU C 130 12.63 -41.06 36.70
N GLY C 131 12.76 -42.39 36.77
CA GLY C 131 12.13 -43.12 37.85
C GLY C 131 10.65 -42.89 37.62
N HIS C 132 9.94 -42.43 38.64
CA HIS C 132 8.61 -41.85 38.45
C HIS C 132 8.54 -40.46 39.08
N MET C 133 7.90 -39.54 38.38
CA MET C 133 7.93 -38.13 38.75
C MET C 133 6.80 -37.74 39.69
N LYS C 134 7.13 -36.90 40.67
CA LYS C 134 6.13 -36.30 41.56
C LYS C 134 5.69 -34.96 40.98
N ILE C 135 6.20 -34.68 39.79
CA ILE C 135 5.88 -33.44 39.09
C ILE C 135 5.19 -33.78 37.77
N PRO C 136 4.18 -32.97 37.39
CA PRO C 136 3.47 -33.15 36.13
C PRO C 136 4.38 -32.92 34.94
N LEU C 137 4.36 -33.83 33.96
CA LEU C 137 5.19 -33.67 32.78
C LEU C 137 4.33 -33.17 31.61
N LEU C 138 4.49 -31.90 31.27
CA LEU C 138 3.65 -31.28 30.24
C LEU C 138 4.28 -31.46 28.86
N ALA C 139 3.45 -31.83 27.89
CA ALA C 139 3.94 -32.04 26.54
C ALA C 139 3.49 -30.91 25.62
N ASP C 140 4.45 -30.10 25.17
CA ASP C 140 4.14 -29.13 24.15
C ASP C 140 4.68 -29.68 22.84
N ARG C 141 3.81 -30.32 22.07
CA ARG C 141 4.19 -30.89 20.77
C ARG C 141 4.10 -29.84 19.69
N LYS C 142 3.09 -28.99 19.82
CA LYS C 142 2.77 -27.97 18.85
C LYS C 142 3.71 -26.77 18.96
N GLN C 143 4.59 -26.81 19.96
CA GLN C 143 5.60 -25.76 20.20
C GLN C 143 4.99 -24.45 20.72
N GLU C 144 3.66 -24.42 20.85
CA GLU C 144 2.94 -23.22 21.27
C GLU C 144 3.39 -22.63 22.61
N ILE C 145 3.52 -23.47 23.63
CA ILE C 145 3.84 -23.01 24.97
C ILE C 145 5.24 -22.44 25.07
N SER C 146 6.19 -23.11 24.43
CA SER C 146 7.58 -22.67 24.46
C SER C 146 7.81 -21.46 23.56
N LYS C 147 7.00 -21.33 22.51
CA LYS C 147 7.03 -20.16 21.66
C LYS C 147 6.48 -18.95 22.40
N ALA C 148 5.37 -19.15 23.09
CA ALA C 148 4.70 -18.07 23.80
C ALA C 148 5.49 -17.61 25.02
N TYR C 149 6.27 -18.52 25.59
CA TYR C 149 7.11 -18.20 26.73
C TYR C 149 8.51 -17.79 26.31
N GLY C 150 8.70 -17.73 25.00
CA GLY C 150 9.93 -17.21 24.42
C GLY C 150 11.17 -18.03 24.68
N VAL C 151 10.99 -19.26 25.13
CA VAL C 151 12.13 -20.14 25.39
C VAL C 151 12.41 -21.14 24.26
N PHE C 152 11.61 -21.07 23.20
CA PHE C 152 11.79 -21.94 22.05
C PHE C 152 12.89 -21.40 21.15
N ASP C 153 13.83 -22.27 20.76
CA ASP C 153 14.89 -21.83 19.86
C ASP C 153 14.87 -22.54 18.50
N GLU C 154 15.05 -21.76 17.46
CA GLU C 154 14.74 -22.16 16.09
C GLU C 154 15.85 -22.99 15.48
N GLU C 155 16.93 -23.18 16.23
CA GLU C 155 18.07 -23.95 15.77
C GLU C 155 17.80 -25.46 15.80
N ASP C 156 17.64 -26.02 17.00
CA ASP C 156 17.34 -27.44 17.14
C ASP C 156 15.86 -27.77 17.38
N GLY C 157 15.04 -26.73 17.52
CA GLY C 157 13.63 -26.93 17.82
C GLY C 157 13.36 -27.41 19.23
N ASN C 158 14.26 -27.06 20.16
CA ASN C 158 14.09 -27.40 21.57
C ASN C 158 13.97 -26.15 22.42
N ALA C 159 13.39 -26.28 23.61
CA ALA C 159 13.30 -25.15 24.52
C ALA C 159 14.60 -24.99 25.30
N PHE C 160 14.98 -23.74 25.58
CA PHE C 160 16.12 -23.49 26.46
C PHE C 160 15.71 -23.87 27.86
N ARG C 161 16.57 -23.64 28.85
CA ARG C 161 16.10 -24.02 30.16
C ARG C 161 15.43 -22.79 30.76
N GLY C 162 14.11 -22.77 30.71
CA GLY C 162 13.37 -21.64 31.20
C GLY C 162 12.82 -21.96 32.57
N LEU C 163 12.53 -20.93 33.34
CA LEU C 163 11.82 -21.08 34.59
C LEU C 163 10.95 -19.84 34.75
N PHE C 164 9.69 -20.03 35.10
CA PHE C 164 8.78 -18.90 35.26
C PHE C 164 7.96 -19.04 36.53
N ILE C 165 8.11 -18.05 37.40
CA ILE C 165 7.34 -17.98 38.64
C ILE C 165 6.12 -17.09 38.44
N ILE C 166 4.95 -17.71 38.57
CA ILE C 166 3.67 -17.07 38.30
C ILE C 166 2.81 -17.11 39.56
N ASP C 167 2.31 -15.94 39.97
CA ASP C 167 1.56 -15.83 41.23
C ASP C 167 0.16 -16.48 41.10
N PRO C 168 -0.63 -16.50 42.20
CA PRO C 168 -1.93 -17.20 42.11
C PRO C 168 -2.93 -16.63 41.11
N ASN C 169 -2.73 -15.39 40.66
CA ASN C 169 -3.68 -14.76 39.75
C ASN C 169 -3.30 -14.89 38.28
N GLY C 170 -2.21 -15.58 38.00
CA GLY C 170 -1.74 -15.75 36.63
C GLY C 170 -0.90 -14.59 36.15
N ILE C 171 -0.20 -13.96 37.07
CA ILE C 171 0.67 -12.84 36.74
C ILE C 171 2.13 -13.28 36.75
N LEU C 172 2.84 -12.97 35.68
CA LEU C 172 4.26 -13.31 35.61
C LEU C 172 5.01 -12.51 36.67
N ARG C 173 5.83 -13.22 37.43
CA ARG C 173 6.60 -12.62 38.51
C ARG C 173 8.10 -12.80 38.25
N GLN C 174 8.57 -14.04 38.16
CA GLN C 174 9.99 -14.22 37.85
C GLN C 174 10.27 -14.93 36.52
N ILE C 175 11.30 -14.45 35.82
CA ILE C 175 11.78 -15.05 34.57
C ILE C 175 13.24 -15.45 34.65
N THR C 176 13.53 -16.72 34.36
CA THR C 176 14.90 -17.20 34.32
C THR C 176 15.13 -17.95 33.02
N ILE C 177 16.18 -17.59 32.28
CA ILE C 177 16.53 -18.37 31.08
C ILE C 177 18.00 -18.78 31.04
N ASN C 178 18.24 -20.08 31.15
CA ASN C 178 19.57 -20.65 31.08
C ASN C 178 19.86 -21.29 29.73
N ASP C 179 21.10 -21.08 29.30
CA ASP C 179 21.65 -21.78 28.16
C ASP C 179 21.59 -23.26 28.50
N LYS C 180 21.33 -24.08 27.49
CA LYS C 180 21.11 -25.51 27.67
C LYS C 180 22.13 -26.31 28.51
N PRO C 181 23.44 -26.02 28.36
CA PRO C 181 24.41 -26.80 29.15
C PRO C 181 24.29 -26.63 30.67
N VAL C 182 23.64 -25.58 31.14
CA VAL C 182 23.63 -25.28 32.57
C VAL C 182 22.26 -25.46 33.24
N GLY C 183 22.24 -26.25 34.31
CA GLY C 183 21.01 -26.48 35.05
C GLY C 183 20.69 -25.38 36.03
N ARG C 184 19.54 -25.50 36.70
CA ARG C 184 19.07 -24.48 37.61
C ARG C 184 19.07 -24.98 39.05
N SER C 185 18.69 -24.10 39.97
CA SER C 185 18.75 -24.42 41.40
C SER C 185 17.38 -24.43 42.06
N VAL C 186 17.15 -25.45 42.87
CA VAL C 186 15.92 -25.55 43.66
C VAL C 186 15.89 -24.48 44.75
N ASP C 187 17.05 -24.21 45.34
CA ASP C 187 17.15 -23.28 46.47
C ASP C 187 16.93 -21.81 46.11
N GLU C 188 17.47 -21.37 44.98
CA GLU C 188 17.26 -20.00 44.54
C GLU C 188 15.80 -19.80 44.14
N THR C 189 15.21 -20.83 43.56
CA THR C 189 13.80 -20.81 43.21
C THR C 189 12.95 -20.70 44.46
N LEU C 190 13.34 -21.43 45.51
CA LEU C 190 12.65 -21.36 46.79
C LEU C 190 12.78 -19.97 47.41
N ARG C 191 13.97 -19.38 47.29
CA ARG C 191 14.23 -18.04 47.80
C ARG C 191 13.34 -17.01 47.12
N LEU C 192 13.34 -17.04 45.78
CA LEU C 192 12.51 -16.15 44.99
C LEU C 192 11.03 -16.33 45.33
N LEU C 193 10.58 -17.58 45.36
CA LEU C 193 9.21 -17.91 45.72
C LEU C 193 8.83 -17.27 47.06
N ASP C 194 9.69 -17.43 48.06
CA ASP C 194 9.48 -16.82 49.37
C ASP C 194 9.41 -15.30 49.31
N ALA C 195 10.29 -14.70 48.53
CA ALA C 195 10.32 -13.25 48.38
C ALA C 195 9.00 -12.73 47.82
N PHE C 196 8.55 -13.33 46.72
CA PHE C 196 7.30 -12.93 46.10
C PHE C 196 6.12 -13.16 47.03
N GLN C 197 6.17 -14.24 47.80
CA GLN C 197 5.13 -14.49 48.78
C GLN C 197 5.17 -13.48 49.93
N PHE C 198 6.33 -12.87 50.16
CA PHE C 198 6.44 -11.81 51.16
C PHE C 198 5.86 -10.50 50.66
N VAL C 199 6.23 -10.10 49.44
CA VAL C 199 5.78 -8.81 48.92
C VAL C 199 4.31 -8.83 48.50
N GLU C 200 3.75 -10.03 48.37
CA GLU C 200 2.33 -10.16 48.09
C GLU C 200 1.52 -9.68 49.29
N LYS C 201 2.11 -9.83 50.47
CA LYS C 201 1.47 -9.40 51.72
C LYS C 201 2.14 -8.15 52.27
N VAL D 39 13.04 -12.30 19.83
CA VAL D 39 13.16 -12.92 21.15
C VAL D 39 14.59 -12.83 21.67
N LEU D 40 14.74 -12.53 22.95
CA LEU D 40 16.05 -12.44 23.57
C LEU D 40 16.38 -13.81 24.16
N LEU D 41 17.37 -14.47 23.59
CA LEU D 41 17.67 -15.86 23.90
C LEU D 41 19.13 -16.05 24.28
N PRO D 42 19.42 -17.11 25.05
CA PRO D 42 20.78 -17.30 25.56
C PRO D 42 21.88 -17.45 24.51
N ASN D 43 21.72 -18.30 23.49
CA ASN D 43 22.90 -18.68 22.71
C ASN D 43 23.31 -17.65 21.66
N ARG D 44 22.53 -16.56 21.57
CA ARG D 44 22.82 -15.50 20.63
C ARG D 44 23.72 -14.44 21.25
N PRO D 45 24.43 -13.65 20.41
CA PRO D 45 25.23 -12.53 20.89
C PRO D 45 24.40 -11.47 21.62
N ALA D 46 24.90 -10.98 22.75
CA ALA D 46 24.20 -10.00 23.56
C ALA D 46 24.09 -8.66 22.85
N PRO D 47 23.01 -7.90 23.13
CA PRO D 47 22.86 -6.57 22.54
C PRO D 47 23.99 -5.65 22.94
N GLU D 48 24.58 -4.98 21.95
CA GLU D 48 25.69 -4.06 22.20
C GLU D 48 25.18 -2.79 22.88
N PHE D 49 25.76 -2.47 24.04
CA PHE D 49 25.39 -1.26 24.75
C PHE D 49 26.57 -0.29 24.79
N LYS D 50 26.28 1.00 24.73
CA LYS D 50 27.31 2.03 24.85
C LYS D 50 26.74 3.22 25.63
N GLY D 51 27.54 3.77 26.54
CA GLY D 51 27.06 4.92 27.30
C GLY D 51 28.02 5.52 28.31
N GLN D 52 27.58 6.60 28.93
CA GLN D 52 28.34 7.29 29.95
C GLN D 52 28.10 6.62 31.30
N ALA D 53 29.19 6.20 31.94
CA ALA D 53 29.13 5.55 33.24
C ALA D 53 30.07 6.22 34.22
N VAL D 54 29.88 5.95 35.50
CA VAL D 54 30.75 6.52 36.52
C VAL D 54 31.69 5.46 37.07
N ILE D 55 32.98 5.74 37.00
CA ILE D 55 33.99 4.81 37.48
C ILE D 55 35.01 5.54 38.36
N ASN D 56 35.10 5.14 39.62
CA ASN D 56 35.93 5.83 40.61
C ASN D 56 35.56 7.31 40.73
N GLY D 57 34.27 7.58 40.83
CA GLY D 57 33.77 8.94 40.91
C GLY D 57 34.17 9.79 39.71
N GLU D 58 34.17 9.16 38.54
CA GLU D 58 34.66 9.82 37.33
C GLU D 58 33.89 9.31 36.11
N PHE D 59 33.72 10.17 35.10
CA PHE D 59 32.91 9.82 33.94
C PHE D 59 33.73 9.15 32.84
N LYS D 60 33.37 7.91 32.52
CA LYS D 60 33.97 7.21 31.39
C LYS D 60 32.89 6.76 30.42
N GLU D 61 33.16 6.86 29.13
CA GLU D 61 32.26 6.27 28.15
C GLU D 61 32.71 4.84 27.89
N ILE D 62 31.81 3.89 28.12
CA ILE D 62 32.16 2.49 27.91
C ILE D 62 31.14 1.82 27.01
N CYS D 63 31.52 0.65 26.48
CA CYS D 63 30.59 -0.16 25.72
C CYS D 63 30.87 -1.65 25.97
N LEU D 64 30.08 -2.51 25.34
CA LEU D 64 30.24 -3.96 25.50
C LEU D 64 31.56 -4.42 24.87
N LYS D 65 31.90 -3.81 23.75
CA LYS D 65 33.10 -4.16 22.99
C LYS D 65 34.39 -3.94 23.76
N ASP D 66 34.33 -3.11 24.79
CA ASP D 66 35.47 -2.88 25.66
C ASP D 66 35.84 -4.15 26.41
N TYR D 67 34.83 -4.93 26.74
CA TYR D 67 35.00 -6.00 27.72
C TYR D 67 35.32 -7.39 27.16
N ARG D 68 35.54 -7.47 25.85
CA ARG D 68 35.93 -8.72 25.20
CA ARG D 68 35.92 -8.74 25.21
C ARG D 68 37.12 -9.36 25.91
N GLY D 69 37.03 -10.66 26.16
CA GLY D 69 38.06 -11.39 26.89
C GLY D 69 37.60 -11.65 28.30
N LYS D 70 36.59 -10.90 28.75
CA LYS D 70 36.02 -11.05 30.08
C LYS D 70 34.56 -11.47 30.02
N TYR D 71 34.11 -12.18 31.05
CA TYR D 71 32.68 -12.37 31.27
C TYR D 71 32.11 -11.05 31.75
N VAL D 72 30.84 -10.80 31.47
CA VAL D 72 30.22 -9.56 31.89
C VAL D 72 28.85 -9.78 32.53
N VAL D 73 28.72 -9.33 33.77
CA VAL D 73 27.42 -9.34 34.42
C VAL D 73 26.83 -7.95 34.39
N LEU D 74 25.78 -7.80 33.59
CA LEU D 74 25.09 -6.52 33.48
C LEU D 74 23.81 -6.64 34.29
N PHE D 75 23.56 -5.74 35.22
CA PHE D 75 22.27 -5.77 35.91
C PHE D 75 21.58 -4.41 36.03
N PHE D 76 20.26 -4.44 35.87
CA PHE D 76 19.45 -3.23 35.80
C PHE D 76 18.68 -3.03 37.09
N TYR D 77 18.46 -1.78 37.47
CA TYR D 77 17.61 -1.44 38.61
C TYR D 77 16.74 -0.23 38.27
N PRO D 78 15.54 -0.15 38.88
CA PRO D 78 14.56 0.88 38.48
C PRO D 78 15.02 2.34 38.64
N ALA D 79 15.58 2.70 39.80
CA ALA D 79 15.93 4.10 40.02
C ALA D 79 17.05 4.34 41.04
N ASP D 80 17.72 5.47 40.89
CA ASP D 80 18.64 5.96 41.92
C ASP D 80 17.86 6.55 43.08
N PHE D 81 18.52 6.62 44.23
CA PHE D 81 17.93 7.20 45.44
C PHE D 81 16.68 6.45 45.89
N THR D 82 16.78 5.13 45.91
CA THR D 82 15.71 4.25 46.36
C THR D 82 16.17 3.41 47.56
N PHE D 83 15.31 2.50 48.00
CA PHE D 83 15.60 1.67 49.17
C PHE D 83 16.31 0.35 48.84
N VAL D 84 15.63 -0.51 48.07
CA VAL D 84 16.14 -1.85 47.75
C VAL D 84 17.42 -1.86 46.91
N SER D 85 17.39 -1.18 45.77
CA SER D 85 18.51 -1.18 44.82
C SER D 85 19.93 -0.90 45.36
N PRO D 86 20.07 0.07 46.28
CA PRO D 86 21.43 0.27 46.83
C PRO D 86 21.97 -0.93 47.60
N THR D 87 21.10 -1.70 48.25
CA THR D 87 21.54 -2.93 48.91
C THR D 87 22.15 -3.88 47.88
N GLU D 88 21.52 -3.98 46.72
CA GLU D 88 22.01 -4.85 45.65
C GLU D 88 23.33 -4.34 45.10
N ILE D 89 23.36 -3.06 44.74
CA ILE D 89 24.55 -2.45 44.15
C ILE D 89 25.76 -2.57 45.07
N ILE D 90 25.56 -2.24 46.33
CA ILE D 90 26.59 -2.36 47.36
C ILE D 90 27.00 -3.82 47.56
N ALA D 91 26.03 -4.73 47.52
CA ALA D 91 26.32 -6.15 47.69
C ALA D 91 27.21 -6.69 46.57
N PHE D 92 26.92 -6.30 45.34
CA PHE D 92 27.72 -6.72 44.20
C PHE D 92 29.10 -6.06 44.23
N SER D 93 29.13 -4.81 44.69
CA SER D 93 30.37 -4.05 44.74
C SER D 93 31.37 -4.56 45.78
N ASP D 94 30.90 -4.82 47.00
CA ASP D 94 31.76 -5.30 48.07
C ASP D 94 32.39 -6.65 47.74
N GLN D 95 31.72 -7.40 46.87
CA GLN D 95 32.20 -8.68 46.39
C GLN D 95 32.97 -8.64 45.06
N VAL D 96 33.23 -7.43 44.56
CA VAL D 96 33.78 -7.23 43.21
C VAL D 96 34.97 -8.14 42.86
N GLU D 97 35.85 -8.37 43.83
CA GLU D 97 37.03 -9.20 43.61
C GLU D 97 36.70 -10.66 43.33
N GLU D 98 35.57 -11.12 43.86
CA GLU D 98 35.10 -12.47 43.57
C GLU D 98 34.83 -12.66 42.08
N PHE D 99 34.28 -11.61 41.46
CA PHE D 99 34.02 -11.63 40.02
C PHE D 99 35.30 -11.37 39.24
N ASN D 100 36.11 -10.44 39.72
CA ASN D 100 37.39 -10.11 39.10
C ASN D 100 38.30 -11.32 38.99
N SER D 101 38.27 -12.17 40.01
CA SER D 101 39.09 -13.38 40.03
C SER D 101 38.49 -14.44 39.11
N ARG D 102 37.21 -14.28 38.78
CA ARG D 102 36.54 -15.19 37.84
C ARG D 102 36.57 -14.68 36.41
N ASN D 103 37.31 -13.57 36.21
CA ASN D 103 37.41 -12.90 34.91
C ASN D 103 36.07 -12.36 34.47
N CYS D 104 35.37 -11.71 35.39
CA CYS D 104 34.05 -11.15 35.12
C CYS D 104 33.98 -9.66 35.48
N GLN D 105 33.25 -8.92 34.66
CA GLN D 105 33.04 -7.50 34.93
C GLN D 105 31.59 -7.24 35.28
N VAL D 106 31.36 -6.78 36.51
CA VAL D 106 30.02 -6.45 36.95
C VAL D 106 29.72 -4.98 36.69
N ILE D 107 28.63 -4.73 35.96
CA ILE D 107 28.23 -3.38 35.62
C ILE D 107 26.78 -3.18 36.03
N ALA D 108 26.50 -2.07 36.69
CA ALA D 108 25.12 -1.77 37.08
C ALA D 108 24.54 -0.76 36.09
N CYS D 109 23.25 -0.84 35.78
CA CYS D 109 22.68 0.12 34.84
C CYS D 109 21.28 0.59 35.22
N SER D 110 21.06 1.90 35.10
CA SER D 110 19.72 2.45 35.32
C SER D 110 19.39 3.58 34.34
N THR D 111 18.13 3.98 34.30
CA THR D 111 17.70 4.99 33.33
C THR D 111 18.02 6.42 33.78
N ASP D 112 18.58 6.53 34.99
CA ASP D 112 19.00 7.81 35.53
C ASP D 112 20.18 8.34 34.73
N SER D 113 20.42 9.65 34.85
CA SER D 113 21.58 10.26 34.20
C SER D 113 22.87 9.88 34.93
N GLN D 114 23.99 10.38 34.43
CA GLN D 114 25.29 10.10 35.03
C GLN D 114 25.50 11.01 36.24
N TYR D 115 24.76 12.11 36.29
CA TYR D 115 24.87 13.06 37.37
C TYR D 115 24.14 12.54 38.61
N SER D 116 22.96 11.97 38.41
CA SER D 116 22.24 11.29 39.47
C SER D 116 23.08 10.16 40.02
N HIS D 117 23.68 9.41 39.11
CA HIS D 117 24.59 8.32 39.45
C HIS D 117 25.73 8.82 40.33
N LEU D 118 26.36 9.91 39.90
CA LEU D 118 27.50 10.48 40.61
C LEU D 118 27.13 10.95 42.00
N ALA D 119 26.03 11.70 42.10
CA ALA D 119 25.58 12.23 43.37
C ALA D 119 25.22 11.11 44.33
N TRP D 120 24.60 10.06 43.79
CA TRP D 120 24.23 8.91 44.60
C TRP D 120 25.50 8.18 45.07
N ASP D 121 26.53 8.19 44.23
CA ASP D 121 27.78 7.56 44.55
C ASP D 121 28.58 8.36 45.59
N ASN D 122 28.39 9.67 45.62
CA ASN D 122 29.09 10.48 46.62
C ASN D 122 28.45 10.42 47.99
N LEU D 123 27.13 10.20 47.97
CA LEU D 123 26.34 10.14 49.19
C LEU D 123 26.75 8.94 50.04
N ASP D 124 26.82 9.14 51.35
CA ASP D 124 27.26 8.09 52.26
C ASP D 124 26.20 7.01 52.43
N ARG D 125 26.64 5.80 52.74
CA ARG D 125 25.76 4.64 52.89
C ARG D 125 24.79 4.81 54.05
N LYS D 126 25.32 5.32 55.16
CA LYS D 126 24.51 5.63 56.34
C LYS D 126 23.41 6.60 55.94
N SER D 127 23.68 7.43 54.94
CA SER D 127 22.72 8.41 54.46
C SER D 127 21.90 7.87 53.28
N GLY D 128 22.12 6.61 52.94
CA GLY D 128 21.35 5.97 51.89
C GLY D 128 22.05 6.03 50.55
N GLY D 129 23.27 6.52 50.55
CA GLY D 129 24.07 6.59 49.34
C GLY D 129 24.79 5.30 49.05
N LEU D 130 25.70 5.35 48.08
CA LEU D 130 26.42 4.16 47.64
C LEU D 130 27.80 3.95 48.28
N GLY D 131 28.19 4.81 49.20
CA GLY D 131 29.56 4.76 49.68
C GLY D 131 30.46 5.17 48.53
N HIS D 132 31.38 4.31 48.12
CA HIS D 132 32.05 4.51 46.84
C HIS D 132 32.16 3.23 46.01
N MET D 133 31.61 3.28 44.80
CA MET D 133 31.42 2.09 43.97
C MET D 133 32.69 1.50 43.43
N LYS D 134 32.78 0.18 43.53
CA LYS D 134 33.89 -0.56 42.96
C LYS D 134 33.52 -1.09 41.58
N ILE D 135 32.31 -0.77 41.15
CA ILE D 135 31.81 -1.18 39.83
C ILE D 135 31.30 0.01 39.02
N PRO D 136 31.36 -0.11 37.68
CA PRO D 136 30.80 0.92 36.79
C PRO D 136 29.29 1.09 36.94
N LEU D 137 28.89 2.36 37.09
CA LEU D 137 27.48 2.72 37.18
C LEU D 137 27.06 3.38 35.88
N LEU D 138 26.25 2.64 35.11
CA LEU D 138 25.91 2.99 33.74
C LEU D 138 24.55 3.67 33.65
N ALA D 139 24.59 4.91 33.20
CA ALA D 139 23.38 5.70 32.96
C ALA D 139 22.85 5.37 31.58
N ASP D 140 21.61 4.91 31.50
CA ASP D 140 20.95 4.88 30.21
C ASP D 140 19.92 5.99 30.29
N ARG D 141 20.21 7.14 29.68
CA ARG D 141 19.28 8.26 29.75
C ARG D 141 18.36 8.31 28.53
N LYS D 142 18.74 7.54 27.51
CA LYS D 142 17.99 7.49 26.27
C LYS D 142 17.05 6.31 26.24
N GLN D 143 17.09 5.54 27.33
CA GLN D 143 16.29 4.33 27.49
C GLN D 143 16.75 3.18 26.59
N GLU D 144 17.74 3.45 25.73
CA GLU D 144 18.15 2.52 24.69
C GLU D 144 18.67 1.17 25.17
N ILE D 145 19.59 1.17 26.13
CA ILE D 145 20.16 -0.06 26.66
C ILE D 145 19.10 -0.92 27.32
N SER D 146 18.27 -0.29 28.14
CA SER D 146 17.20 -0.97 28.85
C SER D 146 16.19 -1.55 27.85
N LYS D 147 15.88 -0.78 26.81
CA LYS D 147 14.96 -1.24 25.77
C LYS D 147 15.55 -2.41 24.97
N ALA D 148 16.87 -2.41 24.82
CA ALA D 148 17.56 -3.42 24.02
C ALA D 148 17.60 -4.76 24.74
N TYR D 149 17.53 -4.73 26.07
CA TYR D 149 17.51 -5.95 26.87
C TYR D 149 16.11 -6.39 27.27
N GLY D 150 15.11 -5.63 26.82
CA GLY D 150 13.72 -5.97 27.06
C GLY D 150 13.31 -5.81 28.52
N VAL D 151 14.11 -5.07 29.29
CA VAL D 151 13.81 -4.83 30.69
C VAL D 151 13.11 -3.48 30.93
N PHE D 152 12.89 -2.72 29.86
CA PHE D 152 12.25 -1.42 29.99
C PHE D 152 10.75 -1.54 30.30
N ASP D 153 10.30 -0.77 31.28
CA ASP D 153 8.89 -0.76 31.65
C ASP D 153 8.24 0.54 31.18
N GLU D 154 7.37 0.44 30.18
CA GLU D 154 6.73 1.60 29.59
C GLU D 154 5.85 2.35 30.58
N GLU D 155 5.31 1.62 31.54
CA GLU D 155 4.44 2.21 32.56
C GLU D 155 5.21 3.07 33.54
N ASP D 156 6.54 2.97 33.48
CA ASP D 156 7.40 3.61 34.47
C ASP D 156 8.43 4.54 33.83
N GLY D 157 9.32 3.97 33.02
CA GLY D 157 10.47 4.69 32.53
C GLY D 157 11.68 4.16 33.27
N ASN D 158 11.42 3.17 34.11
CA ASN D 158 12.44 2.51 34.90
C ASN D 158 12.63 1.08 34.44
N ALA D 159 13.86 0.59 34.58
CA ALA D 159 14.16 -0.78 34.22
C ALA D 159 13.64 -1.74 35.27
N PHE D 160 13.12 -2.88 34.81
CA PHE D 160 12.87 -4.02 35.68
C PHE D 160 14.23 -4.49 36.09
N ARG D 161 14.32 -5.30 37.15
CA ARG D 161 15.65 -5.65 37.55
C ARG D 161 15.97 -6.88 36.74
N GLY D 162 16.86 -6.68 35.78
CA GLY D 162 17.40 -7.74 34.96
C GLY D 162 18.78 -8.13 35.44
N LEU D 163 19.22 -9.31 35.06
CA LEU D 163 20.61 -9.70 35.22
C LEU D 163 21.01 -10.54 34.02
N PHE D 164 22.14 -10.20 33.42
CA PHE D 164 22.56 -10.82 32.19
C PHE D 164 24.03 -11.20 32.26
N ILE D 165 24.28 -12.48 32.05
CA ILE D 165 25.64 -12.99 32.00
C ILE D 165 26.07 -13.13 30.55
N ILE D 166 27.16 -12.46 30.18
CA ILE D 166 27.64 -12.48 28.81
C ILE D 166 29.03 -13.10 28.77
N ASP D 167 29.27 -13.96 27.79
CA ASP D 167 30.53 -14.68 27.68
C ASP D 167 31.62 -13.74 27.15
N PRO D 168 32.91 -14.15 27.26
CA PRO D 168 34.00 -13.33 26.74
C PRO D 168 33.86 -12.95 25.26
N ASN D 169 33.15 -13.76 24.50
CA ASN D 169 33.00 -13.53 23.07
C ASN D 169 31.81 -12.63 22.73
N GLY D 170 31.11 -12.18 23.76
CA GLY D 170 29.97 -11.29 23.57
C GLY D 170 28.65 -12.01 23.43
N ILE D 171 28.69 -13.33 23.63
CA ILE D 171 27.49 -14.15 23.48
C ILE D 171 26.77 -14.24 24.81
N LEU D 172 25.46 -14.05 24.76
CA LEU D 172 24.62 -14.10 25.95
C LEU D 172 24.69 -15.51 26.53
N ARG D 173 24.43 -15.63 27.82
CA ARG D 173 24.44 -16.93 28.50
C ARG D 173 23.18 -17.13 29.33
N GLN D 174 23.04 -16.30 30.35
CA GLN D 174 21.89 -16.39 31.25
C GLN D 174 21.00 -15.17 31.18
N ILE D 175 19.71 -15.37 31.43
CA ILE D 175 18.75 -14.28 31.50
C ILE D 175 17.90 -14.40 32.75
N THR D 176 17.86 -13.35 33.55
CA THR D 176 16.93 -13.33 34.68
C THR D 176 16.28 -11.96 34.87
N ILE D 177 14.96 -11.97 35.03
CA ILE D 177 14.21 -10.74 35.22
C ILE D 177 13.24 -10.85 36.38
N ASN D 178 13.46 -10.01 37.40
CA ASN D 178 12.61 -9.94 38.57
C ASN D 178 11.56 -8.85 38.45
N ASP D 179 10.38 -9.09 38.99
CA ASP D 179 9.48 -7.97 39.26
C ASP D 179 10.17 -7.11 40.29
N LYS D 180 9.91 -5.81 40.24
CA LYS D 180 10.71 -4.82 40.96
C LYS D 180 10.89 -4.96 42.49
N PRO D 181 9.84 -5.37 43.23
CA PRO D 181 10.06 -5.47 44.67
C PRO D 181 11.04 -6.55 45.12
N VAL D 182 11.33 -7.53 44.27
CA VAL D 182 12.19 -8.65 44.65
C VAL D 182 13.62 -8.55 44.10
N GLY D 183 14.59 -8.60 45.00
CA GLY D 183 15.99 -8.42 44.64
C GLY D 183 16.71 -9.70 44.23
N ARG D 184 17.98 -9.55 43.85
CA ARG D 184 18.75 -10.64 43.26
C ARG D 184 19.93 -11.09 44.12
N SER D 185 20.33 -12.35 43.95
CA SER D 185 21.38 -12.95 44.78
C SER D 185 22.74 -12.95 44.12
N VAL D 186 23.76 -12.54 44.88
CA VAL D 186 25.14 -12.55 44.43
C VAL D 186 25.67 -13.98 44.32
N ASP D 187 25.37 -14.79 45.33
CA ASP D 187 25.83 -16.18 45.37
C ASP D 187 25.30 -17.02 44.21
N GLU D 188 24.05 -16.79 43.84
CA GLU D 188 23.47 -17.47 42.69
C GLU D 188 24.13 -17.05 41.39
N THR D 189 24.48 -15.77 41.29
CA THR D 189 25.21 -15.26 40.14
C THR D 189 26.55 -15.95 40.04
N LEU D 190 27.27 -16.01 41.16
CA LEU D 190 28.55 -16.71 41.22
C LEU D 190 28.41 -18.16 40.79
N ARG D 191 27.38 -18.83 41.28
CA ARG D 191 27.12 -20.22 40.92
C ARG D 191 26.93 -20.38 39.41
N LEU D 192 26.05 -19.56 38.84
CA LEU D 192 25.83 -19.55 37.40
C LEU D 192 27.13 -19.37 36.63
N LEU D 193 27.93 -18.39 37.05
CA LEU D 193 29.20 -18.12 36.40
C LEU D 193 30.12 -19.34 36.41
N ASP D 194 30.28 -19.92 37.61
CA ASP D 194 31.03 -21.15 37.80
C ASP D 194 30.57 -22.24 36.86
N ALA D 195 29.26 -22.40 36.76
CA ALA D 195 28.66 -23.43 35.93
C ALA D 195 28.96 -23.23 34.45
N PHE D 196 28.83 -21.99 33.98
CA PHE D 196 29.13 -21.68 32.59
C PHE D 196 30.60 -21.95 32.26
N GLN D 197 31.48 -21.43 33.11
CA GLN D 197 32.93 -21.60 32.88
C GLN D 197 33.37 -23.07 32.96
N PHE D 198 32.70 -23.83 33.82
CA PHE D 198 32.97 -25.26 33.92
C PHE D 198 32.46 -25.97 32.67
N VAL D 199 31.34 -25.48 32.14
CA VAL D 199 30.80 -26.01 30.90
C VAL D 199 31.81 -25.84 29.78
N GLU D 200 32.21 -24.60 29.53
CA GLU D 200 33.16 -24.37 28.43
C GLU D 200 34.66 -24.64 28.67
N LYS D 201 35.18 -24.16 29.80
CA LYS D 201 36.63 -24.10 30.03
C LYS D 201 37.39 -23.55 28.82
N LEU E 40 3.69 23.99 17.30
CA LEU E 40 3.59 24.49 18.67
C LEU E 40 3.46 26.00 18.67
N LEU E 41 2.23 26.49 18.51
CA LEU E 41 1.98 27.93 18.43
C LEU E 41 1.17 28.46 19.61
N PRO E 42 1.35 29.75 19.93
CA PRO E 42 0.61 30.23 21.10
C PRO E 42 -0.76 30.87 20.85
N ASN E 43 -1.62 30.31 20.01
CA ASN E 43 -3.06 30.54 20.18
C ASN E 43 -3.78 29.28 20.66
N ARG E 44 -3.05 28.17 20.68
CA ARG E 44 -3.64 26.84 20.86
C ARG E 44 -3.69 26.40 22.31
N PRO E 45 -4.58 25.46 22.64
CA PRO E 45 -4.55 24.81 23.96
C PRO E 45 -3.19 24.18 24.20
N ALA E 46 -2.65 24.37 25.41
CA ALA E 46 -1.38 23.78 25.77
C ALA E 46 -1.51 22.27 25.85
N PRO E 47 -0.45 21.54 25.46
CA PRO E 47 -0.41 20.09 25.62
C PRO E 47 -0.62 19.71 27.07
N GLU E 48 -1.51 18.76 27.32
CA GLU E 48 -1.80 18.32 28.67
C GLU E 48 -0.62 17.54 29.24
N PHE E 49 -0.21 17.88 30.46
CA PHE E 49 0.78 17.08 31.17
C PHE E 49 0.19 16.50 32.46
N LYS E 50 0.66 15.31 32.81
CA LYS E 50 0.24 14.61 34.02
C LYS E 50 1.51 13.97 34.59
N GLY E 51 1.66 13.95 35.91
CA GLY E 51 2.85 13.36 36.47
C GLY E 51 3.10 13.54 37.96
N GLN E 52 4.09 12.79 38.44
CA GLN E 52 4.48 12.84 39.84
C GLN E 52 5.31 14.09 40.11
N ALA E 53 4.85 14.89 41.05
CA ALA E 53 5.57 16.09 41.45
C ALA E 53 5.98 15.99 42.91
N VAL E 54 7.07 16.67 43.27
CA VAL E 54 7.50 16.72 44.66
C VAL E 54 7.18 18.08 45.24
N ILE E 55 6.19 18.12 46.11
CA ILE E 55 5.74 19.36 46.72
C ILE E 55 5.93 19.26 48.23
N ASN E 56 6.81 20.10 48.77
CA ASN E 56 7.10 20.13 50.21
C ASN E 56 7.87 18.92 50.74
N GLY E 57 8.20 18.00 49.84
CA GLY E 57 8.92 16.79 50.22
C GLY E 57 8.07 15.53 50.18
N GLU E 58 6.87 15.65 49.63
CA GLU E 58 6.00 14.49 49.45
C GLU E 58 5.68 14.26 47.97
N PHE E 59 5.37 13.01 47.62
CA PHE E 59 5.00 12.70 46.25
C PHE E 59 3.52 12.96 46.02
N LYS E 60 3.22 13.87 45.10
CA LYS E 60 1.83 14.23 44.78
C LYS E 60 1.60 14.30 43.28
N GLU E 61 0.56 13.60 42.83
CA GLU E 61 0.21 13.57 41.42
C GLU E 61 -0.43 14.88 40.99
N ILE E 62 0.10 15.50 39.94
CA ILE E 62 -0.48 16.73 39.42
C ILE E 62 -0.68 16.68 37.90
N CYS E 63 -1.62 17.48 37.41
CA CYS E 63 -1.84 17.59 35.98
C CYS E 63 -2.26 19.03 35.66
N LEU E 64 -2.11 19.43 34.41
CA LEU E 64 -2.31 20.82 34.01
C LEU E 64 -3.71 21.34 34.36
N LYS E 65 -4.70 20.48 34.26
CA LYS E 65 -6.09 20.87 34.49
C LYS E 65 -6.39 21.08 35.97
N ASP E 66 -5.51 20.59 36.83
CA ASP E 66 -5.58 20.91 38.25
C ASP E 66 -5.42 22.41 38.43
N TYR E 67 -4.74 23.02 37.48
CA TYR E 67 -4.39 24.44 37.56
C TYR E 67 -5.30 25.43 36.82
N ARG E 68 -6.42 24.95 36.29
CA ARG E 68 -7.39 25.83 35.64
C ARG E 68 -7.79 27.01 36.52
N GLY E 69 -7.87 28.19 35.91
CA GLY E 69 -8.22 29.41 36.63
C GLY E 69 -7.00 30.18 37.05
N LYS E 70 -5.83 29.55 36.91
CA LYS E 70 -4.57 30.21 37.20
C LYS E 70 -3.66 30.17 35.99
N TYR E 71 -2.74 31.11 35.91
CA TYR E 71 -1.68 31.06 34.92
C TYR E 71 -0.67 30.02 35.35
N VAL E 72 0.00 29.41 34.38
CA VAL E 72 1.00 28.40 34.66
C VAL E 72 2.28 28.67 33.88
N VAL E 73 3.40 28.81 34.58
CA VAL E 73 4.68 28.83 33.89
C VAL E 73 5.40 27.51 34.11
N LEU E 74 5.57 26.76 33.03
CA LEU E 74 6.23 25.47 33.08
C LEU E 74 7.63 25.61 32.48
N PHE E 75 8.66 25.46 33.29
CA PHE E 75 10.02 25.47 32.74
C PHE E 75 10.79 24.16 32.91
N PHE E 76 11.56 23.82 31.88
CA PHE E 76 12.28 22.56 31.82
C PHE E 76 13.77 22.80 32.07
N TYR E 77 14.44 21.80 32.62
CA TYR E 77 15.89 21.83 32.75
C TYR E 77 16.46 20.43 32.46
N PRO E 78 17.70 20.36 31.96
CA PRO E 78 18.24 19.08 31.53
C PRO E 78 18.36 18.00 32.60
N ALA E 79 18.94 18.31 33.76
CA ALA E 79 19.15 17.26 34.75
C ALA E 79 19.28 17.73 36.19
N ASP E 80 18.95 16.84 37.12
CA ASP E 80 19.21 17.05 38.52
C ASP E 80 20.70 16.94 38.78
N PHE E 81 21.14 17.51 39.90
CA PHE E 81 22.54 17.48 40.29
C PHE E 81 23.44 18.03 39.20
N THR E 82 23.03 19.15 38.61
CA THR E 82 23.83 19.82 37.60
C THR E 82 24.29 21.18 38.09
N PHE E 83 25.11 21.85 37.29
CA PHE E 83 25.74 23.09 37.75
C PHE E 83 24.91 24.38 37.63
N VAL E 84 24.32 24.64 36.47
CA VAL E 84 23.57 25.89 36.29
C VAL E 84 22.04 25.80 36.52
N SER E 85 21.50 24.60 36.60
CA SER E 85 20.07 24.39 36.82
C SER E 85 19.54 24.81 38.21
N PRO E 86 20.23 24.37 39.29
CA PRO E 86 19.77 24.74 40.63
C PRO E 86 19.69 26.24 40.84
N THR E 87 20.57 27.02 40.22
CA THR E 87 20.54 28.46 40.40
C THR E 87 19.28 29.05 39.77
N GLU E 88 18.93 28.57 38.59
CA GLU E 88 17.69 28.97 37.93
C GLU E 88 16.50 28.66 38.82
N ILE E 89 16.37 27.39 39.18
CA ILE E 89 15.22 26.92 39.95
C ILE E 89 15.09 27.66 41.29
N ILE E 90 16.22 27.81 41.97
CA ILE E 90 16.25 28.55 43.23
C ILE E 90 15.86 30.00 43.02
N ALA E 91 16.29 30.60 41.92
CA ALA E 91 15.93 31.98 41.61
C ALA E 91 14.44 32.14 41.41
N PHE E 92 13.82 31.16 40.76
CA PHE E 92 12.38 31.16 40.59
C PHE E 92 11.65 30.90 41.92
N SER E 93 12.28 30.15 42.82
CA SER E 93 11.66 29.79 44.09
C SER E 93 11.74 30.90 45.12
N ASP E 94 12.85 31.63 45.15
CA ASP E 94 13.03 32.71 46.10
C ASP E 94 12.12 33.88 45.73
N GLN E 95 11.73 33.93 44.46
CA GLN E 95 10.77 34.91 43.97
C GLN E 95 9.31 34.41 43.84
N VAL E 96 9.05 33.21 44.33
CA VAL E 96 7.74 32.54 44.14
C VAL E 96 6.52 33.42 44.42
N GLU E 97 6.61 34.27 45.44
CA GLU E 97 5.48 35.09 45.85
C GLU E 97 5.15 36.15 44.80
N GLU E 98 6.14 36.52 44.01
CA GLU E 98 5.94 37.41 42.87
C GLU E 98 4.96 36.76 41.89
N PHE E 99 5.06 35.45 41.75
CA PHE E 99 4.14 34.71 40.89
C PHE E 99 2.81 34.41 41.57
N ASN E 100 2.83 34.27 42.90
CA ASN E 100 1.61 34.03 43.64
C ASN E 100 0.66 35.24 43.62
N SER E 101 1.22 36.43 43.61
CA SER E 101 0.43 37.65 43.57
C SER E 101 -0.25 37.80 42.21
N ARG E 102 0.34 37.18 41.20
CA ARG E 102 -0.15 37.26 39.83
C ARG E 102 -1.06 36.10 39.44
N ASN E 103 -1.42 35.26 40.41
CA ASN E 103 -2.34 34.13 40.18
C ASN E 103 -1.68 33.11 39.24
N CYS E 104 -0.38 32.93 39.42
CA CYS E 104 0.38 32.06 38.55
C CYS E 104 1.09 30.94 39.31
N GLN E 105 1.04 29.74 38.76
CA GLN E 105 1.75 28.61 39.34
C GLN E 105 3.01 28.32 38.55
N VAL E 106 4.14 28.34 39.22
CA VAL E 106 5.40 27.95 38.60
C VAL E 106 5.60 26.46 38.82
N ILE E 107 5.98 25.75 37.77
CA ILE E 107 6.31 24.34 37.88
C ILE E 107 7.62 24.05 37.19
N ALA E 108 8.55 23.44 37.92
CA ALA E 108 9.80 22.99 37.32
C ALA E 108 9.57 21.57 36.87
N CYS E 109 10.17 21.18 35.75
CA CYS E 109 10.00 19.81 35.26
C CYS E 109 11.24 19.27 34.57
N SER E 110 11.56 18.00 34.80
CA SER E 110 12.66 17.37 34.08
C SER E 110 12.42 15.88 33.89
N THR E 111 13.36 15.23 33.21
CA THR E 111 13.21 13.81 32.90
C THR E 111 13.69 12.86 34.01
N ASP E 112 14.17 13.43 35.11
CA ASP E 112 14.61 12.64 36.25
C ASP E 112 13.42 12.03 36.98
N SER E 113 13.67 10.95 37.71
CA SER E 113 12.62 10.32 38.51
C SER E 113 12.33 11.16 39.74
N GLN E 114 11.15 10.95 40.32
CA GLN E 114 10.72 11.65 41.52
C GLN E 114 11.67 11.44 42.70
N TYR E 115 12.42 10.35 42.65
CA TYR E 115 13.36 10.03 43.70
C TYR E 115 14.61 10.90 43.60
N SER E 116 15.02 11.20 42.37
CA SER E 116 16.10 12.15 42.12
C SER E 116 15.68 13.55 42.54
N HIS E 117 14.45 13.93 42.18
CA HIS E 117 13.88 15.20 42.60
C HIS E 117 13.86 15.33 44.11
N LEU E 118 13.41 14.28 44.80
CA LEU E 118 13.32 14.32 46.26
C LEU E 118 14.70 14.41 46.89
N ALA E 119 15.62 13.57 46.42
CA ALA E 119 16.98 13.54 46.93
C ALA E 119 17.69 14.87 46.73
N TRP E 120 17.48 15.46 45.56
CA TRP E 120 18.08 16.74 45.22
C TRP E 120 17.49 17.85 46.07
N ASP E 121 16.18 17.80 46.27
CA ASP E 121 15.46 18.86 46.99
C ASP E 121 15.70 18.82 48.51
N ASN E 122 16.00 17.63 49.04
CA ASN E 122 16.31 17.56 50.47
C ASN E 122 17.69 18.12 50.77
N LEU E 123 18.65 17.80 49.91
CA LEU E 123 20.04 18.22 50.10
C LEU E 123 20.19 19.75 50.13
N ASP E 124 20.96 20.24 51.09
CA ASP E 124 21.25 21.66 51.22
C ASP E 124 22.16 22.14 50.08
N ARG E 125 22.14 23.44 49.83
CA ARG E 125 22.87 24.02 48.71
C ARG E 125 24.37 24.05 48.97
N LYS E 126 24.73 24.17 50.25
CA LYS E 126 26.12 24.11 50.68
C LYS E 126 26.73 22.78 50.23
N SER E 127 25.89 21.75 50.17
CA SER E 127 26.29 20.43 49.70
C SER E 127 25.96 20.21 48.22
N GLY E 128 25.40 21.22 47.58
CA GLY E 128 25.12 21.14 46.14
C GLY E 128 23.68 20.85 45.76
N GLY E 129 22.78 20.91 46.73
CA GLY E 129 21.37 20.67 46.48
C GLY E 129 20.58 21.95 46.32
N LEU E 130 19.25 21.84 46.35
CA LEU E 130 18.38 22.98 46.14
C LEU E 130 17.97 23.65 47.44
N GLY E 131 18.26 23.01 48.57
CA GLY E 131 17.59 23.34 49.80
C GLY E 131 16.12 23.00 49.60
N HIS E 132 15.25 23.42 50.51
CA HIS E 132 13.84 23.09 50.38
C HIS E 132 13.06 24.27 49.81
N MET E 133 12.54 24.11 48.59
CA MET E 133 12.04 25.24 47.80
C MET E 133 10.55 25.19 47.44
N LYS E 134 10.02 26.36 47.06
CA LYS E 134 8.57 26.60 47.06
C LYS E 134 7.80 26.29 45.78
N ILE E 135 8.47 25.73 44.78
CA ILE E 135 7.77 25.34 43.54
C ILE E 135 7.81 23.84 43.30
N PRO E 136 6.75 23.29 42.67
CA PRO E 136 6.64 21.86 42.37
C PRO E 136 7.74 21.35 41.43
N LEU E 137 8.27 20.17 41.74
CA LEU E 137 9.26 19.52 40.90
C LEU E 137 8.63 18.31 40.21
N LEU E 138 8.42 18.44 38.91
CA LEU E 138 7.73 17.44 38.13
C LEU E 138 8.71 16.49 37.44
N ALA E 139 8.50 15.20 37.68
CA ALA E 139 9.30 14.16 37.06
C ALA E 139 8.66 13.75 35.75
N ASP E 140 9.40 13.87 34.64
CA ASP E 140 8.93 13.29 33.41
C ASP E 140 9.85 12.10 33.13
N ARG E 141 9.46 10.92 33.59
CA ARG E 141 10.32 9.74 33.46
C ARG E 141 10.12 9.00 32.14
N LYS E 142 8.87 8.99 31.68
CA LYS E 142 8.47 8.30 30.46
C LYS E 142 8.71 9.23 29.28
N GLN E 143 9.22 10.42 29.57
CA GLN E 143 9.61 11.42 28.59
C GLN E 143 8.45 11.93 27.74
N GLU E 144 7.24 11.82 28.26
CA GLU E 144 6.05 12.27 27.53
C GLU E 144 5.97 13.78 27.49
N ILE E 145 6.11 14.40 28.66
CA ILE E 145 5.89 15.83 28.83
C ILE E 145 6.87 16.67 28.02
N SER E 146 8.13 16.27 28.03
CA SER E 146 9.15 16.95 27.25
C SER E 146 8.92 16.82 25.76
N LYS E 147 8.47 15.66 25.32
CA LYS E 147 8.23 15.41 23.90
C LYS E 147 6.99 16.14 23.41
N ALA E 148 5.99 16.27 24.27
CA ALA E 148 4.74 16.93 23.92
C ALA E 148 4.92 18.44 23.87
N TYR E 149 5.91 18.95 24.61
CA TYR E 149 6.21 20.37 24.59
C TYR E 149 7.36 20.72 23.65
N GLY E 150 7.92 19.71 22.99
CA GLY E 150 8.95 19.93 21.99
C GLY E 150 10.30 20.34 22.55
N VAL E 151 10.49 20.14 23.85
CA VAL E 151 11.76 20.46 24.49
C VAL E 151 12.68 19.24 24.67
N PHE E 152 12.25 18.08 24.20
CA PHE E 152 13.02 16.85 24.40
C PHE E 152 14.20 16.75 23.42
N ASP E 153 15.40 16.68 23.98
CA ASP E 153 16.61 16.48 23.20
C ASP E 153 16.82 14.98 23.07
N GLU E 154 17.16 14.53 21.87
CA GLU E 154 17.40 13.10 21.62
C GLU E 154 18.87 12.67 21.59
N GLU E 155 19.80 13.60 21.79
CA GLU E 155 21.22 13.27 21.83
C GLU E 155 21.54 12.64 23.18
N ASP E 156 20.87 13.16 24.20
CA ASP E 156 20.83 12.54 25.52
C ASP E 156 19.35 12.42 25.86
N GLY E 157 19.03 12.06 27.09
CA GLY E 157 17.64 11.93 27.48
C GLY E 157 17.03 13.15 28.14
N ASN E 158 17.58 14.34 27.85
CA ASN E 158 17.27 15.52 28.65
C ASN E 158 16.45 16.56 27.90
N ALA E 159 15.75 17.39 28.67
CA ALA E 159 14.97 18.48 28.11
C ALA E 159 15.84 19.73 27.96
N PHE E 160 15.62 20.45 26.86
CA PHE E 160 16.17 21.79 26.69
C PHE E 160 15.50 22.70 27.68
N ARG E 161 16.07 23.88 27.92
CA ARG E 161 15.47 24.69 28.94
C ARG E 161 14.36 25.41 28.20
N GLY E 162 13.16 24.88 28.39
CA GLY E 162 11.97 25.46 27.81
C GLY E 162 11.29 26.30 28.85
N LEU E 163 10.55 27.30 28.42
CA LEU E 163 9.70 28.04 29.34
C LEU E 163 8.39 28.31 28.62
N PHE E 164 7.29 27.88 29.23
CA PHE E 164 5.99 28.06 28.60
C PHE E 164 5.01 28.73 29.54
N ILE E 165 4.37 29.78 29.04
CA ILE E 165 3.34 30.49 29.78
C ILE E 165 1.96 30.04 29.30
N ILE E 166 1.10 29.69 30.24
CA ILE E 166 -0.21 29.13 29.95
C ILE E 166 -1.30 29.91 30.69
N ASP E 167 -2.40 30.20 30.00
CA ASP E 167 -3.47 31.01 30.57
C ASP E 167 -4.46 30.18 31.41
N PRO E 168 -5.28 30.84 32.26
CA PRO E 168 -6.20 30.12 33.14
C PRO E 168 -7.13 29.13 32.44
N ASN E 169 -7.33 29.30 31.14
CA ASN E 169 -8.16 28.36 30.37
C ASN E 169 -7.37 27.25 29.70
N GLY E 170 -6.06 27.21 29.97
CA GLY E 170 -5.22 26.13 29.49
C GLY E 170 -4.73 26.32 28.07
N ILE E 171 -4.69 27.57 27.63
CA ILE E 171 -4.24 27.89 26.28
C ILE E 171 -2.83 28.47 26.31
N LEU E 172 -1.98 27.99 25.40
CA LEU E 172 -0.59 28.41 25.38
C LEU E 172 -0.45 29.86 24.91
N ARG E 173 0.39 30.60 25.63
CA ARG E 173 0.60 32.03 25.42
C ARG E 173 2.01 32.36 24.91
N GLN E 174 3.02 31.98 25.68
CA GLN E 174 4.41 32.26 25.31
C GLN E 174 5.27 30.99 25.18
N ILE E 175 6.17 30.98 24.20
CA ILE E 175 7.12 29.88 24.03
C ILE E 175 8.57 30.35 24.11
N THR E 176 9.32 29.80 25.07
CA THR E 176 10.76 30.07 25.17
C THR E 176 11.54 28.77 25.22
N ILE E 177 12.53 28.63 24.32
CA ILE E 177 13.45 27.51 24.41
C ILE E 177 14.90 27.99 24.32
N ASN E 178 15.65 27.79 25.40
CA ASN E 178 17.04 28.21 25.47
C ASN E 178 17.96 27.03 25.23
N ASP E 179 19.10 27.29 24.60
CA ASP E 179 20.15 26.27 24.49
C ASP E 179 20.63 26.02 25.91
N LYS E 180 21.06 24.78 26.16
CA LYS E 180 21.39 24.33 27.52
C LYS E 180 22.37 25.18 28.36
N PRO E 181 23.43 25.73 27.75
CA PRO E 181 24.36 26.54 28.56
C PRO E 181 23.77 27.84 29.12
N VAL E 182 22.66 28.33 28.57
CA VAL E 182 22.17 29.66 28.92
C VAL E 182 20.83 29.67 29.66
N GLY E 183 20.81 30.34 30.81
CA GLY E 183 19.65 30.36 31.69
C GLY E 183 18.59 31.41 31.39
N ARG E 184 17.50 31.38 32.15
CA ARG E 184 16.36 32.26 31.91
C ARG E 184 16.16 33.30 33.00
N SER E 185 15.57 34.43 32.62
CA SER E 185 15.31 35.52 33.55
C SER E 185 13.94 35.43 34.20
N VAL E 186 13.88 35.77 35.48
CA VAL E 186 12.62 35.85 36.20
C VAL E 186 11.94 37.19 35.93
N ASP E 187 12.73 38.23 35.71
CA ASP E 187 12.17 39.56 35.47
C ASP E 187 11.43 39.64 34.15
N GLU E 188 12.03 39.04 33.13
CA GLU E 188 11.41 38.97 31.81
C GLU E 188 10.15 38.10 31.86
N THR E 189 10.17 37.07 32.69
CA THR E 189 9.01 36.21 32.89
C THR E 189 7.86 37.00 33.50
N LEU E 190 8.15 37.75 34.55
CA LEU E 190 7.16 38.63 35.16
C LEU E 190 6.63 39.67 34.17
N ARG E 191 7.53 40.20 33.35
CA ARG E 191 7.16 41.19 32.35
C ARG E 191 6.15 40.61 31.37
N LEU E 192 6.50 39.45 30.81
CA LEU E 192 5.63 38.73 29.90
C LEU E 192 4.26 38.44 30.51
N LEU E 193 4.29 37.90 31.73
CA LEU E 193 3.05 37.56 32.45
C LEU E 193 2.16 38.79 32.61
N ASP E 194 2.79 39.92 32.93
CA ASP E 194 2.07 41.18 33.07
C ASP E 194 1.45 41.62 31.74
N ALA E 195 2.21 41.46 30.66
CA ALA E 195 1.72 41.83 29.33
C ALA E 195 0.47 41.01 28.95
N PHE E 196 0.58 39.70 29.13
CA PHE E 196 -0.53 38.79 28.81
C PHE E 196 -1.75 39.03 29.71
N GLN E 197 -1.50 39.29 30.99
CA GLN E 197 -2.59 39.59 31.91
C GLN E 197 -3.29 40.88 31.52
N PHE E 198 -2.51 41.86 31.06
CA PHE E 198 -3.12 43.10 30.61
C PHE E 198 -3.97 42.91 29.36
N VAL E 199 -3.44 42.21 28.37
CA VAL E 199 -4.16 42.03 27.10
C VAL E 199 -5.40 41.13 27.25
N GLU E 200 -5.51 40.44 28.39
CA GLU E 200 -6.63 39.54 28.65
C GLU E 200 -7.96 40.28 28.64
N MET F 38 7.47 20.36 14.88
CA MET F 38 6.61 20.84 15.95
C MET F 38 7.10 22.22 16.40
N VAL F 39 8.34 22.28 16.85
CA VAL F 39 9.00 23.56 17.13
C VAL F 39 10.49 23.41 16.90
N LEU F 40 11.15 24.50 16.53
CA LEU F 40 12.59 24.48 16.28
C LEU F 40 13.36 24.14 17.55
N LEU F 41 14.54 23.56 17.37
CA LEU F 41 15.34 23.13 18.52
C LEU F 41 16.69 23.83 18.52
N PRO F 42 17.18 24.18 19.71
CA PRO F 42 18.54 24.73 19.84
C PRO F 42 19.58 23.65 19.56
N ASN F 43 20.82 24.09 19.32
CA ASN F 43 21.92 23.18 19.03
C ASN F 43 21.73 22.34 17.77
N ARG F 44 20.95 22.88 16.84
CA ARG F 44 20.76 22.30 15.51
C ARG F 44 20.81 23.43 14.50
N PRO F 45 21.28 23.15 13.28
CA PRO F 45 21.40 24.17 12.24
C PRO F 45 20.09 24.91 12.01
N ALA F 46 20.13 26.24 12.02
CA ALA F 46 18.95 27.04 11.77
C ALA F 46 18.47 26.81 10.35
N PRO F 47 17.14 26.80 10.14
CA PRO F 47 16.58 26.68 8.80
C PRO F 47 17.12 27.77 7.88
N GLU F 48 17.59 27.38 6.69
CA GLU F 48 18.06 28.36 5.72
C GLU F 48 16.92 29.24 5.27
N PHE F 49 17.18 30.54 5.15
CA PHE F 49 16.20 31.46 4.60
C PHE F 49 16.82 32.31 3.50
N LYS F 50 16.00 32.67 2.52
CA LYS F 50 16.47 33.46 1.40
C LYS F 50 15.35 34.37 0.90
N GLY F 51 15.70 35.57 0.48
CA GLY F 51 14.67 36.43 -0.10
C GLY F 51 14.97 37.90 -0.19
N GLN F 52 13.94 38.65 -0.62
CA GLN F 52 14.03 40.09 -0.81
C GLN F 52 13.89 40.82 0.52
N ALA F 53 14.76 41.80 0.73
CA ALA F 53 14.75 42.60 1.94
C ALA F 53 14.98 44.06 1.61
N VAL F 54 14.34 44.94 2.36
CA VAL F 54 14.57 46.37 2.17
C VAL F 54 15.74 46.80 3.02
N ILE F 55 16.79 47.28 2.36
CA ILE F 55 17.99 47.73 3.05
C ILE F 55 18.40 49.11 2.54
N ASN F 56 18.37 50.09 3.44
CA ASN F 56 18.65 51.48 3.12
C ASN F 56 17.82 52.00 1.95
N GLY F 57 16.51 51.78 2.02
CA GLY F 57 15.59 52.22 0.99
C GLY F 57 15.75 51.52 -0.35
N GLU F 58 16.50 50.42 -0.37
CA GLU F 58 16.79 49.71 -1.62
C GLU F 58 16.62 48.20 -1.48
N PHE F 59 16.09 47.57 -2.52
CA PHE F 59 15.89 46.11 -2.51
C PHE F 59 17.20 45.34 -2.54
N LYS F 60 17.25 44.23 -1.80
CA LYS F 60 18.43 43.38 -1.75
CA LYS F 60 18.43 43.39 -1.78
C LYS F 60 18.02 41.92 -1.61
N GLU F 61 18.85 41.00 -2.10
CA GLU F 61 18.57 39.58 -1.92
C GLU F 61 19.52 39.04 -0.84
N ILE F 62 18.95 38.67 0.31
CA ILE F 62 19.78 38.20 1.42
C ILE F 62 19.43 36.78 1.86
N CYS F 63 20.42 36.11 2.43
CA CYS F 63 20.25 34.78 2.98
C CYS F 63 21.12 34.59 4.22
N LEU F 64 20.81 33.56 5.01
CA LEU F 64 21.52 33.30 6.26
C LEU F 64 23.02 33.03 6.05
N LYS F 65 23.38 32.53 4.87
CA LYS F 65 24.78 32.28 4.55
C LYS F 65 25.61 33.56 4.53
N ASP F 66 25.00 34.64 4.06
CA ASP F 66 25.64 35.95 3.99
C ASP F 66 26.19 36.38 5.34
N TYR F 67 25.46 36.01 6.39
CA TYR F 67 25.76 36.46 7.74
C TYR F 67 26.59 35.49 8.58
N ARG F 68 27.02 34.39 7.95
CA ARG F 68 27.89 33.43 8.62
C ARG F 68 29.18 34.12 9.07
N GLY F 69 29.64 33.78 10.26
CA GLY F 69 30.76 34.49 10.86
C GLY F 69 30.24 35.51 11.85
N LYS F 70 28.93 35.74 11.81
CA LYS F 70 28.28 36.70 12.70
C LYS F 70 27.05 36.09 13.35
N TYR F 71 26.65 36.65 14.49
CA TYR F 71 25.37 36.29 15.10
C TYR F 71 24.23 36.94 14.33
N VAL F 72 23.07 36.30 14.36
CA VAL F 72 21.88 36.88 13.75
C VAL F 72 20.70 36.79 14.70
N VAL F 73 19.98 37.91 14.85
CA VAL F 73 18.70 37.87 15.53
C VAL F 73 17.61 38.06 14.49
N LEU F 74 16.87 36.98 14.22
CA LEU F 74 15.82 37.02 13.23
C LEU F 74 14.47 37.05 13.92
N PHE F 75 13.75 38.17 13.82
CA PHE F 75 12.44 38.26 14.47
C PHE F 75 11.31 38.56 13.49
N PHE F 76 10.14 38.02 13.80
CA PHE F 76 8.98 38.13 12.93
C PHE F 76 7.91 39.04 13.54
N TYR F 77 7.13 39.69 12.68
CA TYR F 77 5.95 40.43 13.11
C TYR F 77 4.80 40.14 12.14
N PRO F 78 3.55 40.13 12.65
CA PRO F 78 2.40 39.69 11.85
C PRO F 78 2.15 40.50 10.57
N ALA F 79 2.15 41.83 10.65
CA ALA F 79 1.84 42.62 9.47
C ALA F 79 2.39 44.05 9.49
N ASP F 80 2.54 44.61 8.29
CA ASP F 80 2.90 46.01 8.13
C ASP F 80 1.70 46.92 8.43
N PHE F 81 1.98 48.19 8.70
CA PHE F 81 0.94 49.20 8.90
C PHE F 81 0.03 48.88 10.10
N THR F 82 0.66 48.54 11.22
CA THR F 82 -0.02 48.19 12.46
C THR F 82 0.50 49.00 13.65
N PHE F 83 0.05 48.66 14.85
CA PHE F 83 0.40 49.42 16.05
C PHE F 83 1.72 48.98 16.71
N VAL F 84 1.75 47.75 17.22
CA VAL F 84 2.88 47.27 18.04
C VAL F 84 4.13 46.87 17.24
N SER F 85 3.90 46.22 16.10
CA SER F 85 5.00 45.79 15.23
C SER F 85 6.02 46.91 14.94
N PRO F 86 5.56 48.10 14.49
CA PRO F 86 6.54 49.16 14.27
C PRO F 86 7.21 49.63 15.57
N THR F 87 6.52 49.52 16.70
CA THR F 87 7.14 49.82 17.98
C THR F 87 8.36 48.92 18.16
N GLU F 88 8.14 47.62 18.02
CA GLU F 88 9.24 46.66 18.11
C GLU F 88 10.38 46.97 17.13
N ILE F 89 10.01 47.06 15.86
CA ILE F 89 10.98 47.31 14.78
C ILE F 89 11.84 48.54 15.04
N ILE F 90 11.20 49.64 15.42
CA ILE F 90 11.90 50.89 15.70
C ILE F 90 12.81 50.73 16.92
N ALA F 91 12.28 50.10 17.96
CA ALA F 91 13.06 49.83 19.17
C ALA F 91 14.34 49.07 18.83
N PHE F 92 14.25 48.11 17.91
CA PHE F 92 15.44 47.38 17.49
C PHE F 92 16.36 48.17 16.57
N SER F 93 15.77 49.04 15.75
CA SER F 93 16.55 49.83 14.81
C SER F 93 17.41 50.87 15.51
N ASP F 94 16.83 51.55 16.50
CA ASP F 94 17.55 52.58 17.24
C ASP F 94 18.80 52.04 17.94
N GLN F 95 18.72 50.80 18.41
CA GLN F 95 19.81 50.16 19.15
C GLN F 95 20.79 49.32 18.31
N VAL F 96 20.64 49.36 16.99
CA VAL F 96 21.46 48.54 16.08
C VAL F 96 22.96 48.55 16.41
N GLU F 97 23.47 49.70 16.84
CA GLU F 97 24.86 49.81 17.26
C GLU F 97 25.21 48.94 18.47
N GLU F 98 24.20 48.58 19.26
CA GLU F 98 24.38 47.66 20.37
C GLU F 98 24.63 46.25 19.85
N PHE F 99 23.95 45.90 18.76
CA PHE F 99 24.12 44.60 18.14
C PHE F 99 25.34 44.55 17.24
N ASN F 100 25.81 45.72 16.81
CA ASN F 100 26.96 45.82 15.93
C ASN F 100 28.26 45.62 16.69
N SER F 101 28.29 46.10 17.93
CA SER F 101 29.44 45.92 18.79
C SER F 101 29.52 44.48 19.31
N ARG F 102 28.42 43.75 19.18
CA ARG F 102 28.37 42.35 19.57
C ARG F 102 28.60 41.39 18.41
N ASN F 103 28.91 41.94 17.23
CA ASN F 103 29.11 41.14 16.02
C ASN F 103 27.82 40.41 15.65
N CYS F 104 26.71 41.12 15.75
CA CYS F 104 25.39 40.55 15.51
C CYS F 104 24.56 41.37 14.53
N GLN F 105 23.80 40.67 13.69
CA GLN F 105 22.93 41.33 12.72
C GLN F 105 21.47 41.10 13.10
N VAL F 106 20.71 42.18 13.18
CA VAL F 106 19.27 42.08 13.39
C VAL F 106 18.53 42.13 12.06
N ILE F 107 17.61 41.19 11.85
CA ILE F 107 16.85 41.13 10.62
C ILE F 107 15.38 40.95 10.96
N ALA F 108 14.53 41.85 10.47
CA ALA F 108 13.09 41.75 10.73
C ALA F 108 12.43 41.02 9.57
N CYS F 109 11.38 40.23 9.84
CA CYS F 109 10.72 39.53 8.74
C CYS F 109 9.20 39.46 8.86
N SER F 110 8.51 39.60 7.73
CA SER F 110 7.05 39.46 7.73
C SER F 110 6.53 38.94 6.39
N THR F 111 5.29 38.47 6.41
CA THR F 111 4.68 37.89 5.20
C THR F 111 4.29 38.92 4.15
N ASP F 112 4.39 40.19 4.51
CA ASP F 112 4.14 41.26 3.55
C ASP F 112 5.22 41.26 2.49
N SER F 113 4.90 41.85 1.34
CA SER F 113 5.84 41.91 0.23
C SER F 113 6.92 42.95 0.50
N GLN F 114 7.86 43.08 -0.42
CA GLN F 114 8.97 44.02 -0.28
C GLN F 114 8.50 45.43 -0.58
N TYR F 115 7.40 45.53 -1.33
CA TYR F 115 6.85 46.80 -1.74
C TYR F 115 6.11 47.47 -0.58
N SER F 116 5.34 46.67 0.14
CA SER F 116 4.69 47.14 1.36
C SER F 116 5.74 47.52 2.39
N HIS F 117 6.82 46.76 2.43
CA HIS F 117 7.95 47.07 3.27
C HIS F 117 8.54 48.43 2.94
N LEU F 118 8.83 48.65 1.66
CA LEU F 118 9.44 49.89 1.22
C LEU F 118 8.53 51.08 1.50
N ALA F 119 7.24 50.89 1.25
CA ALA F 119 6.24 51.93 1.48
C ALA F 119 6.18 52.27 2.97
N TRP F 120 6.28 51.25 3.79
CA TRP F 120 6.24 51.45 5.23
C TRP F 120 7.50 52.17 5.68
N ASP F 121 8.62 51.91 5.00
CA ASP F 121 9.90 52.51 5.35
C ASP F 121 10.03 53.92 4.78
N ASN F 122 9.14 54.29 3.87
CA ASN F 122 9.15 55.65 3.35
C ASN F 122 8.35 56.60 4.24
N LEU F 123 7.54 56.02 5.12
CA LEU F 123 6.62 56.78 5.95
C LEU F 123 7.26 57.25 7.27
N ASP F 124 6.96 58.48 7.67
CA ASP F 124 7.52 59.05 8.89
C ASP F 124 6.99 58.28 10.10
N ARG F 125 7.74 58.30 11.19
CA ARG F 125 7.34 57.59 12.40
C ARG F 125 6.11 58.26 13.02
N LYS F 126 5.95 59.55 12.75
CA LYS F 126 4.81 60.30 13.25
C LYS F 126 3.55 59.98 12.43
N SER F 127 3.77 59.54 11.20
CA SER F 127 2.66 59.23 10.29
C SER F 127 2.29 57.75 10.34
N GLY F 128 2.96 57.00 11.21
CA GLY F 128 2.68 55.59 11.36
C GLY F 128 3.64 54.70 10.59
N GLY F 129 4.74 55.29 10.14
CA GLY F 129 5.75 54.55 9.41
C GLY F 129 6.94 54.19 10.26
N LEU F 130 7.99 53.71 9.60
CA LEU F 130 9.18 53.23 10.29
C LEU F 130 10.30 54.27 10.39
N GLY F 131 10.08 55.45 9.82
CA GLY F 131 11.19 56.32 9.53
C GLY F 131 11.99 55.58 8.48
N HIS F 132 13.31 55.74 8.47
CA HIS F 132 14.14 54.97 7.56
C HIS F 132 14.99 53.96 8.31
N MET F 133 14.70 52.69 8.07
CA MET F 133 15.20 51.60 8.91
C MET F 133 16.69 51.32 8.77
N LYS F 134 17.30 51.01 9.92
CA LYS F 134 18.71 50.65 9.98
C LYS F 134 18.94 49.14 9.89
N ILE F 135 17.86 48.37 9.90
CA ILE F 135 17.97 46.91 9.82
C ILE F 135 17.23 46.38 8.59
N PRO F 136 17.71 45.25 8.04
CA PRO F 136 17.05 44.67 6.87
C PRO F 136 15.60 44.27 7.15
N LEU F 137 14.72 44.72 6.27
CA LEU F 137 13.31 44.38 6.36
C LEU F 137 13.02 43.31 5.33
N LEU F 138 12.78 42.10 5.81
CA LEU F 138 12.72 40.91 4.98
C LEU F 138 11.27 40.50 4.73
N ALA F 139 10.91 40.55 3.45
CA ALA F 139 9.62 40.09 3.01
C ALA F 139 9.69 38.60 2.80
N ASP F 140 8.83 37.84 3.48
CA ASP F 140 8.64 36.48 3.05
C ASP F 140 7.21 36.46 2.51
N ARG F 141 7.09 36.48 1.18
CA ARG F 141 5.79 36.53 0.52
C ARG F 141 5.15 35.17 0.33
N LYS F 142 6.01 34.19 0.06
CA LYS F 142 5.57 32.83 -0.22
C LYS F 142 5.39 32.07 1.08
N GLN F 143 5.58 32.78 2.19
CA GLN F 143 5.38 32.25 3.53
C GLN F 143 6.33 31.07 3.80
N GLU F 144 7.44 31.03 3.09
CA GLU F 144 8.39 29.94 3.25
C GLU F 144 9.24 30.12 4.50
N ILE F 145 9.64 31.35 4.76
CA ILE F 145 10.54 31.65 5.88
C ILE F 145 9.82 31.54 7.21
N SER F 146 8.56 31.96 7.24
CA SER F 146 7.74 31.87 8.44
C SER F 146 7.43 30.42 8.76
N LYS F 147 7.19 29.62 7.73
CA LYS F 147 6.86 28.21 7.90
C LYS F 147 8.07 27.37 8.28
N ALA F 148 9.23 27.70 7.71
CA ALA F 148 10.47 27.00 8.02
C ALA F 148 10.87 27.21 9.46
N TYR F 149 10.53 28.38 10.00
CA TYR F 149 10.85 28.71 11.38
C TYR F 149 9.70 28.39 12.34
N GLY F 150 8.62 27.84 11.77
CA GLY F 150 7.52 27.31 12.56
C GLY F 150 6.57 28.34 13.15
N VAL F 151 6.76 29.60 12.77
CA VAL F 151 5.99 30.68 13.39
C VAL F 151 4.73 31.04 12.62
N PHE F 152 4.52 30.40 11.47
CA PHE F 152 3.40 30.76 10.61
C PHE F 152 2.03 30.39 11.20
N ASP F 153 1.13 31.37 11.28
CA ASP F 153 -0.23 31.11 11.74
C ASP F 153 -1.14 30.80 10.56
N GLU F 154 -1.68 29.58 10.55
CA GLU F 154 -2.55 29.13 9.47
C GLU F 154 -3.88 29.87 9.49
N GLU F 155 -4.14 30.56 10.60
CA GLU F 155 -5.42 31.23 10.77
C GLU F 155 -5.54 32.52 9.97
N ASP F 156 -4.75 33.52 10.34
CA ASP F 156 -4.84 34.82 9.68
C ASP F 156 -3.83 35.02 8.55
N GLY F 157 -2.96 34.04 8.33
CA GLY F 157 -1.97 34.12 7.29
C GLY F 157 -0.76 34.95 7.68
N ASN F 158 -0.67 35.29 8.96
CA ASN F 158 0.42 36.13 9.46
C ASN F 158 1.29 35.38 10.45
N ALA F 159 2.52 35.84 10.61
CA ALA F 159 3.44 35.22 11.56
C ALA F 159 3.20 35.68 12.99
N PHE F 160 3.31 34.75 13.92
CA PHE F 160 3.38 35.06 15.33
C PHE F 160 4.69 35.80 15.54
N ARG F 161 4.85 36.49 16.66
CA ARG F 161 6.06 37.26 16.75
C ARG F 161 7.04 36.28 17.35
N GLY F 162 7.97 35.86 16.49
CA GLY F 162 9.06 34.99 16.87
C GLY F 162 10.31 35.80 17.05
N LEU F 163 11.27 35.22 17.75
CA LEU F 163 12.61 35.76 17.78
C LEU F 163 13.55 34.58 17.83
N PHE F 164 14.59 34.60 17.01
CA PHE F 164 15.54 33.50 16.99
C PHE F 164 16.95 34.05 17.00
N ILE F 165 17.79 33.47 17.85
CA ILE F 165 19.19 33.84 17.88
C ILE F 165 20.03 32.73 17.27
N ILE F 166 20.87 33.09 16.31
CA ILE F 166 21.64 32.11 15.55
C ILE F 166 23.13 32.49 15.60
N ASP F 167 23.99 31.50 15.80
CA ASP F 167 25.40 31.77 16.03
C ASP F 167 26.16 31.98 14.71
N PRO F 168 27.48 32.30 14.78
CA PRO F 168 28.23 32.52 13.54
C PRO F 168 28.30 31.32 12.59
N ASN F 169 28.05 30.12 13.08
CA ASN F 169 28.10 28.94 12.21
C ASN F 169 26.72 28.55 11.65
N GLY F 170 25.70 29.31 11.99
CA GLY F 170 24.35 29.05 11.52
C GLY F 170 23.59 28.10 12.42
N ILE F 171 24.12 27.90 13.62
CA ILE F 171 23.52 27.00 14.59
C ILE F 171 22.49 27.75 15.44
N LEU F 172 21.30 27.19 15.55
CA LEU F 172 20.23 27.81 16.30
C LEU F 172 20.49 27.73 17.80
N ARG F 173 20.31 28.85 18.47
CA ARG F 173 20.58 28.96 19.91
C ARG F 173 19.32 29.22 20.74
N GLN F 174 18.68 30.36 20.52
CA GLN F 174 17.50 30.71 21.32
C GLN F 174 16.22 30.80 20.50
N ILE F 175 15.12 30.36 21.10
CA ILE F 175 13.82 30.43 20.44
C ILE F 175 12.75 31.11 21.31
N THR F 176 12.22 32.21 20.81
CA THR F 176 11.17 32.94 21.50
C THR F 176 9.96 33.19 20.60
N ILE F 177 8.81 32.68 21.02
CA ILE F 177 7.57 32.89 20.26
C ILE F 177 6.45 33.46 21.14
N ASN F 178 6.02 34.68 20.82
CA ASN F 178 5.01 35.38 21.61
C ASN F 178 3.66 35.39 20.92
N ASP F 179 2.58 35.36 21.71
CA ASP F 179 1.27 35.62 21.17
C ASP F 179 1.25 37.05 20.62
N LYS F 180 0.48 37.25 19.56
CA LYS F 180 0.50 38.50 18.79
C LYS F 180 0.30 39.84 19.54
N PRO F 181 -0.57 39.88 20.55
CA PRO F 181 -0.70 41.14 21.30
C PRO F 181 0.54 41.58 22.09
N VAL F 182 1.46 40.66 22.36
CA VAL F 182 2.58 40.96 23.26
C VAL F 182 3.93 41.03 22.56
N GLY F 183 4.58 42.19 22.68
CA GLY F 183 5.85 42.44 22.01
C GLY F 183 7.07 41.88 22.71
N ARG F 184 8.23 42.45 22.41
CA ARG F 184 9.51 41.93 22.89
C ARG F 184 10.45 42.98 23.46
N SER F 185 11.47 42.52 24.16
CA SER F 185 12.45 43.40 24.80
C SER F 185 13.81 43.34 24.10
N VAL F 186 14.38 44.52 23.86
CA VAL F 186 15.72 44.61 23.29
C VAL F 186 16.72 44.29 24.39
N ASP F 187 16.39 44.68 25.61
CA ASP F 187 17.22 44.42 26.78
C ASP F 187 17.46 42.93 26.97
N GLU F 188 16.37 42.15 26.95
CA GLU F 188 16.46 40.72 27.12
C GLU F 188 17.19 40.04 25.97
N THR F 189 16.93 40.50 24.75
CA THR F 189 17.61 39.99 23.56
C THR F 189 19.13 40.16 23.74
N LEU F 190 19.51 41.37 24.14
CA LEU F 190 20.90 41.69 24.44
C LEU F 190 21.47 40.78 25.52
N ARG F 191 20.67 40.53 26.56
CA ARG F 191 21.10 39.67 27.66
C ARG F 191 21.43 38.27 27.16
N LEU F 192 20.49 37.71 26.42
CA LEU F 192 20.64 36.41 25.79
C LEU F 192 21.93 36.36 24.98
N LEU F 193 22.08 37.32 24.09
CA LEU F 193 23.26 37.42 23.24
C LEU F 193 24.54 37.41 24.07
N ASP F 194 24.56 38.22 25.13
CA ASP F 194 25.70 38.29 26.04
C ASP F 194 26.01 36.95 26.69
N ALA F 195 24.98 36.23 27.11
CA ALA F 195 25.16 34.92 27.73
C ALA F 195 25.75 33.93 26.73
N PHE F 196 25.19 33.92 25.52
CA PHE F 196 25.68 33.03 24.46
C PHE F 196 27.15 33.31 24.14
N GLN F 197 27.50 34.59 24.07
CA GLN F 197 28.87 34.99 23.75
C GLN F 197 29.84 34.73 24.90
N PHE F 198 29.34 34.79 26.12
CA PHE F 198 30.16 34.48 27.28
C PHE F 198 30.41 32.97 27.33
N VAL F 199 29.43 32.20 26.89
CA VAL F 199 29.57 30.75 26.82
C VAL F 199 30.42 30.36 25.61
N GLU F 200 30.37 31.18 24.56
CA GLU F 200 31.16 30.94 23.37
C GLU F 200 32.63 31.32 23.55
N VAL G 39 -7.94 24.66 -14.66
CA VAL G 39 -8.47 26.01 -14.83
C VAL G 39 -10.00 25.98 -14.80
N LEU G 40 -10.61 27.09 -14.40
CA LEU G 40 -12.06 27.17 -14.22
C LEU G 40 -12.83 27.12 -15.53
N LEU G 41 -14.07 26.60 -15.47
CA LEU G 41 -14.97 26.59 -16.62
C LEU G 41 -16.22 27.39 -16.28
N PRO G 42 -16.75 28.15 -17.25
CA PRO G 42 -17.90 29.00 -16.91
C PRO G 42 -19.31 28.45 -17.16
N ASN G 43 -19.61 27.20 -16.83
CA ASN G 43 -21.01 26.85 -16.52
C ASN G 43 -21.27 26.53 -15.05
N ARG G 44 -20.24 26.66 -14.23
CA ARG G 44 -20.24 26.04 -12.90
C ARG G 44 -20.33 27.10 -11.82
N PRO G 45 -20.84 26.71 -10.63
CA PRO G 45 -20.85 27.62 -9.48
C PRO G 45 -19.46 28.20 -9.21
N ALA G 46 -19.39 29.51 -9.03
CA ALA G 46 -18.13 30.18 -8.75
C ALA G 46 -17.63 29.78 -7.37
N PRO G 47 -16.31 29.61 -7.23
CA PRO G 47 -15.69 29.26 -5.96
C PRO G 47 -16.03 30.26 -4.86
N GLU G 48 -16.40 29.76 -3.68
CA GLU G 48 -16.81 30.62 -2.58
C GLU G 48 -15.61 31.30 -1.94
N PHE G 49 -15.74 32.59 -1.67
CA PHE G 49 -14.71 33.31 -0.91
C PHE G 49 -15.27 34.00 0.34
N LYS G 50 -14.43 34.07 1.37
CA LYS G 50 -14.76 34.76 2.61
C LYS G 50 -13.52 35.51 3.05
N GLY G 51 -13.64 36.81 3.30
CA GLY G 51 -12.45 37.58 3.62
C GLY G 51 -12.64 38.96 4.21
N GLN G 52 -11.51 39.59 4.52
CA GLN G 52 -11.50 40.92 5.10
C GLN G 52 -11.34 41.94 3.99
N ALA G 53 -12.31 42.83 3.88
CA ALA G 53 -12.31 43.84 2.83
C ALA G 53 -12.31 45.26 3.40
N VAL G 54 -11.75 46.18 2.66
CA VAL G 54 -11.76 47.58 3.04
C VAL G 54 -12.80 48.31 2.21
N ILE G 55 -13.82 48.84 2.89
CA ILE G 55 -14.94 49.48 2.23
C ILE G 55 -15.19 50.84 2.89
N ASN G 56 -15.16 51.90 2.08
CA ASN G 56 -15.29 53.26 2.57
C ASN G 56 -14.23 53.62 3.60
N GLY G 57 -13.12 52.87 3.57
CA GLY G 57 -12.04 53.08 4.51
C GLY G 57 -12.21 52.32 5.83
N GLU G 58 -13.04 51.29 5.84
CA GLU G 58 -13.20 50.48 7.05
C GLU G 58 -13.26 48.99 6.77
N PHE G 59 -12.72 48.19 7.70
CA PHE G 59 -12.73 46.75 7.58
C PHE G 59 -14.13 46.18 7.76
N LYS G 60 -14.56 45.40 6.77
CA LYS G 60 -15.80 44.63 6.86
C LYS G 60 -15.56 43.23 6.30
N GLU G 61 -16.24 42.24 6.84
CA GLU G 61 -16.08 40.87 6.35
C GLU G 61 -17.06 40.56 5.23
N ILE G 62 -16.55 40.19 4.07
CA ILE G 62 -17.40 39.93 2.93
C ILE G 62 -17.33 38.48 2.43
N CYS G 63 -18.44 38.04 1.84
CA CYS G 63 -18.54 36.73 1.21
C CYS G 63 -19.14 36.94 -0.17
N LEU G 64 -18.97 35.95 -1.05
CA LEU G 64 -19.55 36.00 -2.37
C LEU G 64 -21.08 35.90 -2.29
N LYS G 65 -21.56 35.25 -1.24
CA LYS G 65 -22.99 35.03 -1.07
C LYS G 65 -23.74 36.27 -0.62
N ASP G 66 -23.02 37.25 -0.08
CA ASP G 66 -23.63 38.50 0.32
C ASP G 66 -24.13 39.24 -0.92
N TYR G 67 -23.50 38.93 -2.05
CA TYR G 67 -23.76 39.60 -3.31
C TYR G 67 -24.69 38.87 -4.28
N ARG G 68 -25.25 37.75 -3.85
CA ARG G 68 -26.23 37.01 -4.65
C ARG G 68 -27.43 37.89 -5.00
N GLY G 69 -27.96 37.73 -6.20
CA GLY G 69 -29.00 38.61 -6.71
C GLY G 69 -28.36 39.70 -7.56
N LYS G 70 -27.05 39.78 -7.49
CA LYS G 70 -26.28 40.76 -8.25
C LYS G 70 -25.20 40.05 -9.04
N TYR G 71 -24.81 40.65 -10.16
CA TYR G 71 -23.62 40.22 -10.87
C TYR G 71 -22.41 40.64 -10.05
N VAL G 72 -21.30 39.93 -10.23
CA VAL G 72 -20.09 40.24 -9.50
C VAL G 72 -18.88 40.14 -10.40
N VAL G 73 -18.06 41.18 -10.43
CA VAL G 73 -16.78 41.13 -11.11
C VAL G 73 -15.67 41.06 -10.07
N LEU G 74 -15.01 39.92 -9.97
CA LEU G 74 -13.91 39.76 -9.03
C LEU G 74 -12.58 39.81 -9.77
N PHE G 75 -11.79 40.85 -9.55
CA PHE G 75 -10.50 40.94 -10.23
C PHE G 75 -9.29 41.07 -9.31
N PHE G 76 -8.20 40.42 -9.72
CA PHE G 76 -7.01 40.25 -8.90
C PHE G 76 -5.85 41.07 -9.45
N TYR G 77 -4.94 41.46 -8.55
CA TYR G 77 -3.71 42.17 -8.93
C TYR G 77 -2.58 41.72 -7.98
N PRO G 78 -1.34 41.72 -8.47
CA PRO G 78 -0.23 41.13 -7.71
C PRO G 78 0.05 41.74 -6.33
N ALA G 79 0.19 43.06 -6.25
CA ALA G 79 0.56 43.66 -4.96
C ALA G 79 0.21 45.12 -4.80
N ASP G 80 0.15 45.56 -3.56
CA ASP G 80 -0.01 46.96 -3.22
C ASP G 80 1.31 47.72 -3.35
N PHE G 81 1.20 49.05 -3.51
CA PHE G 81 2.36 49.93 -3.62
C PHE G 81 3.21 49.58 -4.85
N THR G 82 2.52 49.48 -5.98
CA THR G 82 3.12 49.15 -7.26
C THR G 82 2.64 50.16 -8.30
N PHE G 83 2.92 49.89 -9.57
CA PHE G 83 2.67 50.88 -10.62
C PHE G 83 1.40 50.71 -11.51
N VAL G 84 1.30 49.60 -12.22
CA VAL G 84 0.15 49.38 -13.12
C VAL G 84 -1.17 49.13 -12.38
N SER G 85 -1.09 48.35 -11.30
CA SER G 85 -2.27 48.02 -10.50
C SER G 85 -3.08 49.23 -10.03
N PRO G 86 -2.41 50.29 -9.52
CA PRO G 86 -3.24 51.44 -9.14
C PRO G 86 -4.00 52.07 -10.31
N THR G 87 -3.38 52.28 -11.46
CA THR G 87 -4.13 52.84 -12.58
C THR G 87 -5.27 51.92 -13.00
N GLU G 88 -5.08 50.60 -12.84
CA GLU G 88 -6.18 49.67 -13.09
C GLU G 88 -7.35 49.84 -12.12
N ILE G 89 -7.07 49.71 -10.82
CA ILE G 89 -8.09 49.75 -9.78
C ILE G 89 -8.82 51.09 -9.79
N ILE G 90 -8.06 52.15 -10.09
CA ILE G 90 -8.60 53.50 -10.20
C ILE G 90 -9.49 53.64 -11.44
N ALA G 91 -9.06 53.07 -12.56
CA ALA G 91 -9.87 53.10 -13.77
C ALA G 91 -11.21 52.41 -13.54
N PHE G 92 -11.18 51.32 -12.78
CA PHE G 92 -12.42 50.64 -12.41
C PHE G 92 -13.24 51.42 -11.38
N SER G 93 -12.55 52.13 -10.49
CA SER G 93 -13.21 52.83 -9.40
C SER G 93 -13.95 54.07 -9.89
N ASP G 94 -13.39 54.72 -10.91
CA ASP G 94 -14.01 55.90 -11.51
C ASP G 94 -15.27 55.51 -12.27
N GLN G 95 -15.27 54.30 -12.81
CA GLN G 95 -16.37 53.81 -13.63
C GLN G 95 -17.43 53.03 -12.83
N VAL G 96 -17.31 53.04 -11.50
CA VAL G 96 -18.19 52.28 -10.61
C VAL G 96 -19.68 52.47 -10.90
N GLU G 97 -20.04 53.68 -11.33
CA GLU G 97 -21.43 53.97 -11.67
C GLU G 97 -21.91 53.16 -12.87
N GLU G 98 -20.98 52.71 -13.70
CA GLU G 98 -21.33 51.92 -14.87
C GLU G 98 -21.71 50.51 -14.45
N PHE G 99 -21.02 50.00 -13.44
CA PHE G 99 -21.30 48.68 -12.90
C PHE G 99 -22.50 48.69 -11.95
N ASN G 100 -22.79 49.87 -11.39
CA ASN G 100 -23.96 50.04 -10.55
C ASN G 100 -25.25 49.90 -11.34
N SER G 101 -25.29 50.54 -12.50
CA SER G 101 -26.48 50.52 -13.35
C SER G 101 -26.76 49.13 -13.91
N ARG G 102 -25.72 48.31 -13.99
CA ARG G 102 -25.85 46.95 -14.51
C ARG G 102 -26.11 45.92 -13.42
N ASN G 103 -26.28 46.38 -12.19
CA ASN G 103 -26.49 45.52 -11.03
C ASN G 103 -25.31 44.58 -10.83
N CYS G 104 -24.11 45.14 -10.89
CA CYS G 104 -22.89 44.37 -10.74
C CYS G 104 -21.97 45.02 -9.71
N GLN G 105 -21.36 44.20 -8.88
CA GLN G 105 -20.44 44.68 -7.87
C GLN G 105 -19.02 44.29 -8.19
N VAL G 106 -18.15 45.29 -8.28
CA VAL G 106 -16.75 45.05 -8.61
C VAL G 106 -15.94 44.97 -7.33
N ILE G 107 -15.07 43.96 -7.26
CA ILE G 107 -14.23 43.74 -6.10
C ILE G 107 -12.79 43.49 -6.52
N ALA G 108 -11.87 44.26 -5.93
CA ALA G 108 -10.45 44.07 -6.16
C ALA G 108 -9.86 43.21 -5.05
N CYS G 109 -9.01 42.27 -5.42
CA CYS G 109 -8.45 41.33 -4.46
C CYS G 109 -6.97 41.12 -4.67
N SER G 110 -6.24 40.93 -3.57
CA SER G 110 -4.79 40.73 -3.63
C SER G 110 -4.33 39.96 -2.41
N THR G 111 -3.10 39.47 -2.45
CA THR G 111 -2.56 38.68 -1.35
C THR G 111 -2.05 39.53 -0.18
N ASP G 112 -2.15 40.85 -0.32
CA ASP G 112 -1.81 41.76 0.76
C ASP G 112 -2.83 41.66 1.89
N SER G 113 -2.44 42.12 3.07
CA SER G 113 -3.35 42.17 4.21
C SER G 113 -4.33 43.32 4.05
N GLN G 114 -5.24 43.44 5.01
CA GLN G 114 -6.23 44.51 5.03
C GLN G 114 -5.56 45.81 5.44
N TYR G 115 -4.43 45.68 6.11
CA TYR G 115 -3.68 46.83 6.62
C TYR G 115 -2.90 47.52 5.51
N SER G 116 -2.25 46.73 4.66
CA SER G 116 -1.59 47.26 3.49
C SER G 116 -2.61 47.84 2.52
N HIS G 117 -3.78 47.20 2.44
CA HIS G 117 -4.86 47.71 1.61
C HIS G 117 -5.29 49.08 2.10
N LEU G 118 -5.50 49.17 3.41
CA LEU G 118 -5.94 50.42 4.03
C LEU G 118 -4.91 51.53 3.81
N ALA G 119 -3.65 51.23 4.11
CA ALA G 119 -2.58 52.21 3.95
C ALA G 119 -2.48 52.67 2.51
N TRP G 120 -2.59 51.72 1.58
CA TRP G 120 -2.53 52.03 0.16
C TRP G 120 -3.68 52.94 -0.24
N ASP G 121 -4.86 52.70 0.32
CA ASP G 121 -6.01 53.55 0.02
C ASP G 121 -5.79 54.96 0.54
N ASN G 122 -5.51 55.10 1.83
CA ASN G 122 -5.36 56.42 2.44
C ASN G 122 -4.31 57.31 1.78
N LEU G 123 -3.34 56.68 1.12
CA LEU G 123 -2.29 57.40 0.40
C LEU G 123 -2.81 58.14 -0.83
N ASP G 124 -2.04 59.13 -1.30
CA ASP G 124 -2.43 59.94 -2.45
C ASP G 124 -1.85 59.43 -3.77
N ARG G 125 -2.60 59.64 -4.85
CA ARG G 125 -2.24 59.12 -6.16
C ARG G 125 -0.94 59.68 -6.75
N LYS G 126 -0.39 60.71 -6.11
CA LYS G 126 0.92 61.23 -6.48
C LYS G 126 2.02 60.32 -5.96
N SER G 127 1.82 59.78 -4.76
CA SER G 127 2.83 58.95 -4.12
C SER G 127 2.67 57.48 -4.48
N GLY G 128 1.69 57.19 -5.35
CA GLY G 128 1.46 55.85 -5.82
C GLY G 128 0.21 55.23 -5.23
N GLY G 129 -0.31 55.87 -4.19
CA GLY G 129 -1.51 55.43 -3.52
C GLY G 129 -2.75 55.51 -4.40
N LEU G 130 -3.87 55.02 -3.89
CA LEU G 130 -5.08 54.87 -4.70
C LEU G 130 -6.01 56.07 -4.65
N GLY G 131 -5.74 57.01 -3.77
CA GLY G 131 -6.76 57.99 -3.43
C GLY G 131 -7.83 57.20 -2.70
N HIS G 132 -9.08 57.65 -2.75
CA HIS G 132 -10.13 56.90 -2.06
C HIS G 132 -11.09 56.16 -2.97
N MET G 133 -11.13 54.84 -2.79
CA MET G 133 -11.79 53.94 -3.72
C MET G 133 -13.29 53.78 -3.47
N LYS G 134 -14.04 53.65 -4.56
CA LYS G 134 -15.45 53.29 -4.49
C LYS G 134 -15.56 51.78 -4.62
N ILE G 135 -14.40 51.13 -4.81
CA ILE G 135 -14.34 49.68 -4.95
C ILE G 135 -13.72 49.01 -3.73
N PRO G 136 -14.44 48.05 -3.14
CA PRO G 136 -14.01 47.27 -1.96
C PRO G 136 -12.66 46.58 -2.19
N LEU G 137 -11.75 46.66 -1.22
CA LEU G 137 -10.47 46.00 -1.36
C LEU G 137 -10.42 44.71 -0.56
N LEU G 138 -10.48 43.57 -1.26
CA LEU G 138 -10.50 42.28 -0.60
C LEU G 138 -9.08 41.77 -0.37
N ALA G 139 -8.82 41.32 0.85
CA ALA G 139 -7.52 40.81 1.24
C ALA G 139 -7.50 39.29 1.23
N ASP G 140 -6.62 38.70 0.44
CA ASP G 140 -6.40 37.26 0.53
C ASP G 140 -5.03 37.10 1.18
N ARG G 141 -5.01 36.93 2.49
CA ARG G 141 -3.73 36.84 3.19
C ARG G 141 -3.36 35.38 3.37
N LYS G 142 -4.35 34.51 3.17
CA LYS G 142 -4.17 33.07 3.28
C LYS G 142 -3.94 32.43 1.92
N GLN G 143 -4.08 33.23 0.87
CA GLN G 143 -3.91 32.79 -0.51
C GLN G 143 -5.07 31.92 -1.01
N GLU G 144 -6.03 31.66 -0.13
CA GLU G 144 -7.20 30.85 -0.44
C GLU G 144 -7.96 31.35 -1.67
N ILE G 145 -8.27 32.64 -1.70
CA ILE G 145 -9.13 33.21 -2.74
C ILE G 145 -8.48 33.20 -4.13
N SER G 146 -7.17 33.41 -4.16
CA SER G 146 -6.43 33.38 -5.42
C SER G 146 -6.21 31.94 -5.91
N LYS G 147 -5.96 31.04 -4.97
CA LYS G 147 -5.72 29.63 -5.30
C LYS G 147 -7.00 28.94 -5.74
N ALA G 148 -8.12 29.36 -5.17
CA ALA G 148 -9.42 28.80 -5.51
C ALA G 148 -9.86 29.28 -6.89
N TYR G 149 -9.36 30.44 -7.30
CA TYR G 149 -9.62 30.95 -8.64
C TYR G 149 -8.50 30.64 -9.62
N GLY G 150 -7.46 29.96 -9.12
CA GLY G 150 -6.40 29.46 -9.97
C GLY G 150 -5.44 30.52 -10.50
N VAL G 151 -5.48 31.71 -9.92
CA VAL G 151 -4.63 32.81 -10.36
C VAL G 151 -3.35 32.96 -9.53
N PHE G 152 -3.16 32.06 -8.57
CA PHE G 152 -2.03 32.15 -7.65
C PHE G 152 -0.69 31.73 -8.27
N ASP G 153 0.28 32.63 -8.22
CA ASP G 153 1.63 32.35 -8.71
C ASP G 153 2.49 31.88 -7.55
N GLU G 154 3.10 30.72 -7.70
CA GLU G 154 3.90 30.13 -6.63
C GLU G 154 5.30 30.73 -6.59
N GLU G 155 5.68 31.40 -7.67
CA GLU G 155 7.01 32.00 -7.76
C GLU G 155 7.19 33.22 -6.85
N ASP G 156 6.34 34.24 -7.00
CA ASP G 156 6.38 35.41 -6.13
C ASP G 156 5.32 35.38 -5.03
N GLY G 157 4.45 34.38 -5.05
CA GLY G 157 3.43 34.23 -4.04
C GLY G 157 2.27 35.22 -4.12
N ASN G 158 1.99 35.73 -5.32
CA ASN G 158 0.82 36.60 -5.52
C ASN G 158 0.12 36.39 -6.87
N ALA G 159 -1.07 36.97 -7.00
CA ALA G 159 -1.95 36.68 -8.13
C ALA G 159 -1.58 37.36 -9.45
N PHE G 160 -1.84 36.65 -10.55
CA PHE G 160 -1.79 37.22 -11.89
C PHE G 160 -2.98 38.14 -12.01
N ARG G 161 -3.19 38.75 -13.17
CA ARG G 161 -4.34 39.62 -13.21
C ARG G 161 -5.55 38.84 -13.70
N GLY G 162 -6.38 38.42 -12.75
CA GLY G 162 -7.58 37.69 -13.08
C GLY G 162 -8.75 38.65 -13.10
N LEU G 163 -9.76 38.29 -13.88
CA LEU G 163 -11.05 38.96 -13.82
C LEU G 163 -12.11 37.89 -14.04
N PHE G 164 -13.06 37.82 -13.12
CA PHE G 164 -14.08 36.80 -13.18
C PHE G 164 -15.47 37.42 -13.11
N ILE G 165 -16.29 37.10 -14.10
CA ILE G 165 -17.67 37.56 -14.12
C ILE G 165 -18.59 36.45 -13.63
N ILE G 166 -19.34 36.77 -12.59
CA ILE G 166 -20.20 35.80 -11.89
C ILE G 166 -21.63 36.32 -11.91
N ASP G 167 -22.60 35.47 -12.23
CA ASP G 167 -23.99 35.94 -12.37
C ASP G 167 -24.69 36.08 -11.01
N PRO G 168 -25.94 36.60 -10.98
CA PRO G 168 -26.68 36.67 -9.72
C PRO G 168 -26.88 35.35 -8.98
N ASN G 169 -26.75 34.22 -9.66
CA ASN G 169 -26.95 32.92 -9.01
C ASN G 169 -25.66 32.27 -8.51
N GLY G 170 -24.53 32.96 -8.71
CA GLY G 170 -23.26 32.44 -8.27
C GLY G 170 -22.61 31.54 -9.29
N ILE G 171 -23.25 31.41 -10.45
CA ILE G 171 -22.71 30.61 -11.55
C ILE G 171 -21.61 31.38 -12.26
N LEU G 172 -20.48 30.73 -12.48
CA LEU G 172 -19.36 31.37 -13.15
C LEU G 172 -19.70 31.63 -14.62
N ARG G 173 -19.35 32.83 -15.09
CA ARG G 173 -19.70 33.28 -16.43
C ARG G 173 -18.46 33.57 -17.27
N GLN G 174 -17.60 34.48 -16.81
CA GLN G 174 -16.41 34.80 -17.60
C GLN G 174 -15.08 34.63 -16.85
N ILE G 175 -14.12 33.99 -17.51
CA ILE G 175 -12.75 33.91 -17.01
C ILE G 175 -11.82 34.71 -17.90
N THR G 176 -11.05 35.62 -17.30
CA THR G 176 -10.01 36.32 -18.04
C THR G 176 -8.74 36.37 -17.21
N ILE G 177 -7.62 35.91 -17.77
CA ILE G 177 -6.36 35.99 -17.03
C ILE G 177 -5.21 36.61 -17.85
N ASN G 178 -4.75 37.76 -17.38
CA ASN G 178 -3.65 38.47 -18.00
C ASN G 178 -2.34 38.30 -17.24
N ASP G 179 -1.28 38.13 -18.03
CA ASP G 179 0.09 38.21 -17.54
C ASP G 179 0.25 39.57 -16.88
N LYS G 180 1.00 39.58 -15.77
CA LYS G 180 1.12 40.74 -14.90
C LYS G 180 1.39 42.12 -15.56
N PRO G 181 2.32 42.20 -16.53
CA PRO G 181 2.60 43.52 -17.11
C PRO G 181 1.45 44.19 -17.88
N VAL G 182 0.43 43.44 -18.28
CA VAL G 182 -0.63 44.00 -19.12
C VAL G 182 -1.98 44.17 -18.42
N GLY G 183 -2.55 45.37 -18.55
CA GLY G 183 -3.80 45.71 -17.88
C GLY G 183 -5.05 45.27 -18.59
N ARG G 184 -6.20 45.59 -17.98
CA ARG G 184 -7.50 45.13 -18.47
C ARG G 184 -8.41 46.27 -18.90
N SER G 185 -9.37 45.96 -19.77
CA SER G 185 -10.29 46.98 -20.27
C SER G 185 -11.55 47.03 -19.42
N VAL G 186 -11.96 48.24 -19.05
CA VAL G 186 -13.21 48.44 -18.34
C VAL G 186 -14.38 48.23 -19.31
N ASP G 187 -14.18 48.67 -20.54
CA ASP G 187 -15.21 48.60 -21.57
C ASP G 187 -15.43 47.20 -22.10
N GLU G 188 -14.41 46.35 -22.01
CA GLU G 188 -14.57 44.97 -22.44
C GLU G 188 -15.38 44.24 -21.38
N THR G 189 -15.10 44.55 -20.12
CA THR G 189 -15.86 44.01 -19.00
C THR G 189 -17.32 44.44 -19.11
N LEU G 190 -17.53 45.72 -19.42
CA LEU G 190 -18.88 46.24 -19.61
C LEU G 190 -19.59 45.55 -20.78
N ARG G 191 -18.86 45.34 -21.87
CA ARG G 191 -19.40 44.63 -23.03
C ARG G 191 -19.87 43.24 -22.65
N LEU G 192 -18.97 42.47 -22.03
CA LEU G 192 -19.28 41.11 -21.62
C LEU G 192 -20.49 41.10 -20.70
N LEU G 193 -20.51 42.03 -19.74
CA LEU G 193 -21.64 42.19 -18.83
C LEU G 193 -22.95 42.37 -19.60
N ASP G 194 -22.94 43.27 -20.58
CA ASP G 194 -24.12 43.52 -21.39
C ASP G 194 -24.55 42.31 -22.20
N ALA G 195 -23.57 41.54 -22.69
CA ALA G 195 -23.86 40.36 -23.50
C ALA G 195 -24.50 39.26 -22.65
N PHE G 196 -23.88 38.97 -21.52
CA PHE G 196 -24.41 37.98 -20.59
C PHE G 196 -25.81 38.37 -20.12
N GLN G 197 -25.98 39.64 -19.75
CA GLN G 197 -27.29 40.12 -19.32
C GLN G 197 -28.30 40.04 -20.47
N PHE G 198 -27.82 40.21 -21.70
CA PHE G 198 -28.67 40.12 -22.87
C PHE G 198 -29.19 38.71 -23.07
N VAL G 199 -28.27 37.74 -23.14
CA VAL G 199 -28.65 36.35 -23.37
C VAL G 199 -29.38 35.76 -22.17
N GLU G 200 -29.36 36.50 -21.06
CA GLU G 200 -30.05 36.09 -19.85
C GLU G 200 -31.50 36.53 -19.88
N MET H 38 -3.03 21.31 -10.99
CA MET H 38 -2.43 21.75 -12.24
C MET H 38 -3.34 22.70 -13.00
N VAL H 39 -2.97 23.97 -13.01
CA VAL H 39 -3.69 25.00 -13.75
C VAL H 39 -2.72 25.70 -14.70
N LEU H 40 -3.18 26.05 -15.90
CA LEU H 40 -2.30 26.77 -16.83
C LEU H 40 -2.33 28.28 -16.59
N LEU H 41 -1.14 28.86 -16.46
CA LEU H 41 -0.99 30.27 -16.08
C LEU H 41 -0.24 31.07 -17.13
N PRO H 42 -0.39 32.41 -17.11
CA PRO H 42 0.28 33.28 -18.10
C PRO H 42 1.81 33.20 -18.22
N ASN H 43 2.58 33.17 -17.13
CA ASN H 43 4.03 33.26 -17.30
C ASN H 43 4.70 31.92 -17.65
N ARG H 44 3.90 30.86 -17.71
CA ARG H 44 4.40 29.53 -18.04
C ARG H 44 4.36 29.27 -19.54
N PRO H 45 5.21 28.35 -20.02
CA PRO H 45 5.21 27.90 -21.42
C PRO H 45 3.88 27.28 -21.83
N ALA H 46 3.34 27.71 -22.96
CA ALA H 46 2.07 27.19 -23.45
C ALA H 46 2.15 25.71 -23.76
N PRO H 47 1.07 24.96 -23.44
CA PRO H 47 0.99 23.53 -23.71
C PRO H 47 1.17 23.24 -25.20
N GLU H 48 2.02 22.28 -25.51
CA GLU H 48 2.22 21.87 -26.89
C GLU H 48 0.99 21.13 -27.41
N PHE H 49 0.66 21.37 -28.68
CA PHE H 49 -0.42 20.62 -29.32
C PHE H 49 0.03 20.16 -30.70
N LYS H 50 -0.42 18.98 -31.12
CA LYS H 50 -0.16 18.51 -32.47
C LYS H 50 -1.43 17.88 -33.05
N GLY H 51 -1.87 18.37 -34.21
CA GLY H 51 -3.12 17.90 -34.76
C GLY H 51 -3.32 18.17 -36.24
N GLN H 52 -4.41 17.66 -36.79
CA GLN H 52 -4.73 17.85 -38.20
C GLN H 52 -5.46 19.16 -38.39
N ALA H 53 -5.13 19.85 -39.47
CA ALA H 53 -5.76 21.13 -39.75
C ALA H 53 -6.18 21.28 -41.21
N VAL H 54 -7.26 22.03 -41.42
CA VAL H 54 -7.64 22.44 -42.76
C VAL H 54 -7.00 23.79 -43.03
N ILE H 55 -6.09 23.81 -43.99
CA ILE H 55 -5.40 25.03 -44.39
C ILE H 55 -5.58 25.25 -45.89
N ASN H 56 -6.19 26.37 -46.23
CA ASN H 56 -6.47 26.72 -47.63
C ASN H 56 -7.13 25.58 -48.40
N GLY H 57 -8.04 24.87 -47.73
CA GLY H 57 -8.77 23.79 -48.35
C GLY H 57 -8.19 22.40 -48.14
N GLU H 58 -6.91 22.32 -47.80
CA GLU H 58 -6.25 21.02 -47.75
C GLU H 58 -5.77 20.60 -46.37
N PHE H 59 -5.65 19.29 -46.16
CA PHE H 59 -5.24 18.73 -44.89
C PHE H 59 -3.72 18.84 -44.66
N LYS H 60 -3.34 19.34 -43.49
CA LYS H 60 -1.94 19.25 -43.09
C LYS H 60 -1.82 19.15 -41.57
N GLU H 61 -0.86 18.33 -41.11
CA GLU H 61 -0.59 18.23 -39.69
C GLU H 61 0.25 19.41 -39.22
N ILE H 62 -0.13 19.98 -38.07
CA ILE H 62 0.59 21.10 -37.52
C ILE H 62 0.82 20.94 -36.03
N CYS H 63 1.77 21.71 -35.50
CA CYS H 63 2.00 21.79 -34.07
C CYS H 63 2.38 23.21 -33.68
N LEU H 64 2.30 23.50 -32.38
CA LEU H 64 2.59 24.84 -31.88
C LEU H 64 3.98 25.34 -32.26
N LYS H 65 4.96 24.45 -32.25
CA LYS H 65 6.35 24.83 -32.53
C LYS H 65 6.56 25.24 -33.99
N ASP H 66 5.63 24.88 -34.86
CA ASP H 66 5.67 25.35 -36.23
C ASP H 66 5.55 26.87 -36.25
N TYR H 67 4.90 27.41 -35.22
CA TYR H 67 4.59 28.83 -35.14
C TYR H 67 5.55 29.69 -34.32
N ARG H 68 6.61 29.09 -33.81
CA ARG H 68 7.60 29.86 -33.07
CA ARG H 68 7.66 29.82 -33.08
C ARG H 68 8.20 30.95 -33.93
N GLY H 69 8.36 32.14 -33.34
CA GLY H 69 8.85 33.29 -34.07
C GLY H 69 7.71 34.25 -34.35
N LYS H 70 6.49 33.80 -34.04
CA LYS H 70 5.30 34.61 -34.21
C LYS H 70 4.43 34.51 -32.97
N TYR H 71 3.55 35.50 -32.79
CA TYR H 71 2.51 35.39 -31.78
C TYR H 71 1.42 34.46 -32.30
N VAL H 72 0.71 33.82 -31.38
CA VAL H 72 -0.37 32.91 -31.75
C VAL H 72 -1.63 33.21 -30.96
N VAL H 73 -2.75 33.33 -31.66
CA VAL H 73 -4.05 33.38 -31.01
C VAL H 73 -4.78 32.08 -31.28
N LEU H 74 -4.93 31.26 -30.25
CA LEU H 74 -5.61 29.97 -30.38
C LEU H 74 -7.01 30.07 -29.78
N PHE H 75 -8.05 30.02 -30.61
CA PHE H 75 -9.40 30.10 -30.06
C PHE H 75 -10.28 28.88 -30.33
N PHE H 76 -11.02 28.48 -29.31
CA PHE H 76 -11.82 27.26 -29.34
C PHE H 76 -13.30 27.59 -29.51
N TYR H 77 -14.01 26.72 -30.22
CA TYR H 77 -15.46 26.82 -30.33
C TYR H 77 -16.08 25.44 -30.18
N PRO H 78 -17.32 25.36 -29.67
CA PRO H 78 -17.90 24.08 -29.30
C PRO H 78 -18.04 23.06 -30.44
N ALA H 79 -18.59 23.47 -31.58
CA ALA H 79 -18.81 22.50 -32.66
C ALA H 79 -18.99 23.12 -34.05
N ASP H 80 -18.82 22.27 -35.06
CA ASP H 80 -19.12 22.63 -36.43
C ASP H 80 -20.61 22.58 -36.71
N PHE H 81 -21.04 23.31 -37.73
CA PHE H 81 -22.44 23.33 -38.17
C PHE H 81 -23.39 23.80 -37.08
N THR H 82 -23.02 24.90 -36.43
CA THR H 82 -23.80 25.49 -35.36
C THR H 82 -24.08 26.96 -35.63
N PHE H 83 -24.68 27.64 -34.65
CA PHE H 83 -25.13 29.02 -34.86
C PHE H 83 -24.15 30.14 -34.48
N VAL H 84 -23.82 30.24 -33.19
CA VAL H 84 -22.95 31.31 -32.71
C VAL H 84 -21.50 31.22 -33.25
N SER H 85 -21.02 30.01 -33.48
CA SER H 85 -19.63 29.81 -33.92
C SER H 85 -19.23 30.43 -35.27
N PRO H 86 -20.01 30.19 -36.34
CA PRO H 86 -19.60 30.67 -37.67
C PRO H 86 -19.40 32.18 -37.77
N THR H 87 -20.32 32.99 -37.24
CA THR H 87 -20.15 34.44 -37.27
C THR H 87 -18.87 34.86 -36.56
N GLU H 88 -18.53 34.15 -35.50
CA GLU H 88 -17.34 34.42 -34.72
C GLU H 88 -16.06 34.13 -35.53
N ILE H 89 -15.95 32.89 -36.01
CA ILE H 89 -14.75 32.47 -36.72
C ILE H 89 -14.56 33.27 -38.01
N ILE H 90 -15.67 33.54 -38.70
CA ILE H 90 -15.68 34.40 -39.88
C ILE H 90 -15.21 35.80 -39.52
N ALA H 91 -15.73 36.32 -38.41
CA ALA H 91 -15.34 37.64 -37.94
C ALA H 91 -13.84 37.71 -37.70
N PHE H 92 -13.26 36.64 -37.20
CA PHE H 92 -11.80 36.59 -37.05
C PHE H 92 -11.09 36.52 -38.41
N SER H 93 -11.61 35.67 -39.31
CA SER H 93 -11.00 35.47 -40.62
C SER H 93 -11.01 36.72 -41.51
N ASP H 94 -11.98 37.60 -41.28
CA ASP H 94 -12.10 38.82 -42.06
C ASP H 94 -11.05 39.85 -41.63
N GLN H 95 -10.68 39.79 -40.36
CA GLN H 95 -9.70 40.72 -39.81
C GLN H 95 -8.29 40.15 -39.86
N VAL H 96 -8.14 38.98 -40.49
CA VAL H 96 -6.90 38.21 -40.48
C VAL H 96 -5.66 39.03 -40.84
N GLU H 97 -5.84 40.03 -41.69
CA GLU H 97 -4.74 40.88 -42.12
C GLU H 97 -4.19 41.75 -40.99
N GLU H 98 -5.04 42.08 -40.02
CA GLU H 98 -4.60 42.82 -38.85
C GLU H 98 -3.60 41.97 -38.05
N PHE H 99 -3.99 40.73 -37.78
CA PHE H 99 -3.14 39.79 -37.04
C PHE H 99 -1.86 39.49 -37.81
N ASN H 100 -1.99 39.33 -39.12
CA ASN H 100 -0.85 39.09 -40.00
C ASN H 100 0.14 40.22 -39.93
N SER H 101 -0.35 41.45 -40.07
CA SER H 101 0.49 42.63 -40.01
C SER H 101 1.05 42.82 -38.60
N ARG H 102 0.39 42.17 -37.64
CA ARG H 102 0.85 42.19 -36.25
C ARG H 102 1.74 41.00 -35.90
N ASN H 103 2.11 40.23 -36.93
CA ASN H 103 2.97 39.06 -36.77
C ASN H 103 2.31 37.98 -35.92
N CYS H 104 1.03 37.72 -36.21
CA CYS H 104 0.23 36.82 -35.39
C CYS H 104 -0.47 35.78 -36.26
N GLN H 105 -0.52 34.55 -35.76
CA GLN H 105 -1.23 33.47 -36.44
C GLN H 105 -2.44 33.04 -35.62
N VAL H 106 -3.62 33.12 -36.23
CA VAL H 106 -4.85 32.73 -35.58
C VAL H 106 -5.25 31.30 -35.96
N ILE H 107 -5.50 30.47 -34.95
CA ILE H 107 -5.88 29.08 -35.17
C ILE H 107 -7.18 28.76 -34.45
N ALA H 108 -8.14 28.20 -35.18
CA ALA H 108 -9.43 27.84 -34.62
C ALA H 108 -9.48 26.35 -34.33
N CYS H 109 -10.06 25.97 -33.19
CA CYS H 109 -10.07 24.57 -32.79
C CYS H 109 -11.39 24.08 -32.19
N SER H 110 -11.85 22.93 -32.66
CA SER H 110 -13.01 22.24 -32.10
C SER H 110 -12.73 20.75 -32.07
N THR H 111 -13.61 19.99 -31.40
CA THR H 111 -13.39 18.57 -31.22
C THR H 111 -13.79 17.73 -32.44
N ASP H 112 -14.29 18.42 -33.46
CA ASP H 112 -14.67 17.78 -34.73
C ASP H 112 -13.44 17.28 -35.47
N SER H 113 -13.63 16.35 -36.40
CA SER H 113 -12.53 15.88 -37.25
C SER H 113 -12.27 16.87 -38.38
N GLN H 114 -11.27 16.56 -39.21
CA GLN H 114 -10.87 17.44 -40.31
C GLN H 114 -11.81 17.28 -41.51
N TYR H 115 -12.54 16.18 -41.55
CA TYR H 115 -13.51 15.96 -42.60
C TYR H 115 -14.73 16.83 -42.34
N SER H 116 -15.07 16.96 -41.06
CA SER H 116 -16.15 17.85 -40.64
C SER H 116 -15.74 19.30 -40.85
N HIS H 117 -14.49 19.60 -40.52
CA HIS H 117 -13.92 20.94 -40.70
C HIS H 117 -13.93 21.35 -42.17
N LEU H 118 -13.42 20.46 -43.03
CA LEU H 118 -13.40 20.69 -44.47
C LEU H 118 -14.82 20.83 -45.02
N ALA H 119 -15.72 19.99 -44.50
CA ALA H 119 -17.11 20.03 -44.92
C ALA H 119 -17.72 21.40 -44.61
N TRP H 120 -17.53 21.86 -43.38
CA TRP H 120 -18.09 23.13 -42.93
C TRP H 120 -17.45 24.30 -43.67
N ASP H 121 -16.18 24.16 -44.01
CA ASP H 121 -15.46 25.22 -44.71
C ASP H 121 -15.86 25.29 -46.18
N ASN H 122 -16.24 24.16 -46.75
CA ASN H 122 -16.68 24.17 -48.14
C ASN H 122 -18.12 24.65 -48.32
N LEU H 123 -18.93 24.45 -47.30
CA LEU H 123 -20.31 24.91 -47.35
C LEU H 123 -20.34 26.43 -47.39
N ASP H 124 -21.06 26.97 -48.36
CA ASP H 124 -21.18 28.41 -48.49
C ASP H 124 -21.92 28.98 -47.28
N ARG H 125 -21.68 30.25 -46.98
CA ARG H 125 -22.22 30.86 -45.77
C ARG H 125 -23.74 30.94 -45.73
N LYS H 126 -24.36 31.12 -46.89
CA LYS H 126 -25.82 31.21 -46.98
C LYS H 126 -26.45 29.96 -46.39
N SER H 127 -25.80 28.82 -46.62
CA SER H 127 -26.31 27.54 -46.16
C SER H 127 -25.97 27.33 -44.68
N GLY H 128 -25.15 28.23 -44.13
CA GLY H 128 -24.73 28.15 -42.74
C GLY H 128 -23.30 27.69 -42.60
N GLY H 129 -22.64 27.44 -43.73
CA GLY H 129 -21.24 27.12 -43.74
C GLY H 129 -20.37 28.34 -43.46
N LEU H 130 -19.06 28.17 -43.50
CA LEU H 130 -18.14 29.25 -43.19
C LEU H 130 -17.73 30.06 -44.42
N GLY H 131 -18.07 29.56 -45.61
CA GLY H 131 -17.36 30.01 -46.79
C GLY H 131 -15.93 29.54 -46.59
N HIS H 132 -14.97 30.13 -47.28
CA HIS H 132 -13.59 29.65 -47.18
C HIS H 132 -12.74 30.51 -46.27
N MET H 133 -12.34 29.91 -45.14
CA MET H 133 -11.62 30.63 -44.09
C MET H 133 -10.22 31.08 -44.50
N LYS H 134 -9.77 32.18 -43.91
CA LYS H 134 -8.41 32.65 -44.12
C LYS H 134 -7.49 32.16 -43.00
N ILE H 135 -8.06 31.41 -42.06
CA ILE H 135 -7.28 30.84 -40.97
C ILE H 135 -7.45 29.33 -40.91
N PRO H 136 -6.45 28.61 -40.38
CA PRO H 136 -6.53 27.15 -40.28
C PRO H 136 -7.63 26.67 -39.36
N LEU H 137 -8.25 25.55 -39.69
CA LEU H 137 -9.19 24.93 -38.77
C LEU H 137 -8.58 23.68 -38.15
N LEU H 138 -8.29 23.77 -36.86
CA LEU H 138 -7.65 22.68 -36.14
C LEU H 138 -8.68 21.67 -35.63
N ALA H 139 -8.33 20.39 -35.72
CA ALA H 139 -9.21 19.33 -35.28
C ALA H 139 -8.59 18.58 -34.13
N ASP H 140 -9.23 18.60 -32.97
CA ASP H 140 -8.80 17.72 -31.90
C ASP H 140 -9.92 16.72 -31.73
N ARG H 141 -9.72 15.52 -32.28
CA ARG H 141 -10.66 14.42 -32.11
C ARG H 141 -10.43 13.62 -30.84
N LYS H 142 -9.17 13.59 -30.41
CA LYS H 142 -8.74 12.80 -29.27
C LYS H 142 -8.94 13.58 -27.98
N GLN H 143 -9.48 14.79 -28.12
CA GLN H 143 -9.85 15.65 -26.99
C GLN H 143 -8.65 16.18 -26.21
N GLU H 144 -7.45 15.72 -26.55
CA GLU H 144 -6.27 16.03 -25.75
C GLU H 144 -5.81 17.49 -25.78
N ILE H 145 -6.12 18.19 -26.88
CA ILE H 145 -5.70 19.58 -27.01
C ILE H 145 -6.53 20.53 -26.15
N SER H 146 -7.85 20.39 -26.23
CA SER H 146 -8.75 21.20 -25.42
C SER H 146 -8.62 20.83 -23.94
N LYS H 147 -8.30 19.56 -23.68
CA LYS H 147 -8.04 19.11 -22.32
C LYS H 147 -6.74 19.71 -21.80
N ALA H 148 -5.75 19.82 -22.68
CA ALA H 148 -4.45 20.38 -22.29
C ALA H 148 -4.52 21.88 -22.02
N TYR H 149 -5.48 22.54 -22.66
CA TYR H 149 -5.69 23.97 -22.43
C TYR H 149 -6.79 24.22 -21.40
N GLY H 150 -7.35 23.14 -20.86
CA GLY H 150 -8.29 23.23 -19.76
C GLY H 150 -9.67 23.70 -20.14
N VAL H 151 -9.95 23.75 -21.44
CA VAL H 151 -11.23 24.24 -21.93
C VAL H 151 -12.25 23.14 -22.23
N PHE H 152 -11.89 21.89 -21.96
CA PHE H 152 -12.75 20.76 -22.31
C PHE H 152 -13.92 20.57 -21.34
N ASP H 153 -15.13 20.58 -21.90
CA ASP H 153 -16.34 20.30 -21.14
C ASP H 153 -16.49 18.78 -21.09
N GLU H 154 -16.83 18.24 -19.92
CA GLU H 154 -17.11 16.81 -19.81
C GLU H 154 -18.59 16.49 -19.90
N GLU H 155 -19.42 17.53 -19.97
CA GLU H 155 -20.86 17.36 -20.10
C GLU H 155 -21.20 16.91 -21.52
N ASP H 156 -20.50 17.47 -22.49
CA ASP H 156 -20.55 17.01 -23.87
C ASP H 156 -19.11 16.90 -24.36
N GLY H 157 -18.92 16.56 -25.63
CA GLY H 157 -17.57 16.40 -26.14
C GLY H 157 -17.01 17.68 -26.71
N ASN H 158 -17.55 18.81 -26.26
CA ASN H 158 -17.24 20.11 -26.85
C ASN H 158 -16.32 20.98 -26.03
N ALA H 159 -15.52 21.79 -26.72
CA ALA H 159 -14.71 22.79 -26.06
C ALA H 159 -15.53 24.02 -25.67
N PHE H 160 -15.21 24.58 -24.51
CA PHE H 160 -15.69 25.89 -24.12
C PHE H 160 -15.03 26.88 -25.06
N ARG H 161 -15.56 28.11 -25.13
CA ARG H 161 -14.97 28.99 -26.10
C ARG H 161 -13.85 29.63 -25.33
N GLY H 162 -12.63 29.22 -25.68
CA GLY H 162 -11.44 29.81 -25.13
C GLY H 162 -10.75 30.68 -26.15
N LEU H 163 -9.80 31.46 -25.68
CA LEU H 163 -8.86 32.15 -26.54
C LEU H 163 -7.57 32.24 -25.75
N PHE H 164 -6.46 32.04 -26.44
CA PHE H 164 -5.17 32.05 -25.79
C PHE H 164 -4.17 32.83 -26.61
N ILE H 165 -3.50 33.78 -25.97
CA ILE H 165 -2.45 34.53 -26.63
C ILE H 165 -1.08 34.05 -26.16
N ILE H 166 -0.31 33.56 -27.13
CA ILE H 166 1.00 32.94 -26.91
C ILE H 166 2.05 33.74 -27.66
N ASP H 167 3.27 33.83 -27.12
CA ASP H 167 4.29 34.67 -27.74
C ASP H 167 5.25 33.88 -28.66
N PRO H 168 6.20 34.57 -29.33
CA PRO H 168 7.11 33.83 -30.21
C PRO H 168 8.01 32.81 -29.51
N ASN H 169 8.17 32.93 -28.20
CA ASN H 169 8.99 31.97 -27.47
C ASN H 169 8.17 30.79 -26.95
N GLY H 170 6.88 30.81 -27.26
CA GLY H 170 5.98 29.71 -26.92
C GLY H 170 5.43 29.81 -25.52
N ILE H 171 5.53 31.00 -24.94
CA ILE H 171 5.05 31.22 -23.58
C ILE H 171 3.64 31.75 -23.63
N LEU H 172 2.80 31.29 -22.70
CA LEU H 172 1.44 31.78 -22.61
C LEU H 172 1.50 33.27 -22.29
N ARG H 173 0.47 34.00 -22.70
CA ARG H 173 0.32 35.39 -22.30
C ARG H 173 -1.09 35.63 -21.79
N GLN H 174 -2.07 35.48 -22.68
CA GLN H 174 -3.46 35.78 -22.33
C GLN H 174 -4.34 34.52 -22.28
N ILE H 175 -5.19 34.45 -21.26
CA ILE H 175 -6.18 33.38 -21.13
C ILE H 175 -7.58 33.97 -21.03
N THR H 176 -8.45 33.58 -21.95
CA THR H 176 -9.83 34.08 -21.91
C THR H 176 -10.83 32.96 -22.14
N ILE H 177 -11.72 32.72 -21.19
CA ILE H 177 -12.74 31.69 -21.38
C ILE H 177 -14.16 32.23 -21.20
N ASN H 178 -14.95 32.14 -22.27
CA ASN H 178 -16.31 32.64 -22.30
C ASN H 178 -17.32 31.52 -22.13
N ASP H 179 -18.44 31.84 -21.50
CA ASP H 179 -19.58 30.95 -21.50
C ASP H 179 -20.02 30.83 -22.95
N LYS H 180 -20.43 29.64 -23.36
CA LYS H 180 -20.82 29.37 -24.75
C LYS H 180 -21.81 30.34 -25.40
N PRO H 181 -22.83 30.81 -24.66
CA PRO H 181 -23.73 31.80 -25.27
C PRO H 181 -23.10 33.14 -25.68
N VAL H 182 -21.92 33.47 -25.16
CA VAL H 182 -21.31 34.78 -25.46
C VAL H 182 -20.03 34.69 -26.29
N GLY H 183 -20.02 35.37 -27.42
CA GLY H 183 -18.88 35.35 -28.33
C GLY H 183 -17.73 36.23 -27.91
N ARG H 184 -16.71 36.29 -28.75
CA ARG H 184 -15.48 37.02 -28.44
C ARG H 184 -15.24 38.17 -29.41
N SER H 185 -14.45 39.15 -28.95
CA SER H 185 -14.19 40.36 -29.71
C SER H 185 -12.80 40.32 -30.37
N VAL H 186 -12.78 40.63 -31.66
CA VAL H 186 -11.52 40.79 -32.39
C VAL H 186 -10.77 42.01 -31.87
N ASP H 187 -11.51 43.06 -31.56
CA ASP H 187 -10.94 44.31 -31.07
C ASP H 187 -10.12 44.11 -29.80
N GLU H 188 -10.71 43.42 -28.83
CA GLU H 188 -10.06 43.17 -27.57
C GLU H 188 -8.78 42.35 -27.73
N THR H 189 -8.82 41.41 -28.67
CA THR H 189 -7.65 40.58 -29.00
C THR H 189 -6.54 41.43 -29.63
N LEU H 190 -6.93 42.38 -30.46
CA LEU H 190 -5.97 43.32 -31.04
C LEU H 190 -5.34 44.22 -29.98
N ARG H 191 -6.16 44.66 -29.04
CA ARG H 191 -5.68 45.51 -27.95
C ARG H 191 -4.70 44.75 -27.08
N LEU H 192 -5.04 43.50 -26.77
CA LEU H 192 -4.18 42.66 -25.96
C LEU H 192 -2.86 42.39 -26.67
N LEU H 193 -2.95 42.10 -27.96
CA LEU H 193 -1.77 41.82 -28.79
C LEU H 193 -0.84 43.03 -28.82
N ASP H 194 -1.41 44.21 -29.04
CA ASP H 194 -0.63 45.45 -29.01
C ASP H 194 -0.01 45.68 -27.64
N ALA H 195 -0.77 45.40 -26.58
CA ALA H 195 -0.30 45.61 -25.22
C ALA H 195 0.90 44.73 -24.89
N PHE H 196 0.85 43.47 -25.34
CA PHE H 196 1.98 42.58 -25.13
C PHE H 196 3.18 42.95 -26.00
N GLN H 197 2.91 43.28 -27.26
CA GLN H 197 3.98 43.64 -28.19
C GLN H 197 4.65 44.94 -27.80
N PHE H 198 3.98 45.73 -26.97
CA PHE H 198 4.59 46.93 -26.40
C PHE H 198 5.64 46.54 -25.37
N VAL H 199 5.29 45.61 -24.49
CA VAL H 199 6.20 45.16 -23.45
C VAL H 199 7.25 44.19 -24.01
N GLU H 200 6.84 43.35 -24.94
CA GLU H 200 7.78 42.50 -25.66
C GLU H 200 7.43 42.46 -27.14
N VAL I 39 -13.66 -9.89 -22.37
CA VAL I 39 -14.67 -9.25 -21.54
C VAL I 39 -15.87 -8.82 -22.39
N LEU I 40 -15.63 -8.52 -23.66
CA LEU I 40 -16.72 -8.29 -24.57
C LEU I 40 -17.00 -9.60 -25.28
N LEU I 41 -18.12 -10.22 -24.93
CA LEU I 41 -18.45 -11.57 -25.41
C LEU I 41 -19.94 -11.75 -25.56
N PRO I 42 -20.35 -12.55 -26.57
CA PRO I 42 -21.78 -12.57 -26.88
C PRO I 42 -22.68 -13.63 -26.23
N ASN I 43 -22.57 -13.93 -24.94
CA ASN I 43 -23.74 -14.39 -24.20
C ASN I 43 -24.23 -13.33 -23.21
N ARG I 44 -23.46 -12.26 -23.09
CA ARG I 44 -23.68 -11.27 -22.05
C ARG I 44 -24.62 -10.14 -22.51
N PRO I 45 -25.23 -9.44 -21.54
CA PRO I 45 -25.99 -8.24 -21.86
C PRO I 45 -25.13 -7.22 -22.57
N ALA I 46 -25.64 -6.64 -23.66
CA ALA I 46 -24.91 -5.62 -24.39
C ALA I 46 -24.73 -4.38 -23.53
N PRO I 47 -23.64 -3.63 -23.77
CA PRO I 47 -23.44 -2.36 -23.07
C PRO I 47 -24.57 -1.40 -23.41
N GLU I 48 -25.16 -0.81 -22.39
CA GLU I 48 -26.26 0.12 -22.58
C GLU I 48 -25.74 1.44 -23.14
N PHE I 49 -26.33 1.88 -24.25
CA PHE I 49 -25.99 3.17 -24.82
C PHE I 49 -27.13 4.17 -24.70
N LYS I 50 -26.78 5.45 -24.59
CA LYS I 50 -27.75 6.53 -24.63
C LYS I 50 -27.13 7.71 -25.36
N GLY I 51 -27.88 8.34 -26.25
CA GLY I 51 -27.34 9.45 -27.02
C GLY I 51 -28.32 10.22 -27.86
N GLN I 52 -27.86 11.33 -28.42
CA GLN I 52 -28.67 12.12 -29.33
C GLN I 52 -28.52 11.55 -30.74
N ALA I 53 -29.64 11.46 -31.45
CA ALA I 53 -29.65 10.85 -32.77
C ALA I 53 -30.43 11.66 -33.80
N VAL I 54 -30.11 11.47 -35.07
CA VAL I 54 -30.89 12.05 -36.14
C VAL I 54 -31.84 10.99 -36.69
N ILE I 55 -33.14 11.23 -36.52
CA ILE I 55 -34.17 10.34 -37.02
C ILE I 55 -35.16 11.15 -37.84
N ASN I 56 -35.22 10.87 -39.14
CA ASN I 56 -36.09 11.61 -40.06
C ASN I 56 -35.80 13.12 -40.07
N GLY I 57 -34.54 13.47 -39.86
CA GLY I 57 -34.10 14.85 -39.92
C GLY I 57 -34.36 15.66 -38.66
N GLU I 58 -34.47 14.98 -37.52
CA GLU I 58 -34.67 15.67 -36.25
C GLU I 58 -33.80 15.08 -35.14
N PHE I 59 -33.61 15.85 -34.07
CA PHE I 59 -32.86 15.37 -32.91
C PHE I 59 -33.75 14.61 -31.94
N LYS I 60 -33.42 13.35 -31.70
CA LYS I 60 -34.17 12.51 -30.80
C LYS I 60 -33.23 11.68 -29.94
N GLU I 61 -33.44 11.71 -28.63
CA GLU I 61 -32.63 10.92 -27.70
C GLU I 61 -33.07 9.47 -27.69
N ILE I 62 -32.12 8.57 -27.90
CA ILE I 62 -32.42 7.14 -27.85
C ILE I 62 -31.49 6.39 -26.91
N CYS I 63 -32.00 5.28 -26.38
CA CYS I 63 -31.20 4.35 -25.60
C CYS I 63 -31.51 2.93 -26.05
N LEU I 64 -30.65 1.99 -25.67
CA LEU I 64 -30.80 0.59 -26.05
C LEU I 64 -32.12 0.00 -25.54
N LYS I 65 -32.51 0.39 -24.33
CA LYS I 65 -33.71 -0.15 -23.70
C LYS I 65 -35.01 0.23 -24.39
N ASP I 66 -35.00 1.28 -25.20
CA ASP I 66 -36.18 1.64 -25.99
C ASP I 66 -36.45 0.57 -27.03
N TYR I 67 -35.44 -0.24 -27.30
CA TYR I 67 -35.52 -1.24 -28.37
C TYR I 67 -35.87 -2.65 -27.93
N ARG I 68 -36.23 -2.81 -26.65
CA ARG I 68 -36.68 -4.11 -26.14
C ARG I 68 -37.83 -4.70 -26.96
N GLY I 69 -37.69 -5.97 -27.30
CA GLY I 69 -38.66 -6.66 -28.12
C GLY I 69 -38.17 -6.82 -29.54
N LYS I 70 -37.11 -6.10 -29.88
CA LYS I 70 -36.55 -6.16 -31.22
C LYS I 70 -35.07 -6.50 -31.23
N TYR I 71 -34.60 -7.03 -32.34
CA TYR I 71 -33.17 -7.14 -32.59
C TYR I 71 -32.62 -5.76 -32.91
N VAL I 72 -31.32 -5.58 -32.73
CA VAL I 72 -30.66 -4.32 -33.06
C VAL I 72 -29.32 -4.59 -33.71
N VAL I 73 -29.10 -3.98 -34.86
CA VAL I 73 -27.79 -4.00 -35.48
C VAL I 73 -27.15 -2.64 -35.29
N LEU I 74 -26.12 -2.60 -34.45
CA LEU I 74 -25.46 -1.34 -34.12
C LEU I 74 -24.09 -1.30 -34.76
N PHE I 75 -23.91 -0.44 -35.76
CA PHE I 75 -22.62 -0.39 -36.44
C PHE I 75 -21.93 0.97 -36.36
N PHE I 76 -20.61 0.93 -36.17
CA PHE I 76 -19.80 2.13 -36.02
C PHE I 76 -19.02 2.43 -37.29
N TYR I 77 -18.78 3.72 -37.54
CA TYR I 77 -17.91 4.16 -38.63
C TYR I 77 -17.03 5.30 -38.13
N PRO I 78 -15.81 5.42 -38.69
CA PRO I 78 -14.83 6.38 -38.17
C PRO I 78 -15.26 7.85 -38.16
N ALA I 79 -15.77 8.38 -39.27
CA ALA I 79 -16.07 9.81 -39.32
C ALA I 79 -17.12 10.21 -40.35
N ASP I 80 -17.72 11.37 -40.12
CA ASP I 80 -18.66 11.95 -41.06
C ASP I 80 -17.90 12.61 -42.21
N PHE I 81 -18.58 12.77 -43.35
CA PHE I 81 -18.02 13.43 -44.51
C PHE I 81 -16.77 12.76 -45.07
N THR I 82 -16.83 11.43 -45.17
CA THR I 82 -15.76 10.61 -45.73
C THR I 82 -16.27 9.83 -46.92
N PHE I 83 -15.43 8.95 -47.47
CA PHE I 83 -15.77 8.23 -48.70
C PHE I 83 -16.45 6.87 -48.51
N VAL I 84 -15.76 5.95 -47.85
CA VAL I 84 -16.26 4.59 -47.65
C VAL I 84 -17.54 4.53 -46.80
N SER I 85 -17.51 5.20 -45.65
CA SER I 85 -18.60 5.13 -44.68
C SER I 85 -20.03 5.43 -45.22
N PRO I 86 -20.21 6.53 -45.98
CA PRO I 86 -21.57 6.78 -46.49
C PRO I 86 -22.10 5.66 -47.36
N THR I 87 -21.24 4.93 -48.06
CA THR I 87 -21.70 3.84 -48.89
C THR I 87 -22.31 2.76 -48.01
N GLU I 88 -21.76 2.60 -46.82
CA GLU I 88 -22.26 1.62 -45.87
C GLU I 88 -23.58 2.07 -45.25
N ILE I 89 -23.62 3.31 -44.79
CA ILE I 89 -24.85 3.84 -44.19
C ILE I 89 -26.02 3.84 -45.20
N ILE I 90 -25.71 4.24 -46.44
CA ILE I 90 -26.70 4.25 -47.51
C ILE I 90 -27.12 2.84 -47.90
N ALA I 91 -26.14 1.93 -47.97
CA ALA I 91 -26.42 0.54 -48.31
C ALA I 91 -27.32 -0.12 -47.27
N PHE I 92 -27.12 0.21 -46.00
CA PHE I 92 -27.97 -0.36 -44.96
C PHE I 92 -29.34 0.29 -44.93
N SER I 93 -29.39 1.60 -45.11
CA SER I 93 -30.66 2.31 -45.10
C SER I 93 -31.55 1.98 -46.29
N ASP I 94 -30.94 1.64 -47.43
CA ASP I 94 -31.72 1.27 -48.60
C ASP I 94 -32.29 -0.13 -48.46
N GLN I 95 -31.64 -0.94 -47.63
CA GLN I 95 -32.06 -2.30 -47.37
C GLN I 95 -32.94 -2.39 -46.11
N VAL I 96 -33.29 -1.23 -45.55
CA VAL I 96 -33.94 -1.14 -44.24
C VAL I 96 -35.18 -2.03 -44.05
N GLU I 97 -35.88 -2.31 -45.14
CA GLU I 97 -37.09 -3.13 -45.07
C GLU I 97 -36.77 -4.60 -44.79
N GLU I 98 -35.58 -5.03 -45.17
CA GLU I 98 -35.11 -6.37 -44.86
C GLU I 98 -34.92 -6.54 -43.36
N PHE I 99 -34.48 -5.47 -42.70
CA PHE I 99 -34.31 -5.49 -41.26
C PHE I 99 -35.65 -5.31 -40.55
N ASN I 100 -36.50 -4.45 -41.11
CA ASN I 100 -37.84 -4.25 -40.57
C ASN I 100 -38.66 -5.53 -40.66
N SER I 101 -38.46 -6.28 -41.74
CA SER I 101 -39.13 -7.56 -41.92
C SER I 101 -38.63 -8.59 -40.91
N ARG I 102 -37.42 -8.38 -40.41
CA ARG I 102 -36.79 -9.29 -39.45
C ARG I 102 -36.94 -8.90 -37.98
N ASN I 103 -37.75 -7.87 -37.70
CA ASN I 103 -37.93 -7.36 -36.34
C ASN I 103 -36.61 -6.83 -35.79
N CYS I 104 -35.92 -6.03 -36.59
CA CYS I 104 -34.62 -5.49 -36.22
C CYS I 104 -34.49 -4.00 -36.55
N GLN I 105 -33.80 -3.27 -35.67
CA GLN I 105 -33.54 -1.85 -35.87
C GLN I 105 -32.05 -1.60 -36.10
N VAL I 106 -31.72 -0.89 -37.18
CA VAL I 106 -30.33 -0.58 -37.49
C VAL I 106 -29.94 0.82 -37.06
N ILE I 107 -28.87 0.91 -36.29
CA ILE I 107 -28.38 2.19 -35.82
C ILE I 107 -26.92 2.41 -36.21
N ALA I 108 -26.65 3.55 -36.85
CA ALA I 108 -25.29 3.94 -37.19
C ALA I 108 -24.74 4.83 -36.11
N CYS I 109 -23.46 4.69 -35.81
CA CYS I 109 -22.83 5.48 -34.76
C CYS I 109 -21.44 5.97 -35.15
N SER I 110 -21.12 7.18 -34.68
CA SER I 110 -19.84 7.82 -34.92
C SER I 110 -19.57 8.77 -33.77
N THR I 111 -18.34 9.23 -33.64
CA THR I 111 -18.01 10.14 -32.56
C THR I 111 -18.35 11.59 -32.87
N ASP I 112 -18.92 11.81 -34.05
CA ASP I 112 -19.32 13.14 -34.49
C ASP I 112 -20.45 13.72 -33.66
N SER I 113 -20.55 15.05 -33.69
CA SER I 113 -21.65 15.76 -33.05
C SER I 113 -22.93 15.54 -33.86
N GLN I 114 -24.07 15.75 -33.22
CA GLN I 114 -25.37 15.57 -33.86
C GLN I 114 -25.60 16.58 -34.98
N TYR I 115 -24.88 17.70 -34.91
CA TYR I 115 -25.00 18.76 -35.91
C TYR I 115 -24.25 18.37 -37.18
N SER I 116 -23.09 17.75 -37.01
CA SER I 116 -22.34 17.20 -38.14
C SER I 116 -23.16 16.10 -38.81
N HIS I 117 -23.74 15.23 -37.99
CA HIS I 117 -24.66 14.20 -38.46
C HIS I 117 -25.77 14.80 -39.30
N LEU I 118 -26.44 15.80 -38.73
CA LEU I 118 -27.57 16.47 -39.37
C LEU I 118 -27.17 17.05 -40.72
N ALA I 119 -26.03 17.71 -40.74
CA ALA I 119 -25.52 18.33 -41.96
C ALA I 119 -25.22 17.31 -43.04
N TRP I 120 -24.55 16.22 -42.65
CA TRP I 120 -24.23 15.16 -43.58
C TRP I 120 -25.52 14.54 -44.14
N ASP I 121 -26.51 14.39 -43.26
CA ASP I 121 -27.80 13.85 -43.68
C ASP I 121 -28.46 14.77 -44.70
N ASN I 122 -28.41 16.08 -44.46
CA ASN I 122 -29.01 17.03 -45.39
C ASN I 122 -28.28 17.13 -46.72
N LEU I 123 -27.02 16.69 -46.74
CA LEU I 123 -26.23 16.74 -47.96
C LEU I 123 -26.71 15.69 -48.97
N ASP I 124 -26.87 16.10 -50.22
CA ASP I 124 -27.41 15.25 -51.26
C ASP I 124 -26.49 14.07 -51.55
N ARG I 125 -27.08 12.91 -51.87
CA ARG I 125 -26.33 11.69 -52.20
C ARG I 125 -25.27 11.93 -53.26
N LYS I 126 -25.62 12.69 -54.29
CA LYS I 126 -24.71 12.92 -55.41
C LYS I 126 -23.47 13.69 -54.98
N SER I 127 -23.63 14.56 -53.99
CA SER I 127 -22.57 15.46 -53.55
C SER I 127 -21.70 14.87 -52.45
N GLY I 128 -21.93 13.61 -52.13
CA GLY I 128 -21.13 12.94 -51.11
C GLY I 128 -21.86 12.85 -49.80
N GLY I 129 -23.11 13.30 -49.81
CA GLY I 129 -23.93 13.27 -48.61
C GLY I 129 -24.61 11.93 -48.39
N LEU I 130 -25.44 11.88 -47.38
CA LEU I 130 -26.15 10.65 -47.03
C LEU I 130 -27.51 10.56 -47.70
N GLY I 131 -27.98 11.66 -48.26
CA GLY I 131 -29.38 11.76 -48.61
C GLY I 131 -30.18 11.73 -47.32
N HIS I 132 -31.49 11.50 -47.38
CA HIS I 132 -32.25 11.49 -46.13
C HIS I 132 -32.42 10.10 -45.56
N MET I 133 -31.78 9.87 -44.42
CA MET I 133 -31.62 8.54 -43.84
C MET I 133 -32.89 7.93 -43.28
N LYS I 134 -33.04 6.62 -43.46
CA LYS I 134 -34.16 5.89 -42.90
C LYS I 134 -33.81 5.19 -41.60
N ILE I 135 -32.56 5.35 -41.16
CA ILE I 135 -32.11 4.79 -39.91
C ILE I 135 -31.58 5.87 -38.97
N PRO I 136 -31.69 5.65 -37.65
CA PRO I 136 -31.18 6.59 -36.65
C PRO I 136 -29.67 6.79 -36.75
N LEU I 137 -29.25 8.05 -36.74
CA LEU I 137 -27.82 8.38 -36.74
C LEU I 137 -27.39 8.78 -35.34
N LEU I 138 -26.63 7.91 -34.69
CA LEU I 138 -26.27 8.14 -33.29
C LEU I 138 -24.99 8.95 -33.17
N ALA I 139 -25.04 9.97 -32.32
CA ALA I 139 -23.89 10.82 -32.09
C ALA I 139 -23.21 10.49 -30.76
N ASP I 140 -21.95 10.08 -30.80
CA ASP I 140 -21.23 9.87 -29.56
C ASP I 140 -20.14 10.93 -29.49
N ARG I 141 -20.42 12.04 -28.83
CA ARG I 141 -19.46 13.14 -28.71
C ARG I 141 -18.53 12.92 -27.53
N LYS I 142 -19.04 12.24 -26.51
CA LYS I 142 -18.29 11.95 -25.29
C LYS I 142 -17.43 10.69 -25.44
N GLN I 143 -17.63 10.01 -26.56
CA GLN I 143 -16.92 8.76 -26.88
C GLN I 143 -17.24 7.64 -25.89
N GLU I 144 -18.40 7.70 -25.25
CA GLU I 144 -18.75 6.70 -24.25
C GLU I 144 -19.23 5.39 -24.86
N ILE I 145 -19.94 5.48 -25.98
CA ILE I 145 -20.51 4.30 -26.63
C ILE I 145 -19.46 3.54 -27.44
N SER I 146 -18.54 4.28 -28.03
CA SER I 146 -17.43 3.66 -28.75
C SER I 146 -16.53 2.91 -27.78
N LYS I 147 -16.25 3.51 -26.63
CA LYS I 147 -15.44 2.86 -25.60
C LYS I 147 -16.19 1.69 -24.94
N ALA I 148 -17.51 1.83 -24.83
CA ALA I 148 -18.34 0.79 -24.24
C ALA I 148 -18.35 -0.47 -25.10
N TYR I 149 -18.37 -0.29 -26.41
CA TYR I 149 -18.33 -1.41 -27.35
C TYR I 149 -16.92 -1.74 -27.83
N GLY I 150 -15.93 -1.03 -27.32
CA GLY I 150 -14.54 -1.35 -27.55
C GLY I 150 -14.04 -1.15 -28.96
N VAL I 151 -14.73 -0.30 -29.72
CA VAL I 151 -14.37 -0.03 -31.11
C VAL I 151 -13.54 1.24 -31.25
N PHE I 152 -13.29 1.90 -30.12
CA PHE I 152 -12.54 3.16 -30.06
C PHE I 152 -11.04 2.91 -29.97
N ASP I 153 -10.28 3.53 -30.86
CA ASP I 153 -8.82 3.47 -30.78
C ASP I 153 -8.21 4.84 -30.50
N GLU I 154 -7.36 4.92 -29.48
CA GLU I 154 -6.78 6.18 -29.04
C GLU I 154 -5.80 6.79 -30.03
N GLU I 155 -5.47 6.04 -31.08
CA GLU I 155 -4.56 6.53 -32.10
C GLU I 155 -5.12 7.75 -32.83
N ASP I 156 -6.43 7.73 -33.08
CA ASP I 156 -7.15 8.90 -33.59
C ASP I 156 -8.50 8.99 -32.90
N GLY I 157 -9.31 9.98 -33.24
CA GLY I 157 -10.55 10.18 -32.48
C GLY I 157 -11.71 9.27 -32.87
N ASN I 158 -11.45 8.27 -33.70
CA ASN I 158 -12.51 7.56 -34.37
C ASN I 158 -12.69 6.10 -33.95
N ALA I 159 -13.91 5.61 -34.08
CA ALA I 159 -14.21 4.21 -33.86
C ALA I 159 -13.87 3.37 -35.09
N PHE I 160 -13.56 2.10 -34.88
CA PHE I 160 -13.33 1.18 -35.99
C PHE I 160 -14.66 0.89 -36.64
N ARG I 161 -14.66 0.00 -37.63
CA ARG I 161 -15.95 -0.36 -38.17
C ARG I 161 -16.41 -1.56 -37.38
N GLY I 162 -17.27 -1.29 -36.40
CA GLY I 162 -17.83 -2.33 -35.57
C GLY I 162 -19.21 -2.66 -36.08
N LEU I 163 -19.66 -3.87 -35.80
CA LEU I 163 -21.04 -4.25 -36.00
C LEU I 163 -21.42 -5.18 -34.86
N PHE I 164 -22.52 -4.88 -34.19
CA PHE I 164 -22.96 -5.67 -33.06
C PHE I 164 -24.42 -6.05 -33.21
N ILE I 165 -24.69 -7.35 -33.19
CA ILE I 165 -26.07 -7.81 -33.20
C ILE I 165 -26.54 -8.15 -31.80
N ILE I 166 -27.60 -7.46 -31.39
CA ILE I 166 -28.15 -7.56 -30.04
C ILE I 166 -29.60 -8.06 -30.11
N ASP I 167 -29.99 -8.91 -29.17
CA ASP I 167 -31.28 -9.60 -29.22
C ASP I 167 -32.43 -8.78 -28.57
N PRO I 168 -33.68 -9.29 -28.63
CA PRO I 168 -34.79 -8.56 -27.99
C PRO I 168 -34.66 -8.36 -26.48
N ASN I 169 -33.85 -9.18 -25.81
CA ASN I 169 -33.70 -9.06 -24.37
C ASN I 169 -32.52 -8.16 -23.99
N GLY I 170 -31.86 -7.63 -25.01
CA GLY I 170 -30.70 -6.76 -24.80
C GLY I 170 -29.44 -7.57 -24.54
N ILE I 171 -29.43 -8.81 -25.01
CA ILE I 171 -28.26 -9.67 -24.87
C ILE I 171 -27.44 -9.63 -26.15
N LEU I 172 -26.12 -9.61 -26.03
CA LEU I 172 -25.26 -9.56 -27.21
C LEU I 172 -25.19 -10.90 -27.91
N ARG I 173 -25.26 -10.86 -29.23
CA ARG I 173 -25.18 -12.04 -30.08
C ARG I 173 -23.97 -11.99 -31.01
N GLN I 174 -23.89 -10.97 -31.86
CA GLN I 174 -22.78 -10.90 -32.82
C GLN I 174 -21.79 -9.76 -32.58
N ILE I 175 -20.50 -10.10 -32.62
CA ILE I 175 -19.43 -9.11 -32.64
C ILE I 175 -18.63 -9.17 -33.93
N THR I 176 -18.52 -8.04 -34.62
CA THR I 176 -17.67 -7.94 -35.80
C THR I 176 -16.87 -6.65 -35.71
N ILE I 177 -15.56 -6.73 -35.90
CA ILE I 177 -14.75 -5.52 -35.99
C ILE I 177 -13.78 -5.57 -37.18
N ASN I 178 -14.01 -4.67 -38.11
CA ASN I 178 -13.19 -4.56 -39.31
C ASN I 178 -12.09 -3.52 -39.12
N ASP I 179 -10.95 -3.77 -39.73
CA ASP I 179 -9.96 -2.72 -39.90
C ASP I 179 -10.59 -1.66 -40.79
N LYS I 180 -10.27 -0.40 -40.56
CA LYS I 180 -10.98 0.72 -41.18
C LYS I 180 -11.12 0.75 -42.71
N PRO I 181 -10.09 0.33 -43.47
CA PRO I 181 -10.27 0.37 -44.92
C PRO I 181 -11.36 -0.54 -45.45
N VAL I 182 -11.62 -1.66 -44.77
CA VAL I 182 -12.53 -2.68 -45.29
C VAL I 182 -13.97 -2.59 -44.79
N GLY I 183 -14.89 -2.48 -45.73
CA GLY I 183 -16.30 -2.33 -45.43
C GLY I 183 -17.00 -3.58 -44.95
N ARG I 184 -18.32 -3.51 -44.84
CA ARG I 184 -19.14 -4.58 -44.29
C ARG I 184 -20.25 -5.02 -45.26
N SER I 185 -20.79 -6.21 -45.03
CA SER I 185 -21.80 -6.78 -45.92
C SER I 185 -23.19 -6.80 -45.29
N VAL I 186 -24.16 -6.26 -46.01
CA VAL I 186 -25.56 -6.31 -45.59
C VAL I 186 -26.04 -7.75 -45.53
N ASP I 187 -25.71 -8.50 -46.59
CA ASP I 187 -26.16 -9.88 -46.73
C ASP I 187 -25.73 -10.79 -45.58
N GLU I 188 -24.47 -10.64 -45.16
CA GLU I 188 -23.95 -11.40 -44.03
C GLU I 188 -24.70 -11.07 -42.74
N THR I 189 -25.05 -9.79 -42.58
CA THR I 189 -25.83 -9.35 -41.43
C THR I 189 -27.22 -10.00 -41.44
N LEU I 190 -27.84 -10.03 -42.61
CA LEU I 190 -29.14 -10.67 -42.78
C LEU I 190 -29.07 -12.17 -42.49
N ARG I 191 -28.00 -12.80 -42.95
CA ARG I 191 -27.79 -14.24 -42.75
C ARG I 191 -27.63 -14.56 -41.27
N LEU I 192 -26.74 -13.83 -40.61
CA LEU I 192 -26.54 -13.95 -39.17
C LEU I 192 -27.86 -13.79 -38.43
N LEU I 193 -28.58 -12.72 -38.77
CA LEU I 193 -29.86 -12.41 -38.15
C LEU I 193 -30.82 -13.60 -38.30
N ASP I 194 -30.89 -14.14 -39.52
CA ASP I 194 -31.74 -15.28 -39.80
C ASP I 194 -31.34 -16.52 -38.98
N ALA I 195 -30.05 -16.73 -38.80
CA ALA I 195 -29.57 -17.87 -38.02
C ALA I 195 -29.92 -17.74 -36.54
N PHE I 196 -29.64 -16.57 -35.97
CA PHE I 196 -29.98 -16.29 -34.58
C PHE I 196 -31.48 -16.43 -34.34
N GLN I 197 -32.28 -15.91 -35.26
CA GLN I 197 -33.73 -16.00 -35.12
C GLN I 197 -34.22 -17.43 -35.32
N PHE I 198 -33.48 -18.21 -36.09
CA PHE I 198 -33.82 -19.60 -36.35
C PHE I 198 -33.58 -20.48 -35.14
N VAL I 199 -32.41 -20.32 -34.51
CA VAL I 199 -32.06 -21.18 -33.38
C VAL I 199 -32.68 -20.71 -32.07
N GLU I 200 -33.38 -19.58 -32.13
CA GLU I 200 -34.05 -19.05 -30.96
C GLU I 200 -35.45 -19.67 -30.81
N MET J 38 -11.13 -8.71 -22.71
CA MET J 38 -10.63 -7.77 -23.69
C MET J 38 -11.29 -7.98 -25.04
N VAL J 39 -11.59 -6.89 -25.74
CA VAL J 39 -11.84 -6.97 -27.16
C VAL J 39 -10.55 -6.48 -27.83
N LEU J 40 -10.07 -7.26 -28.79
CA LEU J 40 -8.88 -6.89 -29.52
C LEU J 40 -9.27 -5.83 -30.53
N LEU J 41 -8.30 -5.03 -30.94
CA LEU J 41 -8.56 -4.03 -31.98
C LEU J 41 -7.75 -4.39 -33.20
N PRO J 42 -8.30 -4.14 -34.39
CA PRO J 42 -7.57 -4.32 -35.64
C PRO J 42 -6.42 -3.33 -35.76
N ASN J 43 -5.50 -3.60 -36.68
CA ASN J 43 -4.29 -2.79 -36.88
C ASN J 43 -3.37 -2.80 -35.67
N ARG J 44 -3.43 -3.87 -34.88
CA ARG J 44 -2.49 -4.13 -33.82
C ARG J 44 -1.92 -5.54 -33.99
N PRO J 45 -0.71 -5.78 -33.48
CA PRO J 45 -0.12 -7.13 -33.53
C PRO J 45 -1.06 -8.16 -32.92
N ALA J 46 -1.30 -9.25 -33.65
CA ALA J 46 -2.13 -10.33 -33.16
C ALA J 46 -1.37 -11.12 -32.11
N PRO J 47 -2.07 -11.52 -31.03
CA PRO J 47 -1.47 -12.27 -29.93
C PRO J 47 -0.73 -13.51 -30.41
N GLU J 48 0.48 -13.71 -29.90
CA GLU J 48 1.27 -14.88 -30.23
C GLU J 48 0.63 -16.14 -29.65
N PHE J 49 0.53 -17.18 -30.45
CA PHE J 49 0.09 -18.47 -29.94
C PHE J 49 1.07 -19.57 -30.34
N LYS J 50 1.21 -20.56 -29.47
CA LYS J 50 2.04 -21.72 -29.77
C LYS J 50 1.40 -22.93 -29.12
N GLY J 51 1.39 -24.06 -29.84
CA GLY J 51 0.75 -25.26 -29.31
C GLY J 51 0.84 -26.48 -30.20
N GLN J 52 0.29 -27.58 -29.71
CA GLN J 52 0.27 -28.82 -30.47
C GLN J 52 -0.99 -28.89 -31.32
N ALA J 53 -0.84 -29.35 -32.55
CA ALA J 53 -1.96 -29.45 -33.47
C ALA J 53 -1.94 -30.76 -34.23
N VAL J 54 -3.11 -31.15 -34.74
CA VAL J 54 -3.21 -32.32 -35.58
C VAL J 54 -3.13 -31.91 -37.05
N ILE J 55 -2.08 -32.37 -37.72
CA ILE J 55 -1.86 -32.03 -39.12
C ILE J 55 -1.56 -33.31 -39.91
N ASN J 56 -2.36 -33.56 -40.92
CA ASN J 56 -2.30 -34.80 -41.70
C ASN J 56 -2.46 -36.03 -40.81
N GLY J 57 -3.19 -35.86 -39.72
CA GLY J 57 -3.39 -36.91 -38.74
C GLY J 57 -2.15 -37.14 -37.90
N GLU J 58 -1.38 -36.08 -37.67
CA GLU J 58 -0.14 -36.18 -36.90
C GLU J 58 0.05 -35.00 -35.97
N PHE J 59 0.64 -35.25 -34.80
CA PHE J 59 0.92 -34.20 -33.84
C PHE J 59 2.13 -33.38 -34.27
N LYS J 60 1.94 -32.07 -34.41
CA LYS J 60 3.04 -31.16 -34.68
C LYS J 60 2.98 -30.02 -33.68
N GLU J 61 4.07 -29.28 -33.53
CA GLU J 61 4.02 -28.04 -32.76
C GLU J 61 4.07 -26.86 -33.71
N ILE J 62 3.06 -26.01 -33.64
CA ILE J 62 3.01 -24.83 -34.51
C ILE J 62 2.80 -23.55 -33.72
N CYS J 63 3.12 -22.45 -34.38
CA CYS J 63 3.00 -21.11 -33.79
C CYS J 63 2.75 -20.09 -34.90
N LEU J 64 2.34 -18.88 -34.51
CA LEU J 64 2.00 -17.84 -35.47
C LEU J 64 3.16 -17.48 -36.40
N LYS J 65 4.37 -17.40 -35.85
CA LYS J 65 5.53 -17.00 -36.63
C LYS J 65 5.89 -17.99 -37.73
N ASP J 66 5.37 -19.20 -37.65
CA ASP J 66 5.58 -20.18 -38.72
C ASP J 66 4.94 -19.69 -40.01
N TYR J 67 3.87 -18.93 -39.84
CA TYR J 67 3.04 -18.51 -40.95
C TYR J 67 3.34 -17.12 -41.51
N ARG J 68 4.41 -16.51 -41.01
CA ARG J 68 4.89 -15.23 -41.55
C ARG J 68 5.04 -15.31 -43.08
N GLY J 69 4.48 -14.33 -43.77
CA GLY J 69 4.50 -14.32 -45.22
C GLY J 69 3.17 -14.79 -45.80
N LYS J 70 2.41 -15.51 -44.99
CA LYS J 70 1.09 -15.95 -45.39
C LYS J 70 0.04 -15.36 -44.46
N TYR J 71 -1.16 -15.17 -44.99
CA TYR J 71 -2.30 -14.76 -44.17
C TYR J 71 -2.72 -15.92 -43.28
N VAL J 72 -3.36 -15.62 -42.16
CA VAL J 72 -3.85 -16.65 -41.27
C VAL J 72 -5.28 -16.38 -40.84
N VAL J 73 -6.15 -17.35 -41.08
CA VAL J 73 -7.49 -17.29 -40.51
C VAL J 73 -7.52 -18.22 -39.31
N LEU J 74 -7.57 -17.64 -38.12
CA LEU J 74 -7.62 -18.44 -36.92
C LEU J 74 -9.04 -18.39 -36.37
N PHE J 75 -9.75 -19.51 -36.47
CA PHE J 75 -11.12 -19.55 -35.96
C PHE J 75 -11.29 -20.56 -34.84
N PHE J 76 -12.20 -20.25 -33.93
CA PHE J 76 -12.41 -21.06 -32.74
C PHE J 76 -13.79 -21.72 -32.77
N TYR J 77 -13.90 -22.85 -32.10
CA TYR J 77 -15.20 -23.49 -31.89
C TYR J 77 -15.23 -24.08 -30.48
N PRO J 78 -16.42 -24.15 -29.88
CA PRO J 78 -16.50 -24.55 -28.46
C PRO J 78 -15.97 -25.94 -28.11
N ALA J 79 -16.38 -26.99 -28.81
CA ALA J 79 -15.98 -28.34 -28.40
C ALA J 79 -15.99 -29.42 -29.49
N ASP J 80 -15.16 -30.44 -29.31
CA ASP J 80 -15.15 -31.59 -30.20
C ASP J 80 -16.37 -32.47 -29.93
N PHE J 81 -16.72 -33.30 -30.92
CA PHE J 81 -17.84 -34.23 -30.79
C PHE J 81 -19.16 -33.48 -30.55
N THR J 82 -19.33 -32.40 -31.30
CA THR J 82 -20.50 -31.53 -31.20
C THR J 82 -21.22 -31.44 -32.54
N PHE J 83 -22.22 -30.56 -32.65
CA PHE J 83 -23.09 -30.54 -33.83
C PHE J 83 -22.74 -29.56 -34.95
N VAL J 84 -22.80 -28.26 -34.67
CA VAL J 84 -22.56 -27.26 -35.71
C VAL J 84 -21.06 -27.10 -36.04
N SER J 85 -20.21 -27.36 -35.03
CA SER J 85 -18.76 -27.27 -35.20
C SER J 85 -18.20 -28.12 -36.33
N PRO J 86 -18.54 -29.43 -36.38
CA PRO J 86 -18.03 -30.23 -37.50
C PRO J 86 -18.52 -29.74 -38.85
N THR J 87 -19.76 -29.26 -38.95
CA THR J 87 -20.25 -28.73 -40.23
C THR J 87 -19.41 -27.51 -40.63
N GLU J 88 -19.13 -26.64 -39.67
CA GLU J 88 -18.27 -25.49 -39.91
C GLU J 88 -16.89 -25.89 -40.42
N ILE J 89 -16.22 -26.71 -39.63
CA ILE J 89 -14.85 -27.15 -39.91
C ILE J 89 -14.72 -27.89 -41.25
N ILE J 90 -15.68 -28.76 -41.54
CA ILE J 90 -15.69 -29.49 -42.80
C ILE J 90 -15.95 -28.55 -43.97
N ALA J 91 -16.85 -27.59 -43.77
CA ALA J 91 -17.13 -26.59 -44.79
C ALA J 91 -15.88 -25.80 -45.13
N PHE J 92 -15.11 -25.45 -44.11
CA PHE J 92 -13.84 -24.75 -44.31
C PHE J 92 -12.76 -25.66 -44.89
N SER J 93 -12.86 -26.96 -44.64
CA SER J 93 -11.86 -27.91 -45.07
C SER J 93 -11.98 -28.20 -46.57
N ASP J 94 -13.21 -28.39 -47.03
CA ASP J 94 -13.47 -28.65 -48.43
C ASP J 94 -13.09 -27.47 -49.32
N GLN J 95 -13.03 -26.28 -48.74
CA GLN J 95 -12.70 -25.07 -49.49
C GLN J 95 -11.22 -24.69 -49.42
N VAL J 96 -10.41 -25.53 -48.79
CA VAL J 96 -9.03 -25.19 -48.44
C VAL J 96 -8.17 -24.63 -49.58
N GLU J 97 -8.50 -24.99 -50.81
CA GLU J 97 -7.73 -24.52 -51.96
C GLU J 97 -8.05 -23.07 -52.33
N GLU J 98 -9.23 -22.62 -51.94
CA GLU J 98 -9.61 -21.22 -52.16
C GLU J 98 -8.76 -20.33 -51.27
N PHE J 99 -8.53 -20.78 -50.05
CA PHE J 99 -7.67 -20.08 -49.11
C PHE J 99 -6.20 -20.21 -49.51
N ASN J 100 -5.81 -21.40 -49.95
CA ASN J 100 -4.42 -21.64 -50.32
C ASN J 100 -3.98 -20.88 -51.56
N SER J 101 -4.88 -20.78 -52.54
CA SER J 101 -4.60 -20.02 -53.76
C SER J 101 -4.50 -18.54 -53.41
N ARG J 102 -5.02 -18.19 -52.24
CA ARG J 102 -4.97 -16.81 -51.75
C ARG J 102 -3.79 -16.57 -50.82
N ASN J 103 -2.93 -17.58 -50.66
CA ASN J 103 -1.75 -17.49 -49.80
C ASN J 103 -2.17 -17.25 -48.34
N CYS J 104 -3.15 -18.04 -47.90
CA CYS J 104 -3.70 -17.90 -46.56
C CYS J 104 -3.83 -19.25 -45.87
N GLN J 105 -3.45 -19.31 -44.59
CA GLN J 105 -3.51 -20.55 -43.83
C GLN J 105 -4.66 -20.51 -42.83
N VAL J 106 -5.57 -21.48 -42.94
CA VAL J 106 -6.67 -21.60 -41.99
C VAL J 106 -6.29 -22.56 -40.88
N ILE J 107 -6.58 -22.17 -39.64
CA ILE J 107 -6.33 -23.02 -38.48
C ILE J 107 -7.57 -23.03 -37.59
N ALA J 108 -8.01 -24.24 -37.20
CA ALA J 108 -9.13 -24.35 -36.27
C ALA J 108 -8.57 -24.47 -34.87
N CYS J 109 -9.26 -23.94 -33.87
CA CYS J 109 -8.75 -24.05 -32.50
C CYS J 109 -9.83 -24.40 -31.48
N SER J 110 -9.47 -25.25 -30.53
CA SER J 110 -10.41 -25.64 -29.48
C SER J 110 -9.70 -25.86 -28.15
N THR J 111 -10.47 -25.92 -27.07
CA THR J 111 -9.89 -26.19 -25.76
C THR J 111 -9.68 -27.68 -25.50
N ASP J 112 -10.09 -28.49 -26.47
CA ASP J 112 -9.93 -29.94 -26.40
C ASP J 112 -8.45 -30.28 -26.55
N SER J 113 -8.07 -31.48 -26.10
CA SER J 113 -6.67 -31.90 -26.21
C SER J 113 -6.38 -32.33 -27.64
N GLN J 114 -5.14 -32.69 -27.90
CA GLN J 114 -4.73 -33.14 -29.23
C GLN J 114 -5.17 -34.57 -29.46
N TYR J 115 -5.42 -35.28 -28.36
CA TYR J 115 -5.89 -36.65 -28.42
C TYR J 115 -7.38 -36.68 -28.77
N SER J 116 -8.14 -35.75 -28.21
CA SER J 116 -9.54 -35.61 -28.56
C SER J 116 -9.65 -35.13 -30.01
N HIS J 117 -8.73 -34.27 -30.39
CA HIS J 117 -8.68 -33.74 -31.75
C HIS J 117 -8.40 -34.85 -32.75
N LEU J 118 -7.38 -35.66 -32.47
CA LEU J 118 -6.99 -36.74 -33.36
C LEU J 118 -8.07 -37.80 -33.40
N ALA J 119 -8.72 -38.03 -32.26
CA ALA J 119 -9.79 -39.02 -32.18
C ALA J 119 -10.99 -38.60 -33.03
N TRP J 120 -11.38 -37.35 -32.88
CA TRP J 120 -12.47 -36.80 -33.66
C TRP J 120 -12.12 -36.83 -35.14
N ASP J 121 -10.90 -36.39 -35.44
CA ASP J 121 -10.44 -36.28 -36.82
C ASP J 121 -10.43 -37.65 -37.48
N ASN J 122 -10.06 -38.69 -36.74
CA ASN J 122 -10.02 -40.03 -37.31
C ASN J 122 -11.41 -40.66 -37.47
N LEU J 123 -12.38 -40.15 -36.70
CA LEU J 123 -13.74 -40.63 -36.81
C LEU J 123 -14.36 -40.13 -38.12
N ASP J 124 -15.01 -41.02 -38.85
CA ASP J 124 -15.67 -40.63 -40.10
C ASP J 124 -16.96 -39.87 -39.85
N ARG J 125 -17.42 -39.15 -40.88
CA ARG J 125 -18.61 -38.31 -40.75
C ARG J 125 -19.87 -39.09 -40.42
N LYS J 126 -20.01 -40.29 -40.98
CA LYS J 126 -21.16 -41.14 -40.68
C LYS J 126 -21.22 -41.42 -39.18
N SER J 127 -20.06 -41.68 -38.60
CA SER J 127 -19.96 -42.00 -37.17
C SER J 127 -19.94 -40.72 -36.34
N GLY J 128 -19.98 -39.58 -37.01
CA GLY J 128 -20.08 -38.29 -36.36
C GLY J 128 -18.78 -37.51 -36.28
N GLY J 129 -17.73 -38.04 -36.91
CA GLY J 129 -16.43 -37.40 -36.88
C GLY J 129 -16.20 -36.39 -37.98
N LEU J 130 -14.92 -36.12 -38.25
CA LEU J 130 -14.53 -35.10 -39.22
C LEU J 130 -14.21 -35.63 -40.61
N GLY J 131 -14.31 -36.94 -40.83
CA GLY J 131 -13.76 -37.52 -42.04
C GLY J 131 -12.25 -37.41 -41.93
N HIS J 132 -11.61 -36.72 -42.87
CA HIS J 132 -10.19 -36.36 -42.68
C HIS J 132 -9.87 -34.92 -43.08
N MET J 133 -9.37 -34.16 -42.11
CA MET J 133 -9.22 -32.71 -42.24
C MET J 133 -7.96 -32.26 -42.99
N LYS J 134 -8.15 -31.31 -43.89
CA LYS J 134 -7.06 -30.76 -44.67
C LYS J 134 -6.52 -29.47 -44.04
N ILE J 135 -7.07 -29.10 -42.90
CA ILE J 135 -6.59 -27.96 -42.13
C ILE J 135 -6.08 -28.39 -40.75
N PRO J 136 -5.12 -27.65 -40.19
CA PRO J 136 -4.64 -27.93 -38.84
C PRO J 136 -5.69 -27.71 -37.75
N LEU J 137 -5.78 -28.70 -36.86
CA LEU J 137 -6.67 -28.65 -35.72
C LEU J 137 -5.81 -28.41 -34.47
N LEU J 138 -5.94 -27.22 -33.92
CA LEU J 138 -5.09 -26.78 -32.81
C LEU J 138 -5.79 -26.95 -31.48
N ALA J 139 -5.10 -27.63 -30.57
CA ALA J 139 -5.59 -27.82 -29.23
C ALA J 139 -5.11 -26.69 -28.37
N ASP J 140 -6.02 -25.99 -27.71
CA ASP J 140 -5.58 -25.05 -26.70
C ASP J 140 -6.09 -25.64 -25.38
N ARG J 141 -5.22 -26.39 -24.71
CA ARG J 141 -5.65 -27.16 -23.54
C ARG J 141 -5.37 -26.42 -22.23
N LYS J 142 -4.52 -25.40 -22.31
CA LYS J 142 -4.19 -24.59 -21.14
C LYS J 142 -5.02 -23.31 -21.14
N GLN J 143 -5.87 -23.20 -22.15
CA GLN J 143 -6.79 -22.06 -22.32
C GLN J 143 -6.10 -20.77 -22.76
N GLU J 144 -4.78 -20.82 -22.89
CA GLU J 144 -3.98 -19.63 -23.17
C GLU J 144 -4.32 -18.94 -24.50
N ILE J 145 -4.48 -19.71 -25.57
CA ILE J 145 -4.78 -19.13 -26.87
C ILE J 145 -6.18 -18.52 -26.93
N SER J 146 -7.16 -19.24 -26.41
CA SER J 146 -8.54 -18.77 -26.41
C SER J 146 -8.69 -17.52 -25.54
N LYS J 147 -7.87 -17.43 -24.51
CA LYS J 147 -7.90 -16.28 -23.61
C LYS J 147 -7.17 -15.07 -24.21
N ALA J 148 -6.05 -15.33 -24.87
CA ALA J 148 -5.28 -14.25 -25.49
C ALA J 148 -6.06 -13.59 -26.63
N TYR J 149 -6.98 -14.34 -27.23
CA TYR J 149 -7.85 -13.79 -28.27
C TYR J 149 -9.18 -13.32 -27.71
N GLY J 150 -9.35 -13.46 -26.40
CA GLY J 150 -10.51 -12.93 -25.71
C GLY J 150 -11.82 -13.65 -25.98
N VAL J 151 -11.74 -14.85 -26.56
CA VAL J 151 -12.95 -15.62 -26.87
C VAL J 151 -13.30 -16.69 -25.83
N PHE J 152 -12.49 -16.78 -24.78
CA PHE J 152 -12.70 -17.79 -23.75
C PHE J 152 -13.95 -17.49 -22.92
N ASP J 153 -14.72 -18.52 -22.62
CA ASP J 153 -15.90 -18.37 -21.77
C ASP J 153 -15.64 -19.00 -20.41
N GLU J 154 -15.60 -18.18 -19.37
CA GLU J 154 -15.35 -18.64 -18.01
C GLU J 154 -16.48 -19.54 -17.53
N GLU J 155 -17.66 -19.33 -18.11
CA GLU J 155 -18.85 -20.12 -17.78
C GLU J 155 -18.64 -21.62 -17.99
N ASP J 156 -18.55 -22.04 -19.25
CA ASP J 156 -18.38 -23.47 -19.55
C ASP J 156 -16.94 -23.90 -19.86
N GLY J 157 -16.02 -22.95 -19.94
CA GLY J 157 -14.63 -23.28 -20.29
C GLY J 157 -14.45 -23.61 -21.76
N ASN J 158 -15.39 -23.19 -22.58
CA ASN J 158 -15.31 -23.37 -24.02
C ASN J 158 -15.19 -22.03 -24.72
N ALA J 159 -14.54 -22.02 -25.88
CA ALA J 159 -14.41 -20.79 -26.64
C ALA J 159 -15.69 -20.49 -27.42
N PHE J 160 -16.01 -19.22 -27.51
CA PHE J 160 -17.05 -18.75 -28.43
C PHE J 160 -16.51 -18.95 -29.83
N ARG J 161 -17.37 -18.88 -30.84
CA ARG J 161 -16.84 -19.12 -32.16
C ARG J 161 -16.31 -17.79 -32.60
N GLY J 162 -14.99 -17.67 -32.50
CA GLY J 162 -14.25 -16.52 -32.99
C GLY J 162 -13.65 -16.85 -34.33
N LEU J 163 -13.41 -15.81 -35.11
CA LEU J 163 -12.65 -15.95 -36.34
C LEU J 163 -11.82 -14.70 -36.51
N PHE J 164 -10.54 -14.86 -36.84
CA PHE J 164 -9.63 -13.73 -36.88
C PHE J 164 -8.76 -13.80 -38.13
N ILE J 165 -8.68 -12.69 -38.85
CA ILE J 165 -7.84 -12.61 -40.03
C ILE J 165 -6.56 -11.86 -39.70
N ILE J 166 -5.42 -12.47 -40.04
CA ILE J 166 -4.10 -11.95 -39.67
C ILE J 166 -3.21 -11.84 -40.91
N ASP J 167 -2.63 -10.67 -41.13
CA ASP J 167 -1.81 -10.43 -42.31
C ASP J 167 -0.43 -11.10 -42.20
N PRO J 168 0.34 -11.20 -43.30
CA PRO J 168 1.66 -11.85 -43.26
C PRO J 168 2.62 -11.26 -42.24
N ASN J 169 2.36 -10.04 -41.80
CA ASN J 169 3.20 -9.40 -40.78
C ASN J 169 2.74 -9.68 -39.36
N GLY J 170 1.68 -10.50 -39.24
CA GLY J 170 1.16 -10.87 -37.93
C GLY J 170 0.33 -9.78 -37.30
N ILE J 171 -0.22 -8.90 -38.13
CA ILE J 171 -1.07 -7.81 -37.63
C ILE J 171 -2.52 -8.22 -37.73
N LEU J 172 -3.29 -7.94 -36.68
CA LEU J 172 -4.72 -8.24 -36.68
C LEU J 172 -5.45 -7.38 -37.71
N ARG J 173 -6.35 -8.00 -38.44
CA ARG J 173 -7.07 -7.35 -39.53
C ARG J 173 -8.56 -7.30 -39.22
N GLN J 174 -9.19 -8.48 -39.08
CA GLN J 174 -10.62 -8.53 -38.80
C GLN J 174 -10.95 -9.36 -37.55
N ILE J 175 -12.05 -9.01 -36.90
CA ILE J 175 -12.55 -9.80 -35.77
C ILE J 175 -13.99 -10.24 -35.98
N THR J 176 -14.23 -11.53 -35.85
CA THR J 176 -15.59 -12.06 -35.85
C THR J 176 -15.76 -13.00 -34.67
N ILE J 177 -16.75 -12.71 -33.83
CA ILE J 177 -17.06 -13.59 -32.71
C ILE J 177 -18.55 -13.91 -32.67
N ASN J 178 -18.87 -15.18 -32.88
CA ASN J 178 -20.25 -15.64 -32.90
C ASN J 178 -20.65 -16.31 -31.59
N ASP J 179 -21.90 -16.14 -31.21
CA ASP J 179 -22.45 -16.90 -30.09
C ASP J 179 -22.47 -18.37 -30.50
N LYS J 180 -22.32 -19.26 -29.52
CA LYS J 180 -22.14 -20.69 -29.77
C LYS J 180 -23.14 -21.38 -30.70
N PRO J 181 -24.44 -21.04 -30.63
CA PRO J 181 -25.38 -21.72 -31.53
C PRO J 181 -25.22 -21.40 -33.03
N VAL J 182 -24.66 -20.25 -33.38
CA VAL J 182 -24.66 -19.81 -34.78
C VAL J 182 -23.28 -19.81 -35.45
N GLY J 183 -23.23 -20.40 -36.64
CA GLY J 183 -21.97 -20.62 -37.35
C GLY J 183 -21.48 -19.49 -38.24
N ARG J 184 -20.42 -19.78 -38.99
CA ARG J 184 -19.73 -18.77 -39.80
C ARG J 184 -19.67 -19.16 -41.28
N SER J 185 -19.44 -18.17 -42.13
CA SER J 185 -19.50 -18.37 -43.57
C SER J 185 -18.14 -18.33 -44.25
N VAL J 186 -17.85 -19.34 -45.07
CA VAL J 186 -16.62 -19.40 -45.85
C VAL J 186 -16.54 -18.25 -46.86
N ASP J 187 -17.62 -18.02 -47.59
CA ASP J 187 -17.63 -17.00 -48.64
C ASP J 187 -17.45 -15.59 -48.09
N GLU J 188 -17.91 -15.36 -46.87
CA GLU J 188 -17.75 -14.07 -46.22
C GLU J 188 -16.30 -13.86 -45.77
N THR J 189 -15.68 -14.90 -45.23
CA THR J 189 -14.27 -14.84 -44.85
C THR J 189 -13.42 -14.62 -46.08
N LEU J 190 -13.81 -15.28 -47.16
CA LEU J 190 -13.17 -15.12 -48.47
C LEU J 190 -13.29 -13.68 -48.96
N ARG J 191 -14.48 -13.10 -48.78
CA ARG J 191 -14.71 -11.71 -49.18
C ARG J 191 -13.79 -10.76 -48.40
N LEU J 192 -13.84 -10.89 -47.08
CA LEU J 192 -13.00 -10.09 -46.18
C LEU J 192 -11.53 -10.19 -46.58
N LEU J 193 -11.06 -11.42 -46.74
CA LEU J 193 -9.70 -11.72 -47.17
C LEU J 193 -9.33 -10.98 -48.45
N ASP J 194 -10.19 -11.12 -49.48
CA ASP J 194 -9.97 -10.47 -50.75
C ASP J 194 -9.85 -8.96 -50.58
N ALA J 195 -10.72 -8.39 -49.76
CA ALA J 195 -10.70 -6.95 -49.49
C ALA J 195 -9.38 -6.51 -48.85
N PHE J 196 -8.98 -7.20 -47.78
CA PHE J 196 -7.74 -6.88 -47.08
C PHE J 196 -6.54 -6.97 -48.02
N GLN J 197 -6.53 -7.98 -48.88
CA GLN J 197 -5.43 -8.13 -49.82
C GLN J 197 -5.48 -7.10 -50.93
N PHE J 198 -6.68 -6.57 -51.19
CA PHE J 198 -6.83 -5.46 -52.14
C PHE J 198 -6.22 -4.19 -51.58
N VAL J 199 -6.54 -3.88 -50.31
CA VAL J 199 -6.01 -2.66 -49.70
C VAL J 199 -4.58 -2.85 -49.21
N GLU J 200 -4.09 -4.09 -49.31
CA GLU J 200 -2.73 -4.43 -48.90
C GLU J 200 -1.71 -3.72 -49.78
N LYS J 201 -1.85 -3.89 -51.10
CA LYS J 201 -1.00 -3.18 -52.05
C LYS J 201 -1.74 -3.01 -53.38
S SO4 K . -1.69 -42.27 -21.15
O1 SO4 K . -2.93 -42.50 -20.39
O2 SO4 K . -0.54 -42.25 -20.27
O3 SO4 K . -1.53 -43.34 -22.14
O4 SO4 K . -1.80 -40.99 -21.84
S SO4 L . 20.73 -31.63 27.92
O1 SO4 L . 21.12 -30.32 27.41
O2 SO4 L . 20.55 -31.57 29.37
O3 SO4 L . 19.48 -32.05 27.30
O4 SO4 L . 21.77 -32.61 27.62
S SO4 M . 12.98 0.26 45.59
O1 SO4 M . 12.20 -0.97 45.57
O2 SO4 M . 14.13 0.13 44.70
O3 SO4 M . 12.15 1.37 45.17
O4 SO4 M . 13.45 0.51 46.96
S SO4 N . 23.92 22.54 33.42
O1 SO4 N . 25.09 22.56 34.29
O2 SO4 N . 23.72 21.20 32.89
O3 SO4 N . 22.73 22.94 34.18
O4 SO4 N . 24.13 23.47 32.31
S SO4 O . -0.22 44.68 16.01
O1 SO4 O . -0.38 43.60 16.99
O2 SO4 O . 1.20 44.98 15.83
O3 SO4 O . -0.78 44.23 14.74
O4 SO4 O . -0.94 45.86 16.47
C1 PEG P . 12.60 39.53 23.87
O1 PEG P . 11.35 39.32 24.41
C2 PEG P . 13.42 38.34 23.53
O2 PEG P . 13.80 37.50 24.56
C3 PEG P . 12.96 36.49 25.00
C4 PEG P . 12.16 36.72 26.23
O4 PEG P . 10.78 36.75 26.15
C1 PEG Q . -3.11 46.25 18.90
O1 PEG Q . -2.98 47.25 17.97
C2 PEG Q . -4.49 45.84 19.29
O2 PEG Q . -5.39 45.57 18.29
C3 PEG Q . -6.13 46.60 17.76
C4 PEG Q . -7.31 47.07 18.54
O4 PEG Q . -8.23 46.11 18.92
S SO4 R . 2.37 45.55 -10.93
O1 SO4 R . 1.77 46.86 -11.18
O2 SO4 R . 3.83 45.71 -10.87
O3 SO4 R . 1.88 45.01 -9.67
O4 SO4 R . 2.04 44.65 -12.02
S SO4 S . -23.20 27.74 -30.95
O1 SO4 S . -22.60 28.28 -29.74
O2 SO4 S . -23.23 26.28 -30.87
O3 SO4 S . -24.55 28.26 -31.11
O4 SO4 S . -22.40 28.15 -32.11
C1 PEG T . 0.80 26.68 -19.29
O1 PEG T . 0.50 27.76 -18.48
C2 PEG T . 1.53 25.53 -18.69
O2 PEG T . 1.41 24.29 -19.30
C3 PEG T . 1.41 23.15 -18.53
C4 PEG T . 0.27 22.93 -17.59
O4 PEG T . 0.14 23.76 -16.49
S SO4 U . -13.15 6.29 -45.08
O1 SO4 U . -12.39 7.27 -44.31
O2 SO4 U . -12.38 5.05 -45.18
O3 SO4 U . -14.42 6.03 -44.41
O4 SO4 U . -13.40 6.82 -46.42
S SO4 V . -30.25 12.21 -54.03
O1 SO4 V . -29.82 12.54 -52.68
O2 SO4 V . -30.63 10.80 -54.11
O3 SO4 V . -31.40 13.04 -54.39
O4 SO4 V . -29.16 12.47 -54.97
S SO4 W . -32.01 12.28 -58.81
O1 SO4 W . -32.67 11.14 -58.17
O2 SO4 W . -30.83 11.80 -59.51
O3 SO4 W . -32.93 12.90 -59.77
O4 SO4 W . -31.61 13.24 -57.78
C1 PEG X . -8.57 9.91 -40.21
O1 PEG X . -7.69 10.36 -39.25
C2 PEG X . -8.18 8.70 -41.00
O2 PEG X . -9.15 8.07 -41.72
C3 PEG X . -10.26 7.56 -41.08
C4 PEG X . -10.05 6.63 -39.95
O4 PEG X . -9.98 7.16 -38.68
S SO4 Y . -21.81 -26.88 -30.99
O1 SO4 Y . -20.80 -26.77 -29.94
O2 SO4 Y . -22.62 -28.08 -30.78
O3 SO4 Y . -22.69 -25.72 -30.94
O4 SO4 Y . -21.16 -26.97 -32.29
S SO4 Z . -21.78 -26.23 -26.08
O1 SO4 Z . -20.42 -25.87 -25.69
O2 SO4 Z . -21.74 -27.25 -27.13
O3 SO4 Z . -22.49 -26.76 -24.91
O4 SO4 Z . -22.47 -25.05 -26.56
#